data_5OIA
# 
_entry.id   5OIA 
# 
_audit_conform.dict_name       mmcif_pdbx.dic 
_audit_conform.dict_version    5.398 
_audit_conform.dict_location   http://mmcif.pdb.org/dictionaries/ascii/mmcif_pdbx.dic 
# 
loop_
_database_2.database_id 
_database_2.database_code 
_database_2.pdbx_database_accession 
_database_2.pdbx_DOI 
PDB   5OIA         pdb_00005oia 10.2210/pdb5oia/pdb 
WWPDB D_1200005859 ?            ?                   
# 
loop_
_pdbx_audit_revision_history.ordinal 
_pdbx_audit_revision_history.data_content_type 
_pdbx_audit_revision_history.major_revision 
_pdbx_audit_revision_history.minor_revision 
_pdbx_audit_revision_history.revision_date 
1 'Structure model' 1 0 2018-03-07 
2 'Structure model' 1 1 2018-03-14 
3 'Structure model' 1 2 2018-05-02 
4 'Structure model' 1 3 2019-10-16 
5 'Structure model' 1 4 2024-01-17 
6 'Structure model' 1 5 2024-11-13 
# 
_pdbx_audit_revision_details.ordinal             1 
_pdbx_audit_revision_details.revision_ordinal    1 
_pdbx_audit_revision_details.data_content_type   'Structure model' 
_pdbx_audit_revision_details.provider            repository 
_pdbx_audit_revision_details.type                'Initial release' 
_pdbx_audit_revision_details.description         ? 
_pdbx_audit_revision_details.details             ? 
# 
loop_
_pdbx_audit_revision_group.ordinal 
_pdbx_audit_revision_group.revision_ordinal 
_pdbx_audit_revision_group.data_content_type 
_pdbx_audit_revision_group.group 
1 2 'Structure model' 'Database references'    
2 3 'Structure model' 'Data collection'        
3 3 'Structure model' 'Database references'    
4 4 'Structure model' 'Data collection'        
5 5 'Structure model' 'Data collection'        
6 5 'Structure model' 'Database references'    
7 5 'Structure model' 'Derived calculations'   
8 5 'Structure model' 'Refinement description' 
9 6 'Structure model' 'Structure summary'      
# 
loop_
_pdbx_audit_revision_category.ordinal 
_pdbx_audit_revision_category.revision_ordinal 
_pdbx_audit_revision_category.data_content_type 
_pdbx_audit_revision_category.category 
1  2 'Structure model' citation                      
2  2 'Structure model' citation_author               
3  3 'Structure model' citation                      
4  4 'Structure model' reflns_shell                  
5  5 'Structure model' chem_comp_atom                
6  5 'Structure model' chem_comp_bond                
7  5 'Structure model' database_2                    
8  5 'Structure model' pdbx_initial_refinement_model 
9  5 'Structure model' pdbx_struct_conn_angle        
10 5 'Structure model' struct_conn                   
11 6 'Structure model' pdbx_entry_details            
12 6 'Structure model' pdbx_modification_feature     
# 
loop_
_pdbx_audit_revision_item.ordinal 
_pdbx_audit_revision_item.revision_ordinal 
_pdbx_audit_revision_item.data_content_type 
_pdbx_audit_revision_item.item 
1  2 'Structure model' '_citation.country'                         
2  2 'Structure model' '_citation.journal_abbrev'                  
3  2 'Structure model' '_citation.journal_id_ASTM'                 
4  2 'Structure model' '_citation.journal_id_CSD'                  
5  2 'Structure model' '_citation.journal_id_ISSN'                 
6  2 'Structure model' '_citation.pdbx_database_id_DOI'            
7  2 'Structure model' '_citation.pdbx_database_id_PubMed'         
8  2 'Structure model' '_citation.title'                           
9  2 'Structure model' '_citation.year'                            
10 3 'Structure model' '_citation.journal_volume'                  
11 3 'Structure model' '_citation.page_first'                      
12 3 'Structure model' '_citation.page_last'                       
13 5 'Structure model' '_database_2.pdbx_DOI'                      
14 5 'Structure model' '_database_2.pdbx_database_accession'       
15 5 'Structure model' '_pdbx_struct_conn_angle.ptnr1_auth_seq_id' 
16 5 'Structure model' '_pdbx_struct_conn_angle.ptnr3_auth_seq_id' 
17 5 'Structure model' '_struct_conn.pdbx_dist_value'              
18 5 'Structure model' '_struct_conn.ptnr2_auth_seq_id'            
# 
_pdbx_database_status.status_code                     REL 
_pdbx_database_status.status_code_sf                  REL 
_pdbx_database_status.status_code_mr                  ? 
_pdbx_database_status.entry_id                        5OIA 
_pdbx_database_status.recvd_initial_deposition_date   2017-07-18 
_pdbx_database_status.SG_entry                        N 
_pdbx_database_status.deposit_site                    PDBE 
_pdbx_database_status.process_site                    PDBE 
_pdbx_database_status.status_code_cs                  ? 
_pdbx_database_status.methods_development_category    ? 
_pdbx_database_status.pdb_format_compatible           Y 
_pdbx_database_status.status_code_nmr_data            ? 
# 
_pdbx_database_related.db_name        PDB 
_pdbx_database_related.details        
'4LH4 contains the same protein. The new deposed structure contains a ligand and 2 mutations in the protein, T124A and T125A' 
_pdbx_database_related.db_id          4LH4 
_pdbx_database_related.content_type   unspecified 
# 
loop_
_audit_author.name 
_audit_author.pdbx_ordinal 
_audit_author.identifier_ORCID 
'Ruff, M.'     1 ? 
'Benarous, R.' 2 ? 
# 
_citation.abstract                  ? 
_citation.abstract_id_CAS           ? 
_citation.book_id_ISBN              ? 
_citation.book_publisher            ? 
_citation.book_publisher_city       ? 
_citation.book_title                ? 
_citation.coordinate_linkage        ? 
_citation.country                   US 
_citation.database_id_Medline       ? 
_citation.details                   ? 
_citation.id                        primary 
_citation.journal_abbrev            'J. Biol. Chem.' 
_citation.journal_id_ASTM           JBCHA3 
_citation.journal_id_CSD            0071 
_citation.journal_id_ISSN           1083-351X 
_citation.journal_full              ? 
_citation.journal_issue             ? 
_citation.journal_volume            293 
_citation.language                  ? 
_citation.page_first                6172 
_citation.page_last                 6186 
_citation.title                     
;Structure-function analyses unravel distinct effects of allosteric inhibitors of HIV-1 integrase on viral maturation and integration.
;
_citation.year                      2018 
_citation.database_id_CSD           ? 
_citation.pdbx_database_id_DOI      10.1074/jbc.M117.816793 
_citation.pdbx_database_id_PubMed   29507092 
_citation.unpublished_flag          ? 
# 
loop_
_citation_author.citation_id 
_citation_author.name 
_citation_author.ordinal 
_citation_author.identifier_ORCID 
primary 'Bonnard, D.'    1  ? 
primary 'Le Rouzic, E.'  2  ? 
primary 'Eiler, S.'      3  ? 
primary 'Amadori, C.'    4  ? 
primary 'Orlov, I.'      5  ? 
primary 'Bruneau, J.M.'  6  ? 
primary 'Brias, J.'      7  ? 
primary 'Barbion, J.'    8  ? 
primary 'Chevreuil, F.'  9  ? 
primary 'Spehner, D.'    10 ? 
primary 'Chasset, S.'    11 ? 
primary 'Ledoussal, B.'  12 ? 
primary 'Moreau, F.'     13 ? 
primary 'Saib, A.'       14 ? 
primary 'Klaholz, B.P.'  15 ? 
primary 'Emiliani, S.'   16 ? 
primary 'Ruff, M.'       17 ? 
primary 'Zamborlini, A.' 18 ? 
primary 'Benarous, R.'   19 ? 
# 
loop_
_entity.id 
_entity.type 
_entity.src_method 
_entity.pdbx_description 
_entity.formula_weight 
_entity.pdbx_number_of_molecules 
_entity.pdbx_ec 
_entity.pdbx_mutation 
_entity.pdbx_fragment 
_entity.details 
1 polymer     man 'Pol protein' 20079.594 1  ? ? ? ? 
2 non-polymer syn 'MAGNESIUM ION' 24.305    2  ? ? ? ? 
3 non-polymer syn 
'(2~{S})-2-[4-(4,4-dimethylcyclohexen-1-yl)-2-methyl-5-pyridin-2-yl-thiophen-3-yl]-2-[(2-methylpropan-2-yl)oxy]ethanoic acid' 
413.573   1  ? ? ? ? 
4 non-polymer syn 'SULFATE ION' 96.063    1  ? ? ? ? 
5 water       nat water 18.015    59 ? ? ? ? 
# 
_entity_poly.entity_id                      1 
_entity_poly.type                           'polypeptide(L)' 
_entity_poly.nstd_linkage                   no 
_entity_poly.nstd_monomer                   yes 
_entity_poly.pdbx_seq_one_letter_code       
;MGSSHHHHHHSSGLVPRGSMHGQVDCSPGIWQLD(CAS)THLEGKVILVAVHVASGYIEAEVIPAETGQETAYFLLKLAG
RWPVKTVHTDNGSNFTSAAVKAA(CAS)WWAGIKQEFGIPYNPQSQGVVESMNKELKKIIGQVRDQAEHLKTAVQMAVFI
HNKKRKGGIGGYSAGERIVDIIATDIQTKE
;
_entity_poly.pdbx_seq_one_letter_code_can   
;MGSSHHHHHHSSGLVPRGSMHGQVDCSPGIWQLDCTHLEGKVILVAVHVASGYIEAEVIPAETGQETAYFLLKLAGRWPV
KTVHTDNGSNFTSAAVKAACWWAGIKQEFGIPYNPQSQGVVESMNKELKKIIGQVRDQAEHLKTAVQMAVFIHNKKRKGG
IGGYSAGERIVDIIATDIQTKE
;
_entity_poly.pdbx_strand_id                 A 
_entity_poly.pdbx_target_identifier         ? 
# 
loop_
_pdbx_entity_nonpoly.entity_id 
_pdbx_entity_nonpoly.name 
_pdbx_entity_nonpoly.comp_id 
2 'MAGNESIUM ION'                                                                                                               MG 
3 '(2~{S})-2-[4-(4,4-dimethylcyclohexen-1-yl)-2-methyl-5-pyridin-2-yl-thiophen-3-yl]-2-[(2-methylpropan-2-yl)oxy]ethanoic acid' 
9VK 
4 'SULFATE ION'                                                                                                                 
SO4 
5 water                                                                                                                         
HOH 
# 
loop_
_entity_poly_seq.entity_id 
_entity_poly_seq.num 
_entity_poly_seq.mon_id 
_entity_poly_seq.hetero 
1 1   MET n 
1 2   GLY n 
1 3   SER n 
1 4   SER n 
1 5   HIS n 
1 6   HIS n 
1 7   HIS n 
1 8   HIS n 
1 9   HIS n 
1 10  HIS n 
1 11  SER n 
1 12  SER n 
1 13  GLY n 
1 14  LEU n 
1 15  VAL n 
1 16  PRO n 
1 17  ARG n 
1 18  GLY n 
1 19  SER n 
1 20  MET n 
1 21  HIS n 
1 22  GLY n 
1 23  GLN n 
1 24  VAL n 
1 25  ASP n 
1 26  CYS n 
1 27  SER n 
1 28  PRO n 
1 29  GLY n 
1 30  ILE n 
1 31  TRP n 
1 32  GLN n 
1 33  LEU n 
1 34  ASP n 
1 35  CAS n 
1 36  THR n 
1 37  HIS n 
1 38  LEU n 
1 39  GLU n 
1 40  GLY n 
1 41  LYS n 
1 42  VAL n 
1 43  ILE n 
1 44  LEU n 
1 45  VAL n 
1 46  ALA n 
1 47  VAL n 
1 48  HIS n 
1 49  VAL n 
1 50  ALA n 
1 51  SER n 
1 52  GLY n 
1 53  TYR n 
1 54  ILE n 
1 55  GLU n 
1 56  ALA n 
1 57  GLU n 
1 58  VAL n 
1 59  ILE n 
1 60  PRO n 
1 61  ALA n 
1 62  GLU n 
1 63  THR n 
1 64  GLY n 
1 65  GLN n 
1 66  GLU n 
1 67  THR n 
1 68  ALA n 
1 69  TYR n 
1 70  PHE n 
1 71  LEU n 
1 72  LEU n 
1 73  LYS n 
1 74  LEU n 
1 75  ALA n 
1 76  GLY n 
1 77  ARG n 
1 78  TRP n 
1 79  PRO n 
1 80  VAL n 
1 81  LYS n 
1 82  THR n 
1 83  VAL n 
1 84  HIS n 
1 85  THR n 
1 86  ASP n 
1 87  ASN n 
1 88  GLY n 
1 89  SER n 
1 90  ASN n 
1 91  PHE n 
1 92  THR n 
1 93  SER n 
1 94  ALA n 
1 95  ALA n 
1 96  VAL n 
1 97  LYS n 
1 98  ALA n 
1 99  ALA n 
1 100 CAS n 
1 101 TRP n 
1 102 TRP n 
1 103 ALA n 
1 104 GLY n 
1 105 ILE n 
1 106 LYS n 
1 107 GLN n 
1 108 GLU n 
1 109 PHE n 
1 110 GLY n 
1 111 ILE n 
1 112 PRO n 
1 113 TYR n 
1 114 ASN n 
1 115 PRO n 
1 116 GLN n 
1 117 SER n 
1 118 GLN n 
1 119 GLY n 
1 120 VAL n 
1 121 VAL n 
1 122 GLU n 
1 123 SER n 
1 124 MET n 
1 125 ASN n 
1 126 LYS n 
1 127 GLU n 
1 128 LEU n 
1 129 LYS n 
1 130 LYS n 
1 131 ILE n 
1 132 ILE n 
1 133 GLY n 
1 134 GLN n 
1 135 VAL n 
1 136 ARG n 
1 137 ASP n 
1 138 GLN n 
1 139 ALA n 
1 140 GLU n 
1 141 HIS n 
1 142 LEU n 
1 143 LYS n 
1 144 THR n 
1 145 ALA n 
1 146 VAL n 
1 147 GLN n 
1 148 MET n 
1 149 ALA n 
1 150 VAL n 
1 151 PHE n 
1 152 ILE n 
1 153 HIS n 
1 154 ASN n 
1 155 LYS n 
1 156 LYS n 
1 157 ARG n 
1 158 LYS n 
1 159 GLY n 
1 160 GLY n 
1 161 ILE n 
1 162 GLY n 
1 163 GLY n 
1 164 TYR n 
1 165 SER n 
1 166 ALA n 
1 167 GLY n 
1 168 GLU n 
1 169 ARG n 
1 170 ILE n 
1 171 VAL n 
1 172 ASP n 
1 173 ILE n 
1 174 ILE n 
1 175 ALA n 
1 176 THR n 
1 177 ASP n 
1 178 ILE n 
1 179 GLN n 
1 180 THR n 
1 181 LYS n 
1 182 GLU n 
# 
_entity_src_gen.entity_id                          1 
_entity_src_gen.pdbx_src_id                        1 
_entity_src_gen.pdbx_alt_source_flag               sample 
_entity_src_gen.pdbx_seq_type                      'Biological sequence' 
_entity_src_gen.pdbx_beg_seq_num                   1 
_entity_src_gen.pdbx_end_seq_num                   182 
_entity_src_gen.gene_src_common_name               ? 
_entity_src_gen.gene_src_genus                     ? 
_entity_src_gen.pdbx_gene_src_gene                 pol 
_entity_src_gen.gene_src_species                   ? 
_entity_src_gen.gene_src_strain                    ? 
_entity_src_gen.gene_src_tissue                    ? 
_entity_src_gen.gene_src_tissue_fraction           ? 
_entity_src_gen.gene_src_details                   ? 
_entity_src_gen.pdbx_gene_src_fragment             ? 
_entity_src_gen.pdbx_gene_src_scientific_name      'Human immunodeficiency virus 1' 
_entity_src_gen.pdbx_gene_src_ncbi_taxonomy_id     11676 
_entity_src_gen.pdbx_gene_src_variant              ? 
_entity_src_gen.pdbx_gene_src_cell_line            ? 
_entity_src_gen.pdbx_gene_src_atcc                 ? 
_entity_src_gen.pdbx_gene_src_organ                ? 
_entity_src_gen.pdbx_gene_src_organelle            ? 
_entity_src_gen.pdbx_gene_src_cell                 ? 
_entity_src_gen.pdbx_gene_src_cellular_location    ? 
_entity_src_gen.host_org_common_name               ? 
_entity_src_gen.pdbx_host_org_scientific_name      'Escherichia coli' 
_entity_src_gen.pdbx_host_org_ncbi_taxonomy_id     562 
_entity_src_gen.host_org_genus                     ? 
_entity_src_gen.pdbx_host_org_gene                 ? 
_entity_src_gen.pdbx_host_org_organ                ? 
_entity_src_gen.host_org_species                   ? 
_entity_src_gen.pdbx_host_org_tissue               ? 
_entity_src_gen.pdbx_host_org_tissue_fraction      ? 
_entity_src_gen.pdbx_host_org_strain               ? 
_entity_src_gen.pdbx_host_org_variant              ? 
_entity_src_gen.pdbx_host_org_cell_line            ? 
_entity_src_gen.pdbx_host_org_atcc                 ? 
_entity_src_gen.pdbx_host_org_culture_collection   ? 
_entity_src_gen.pdbx_host_org_cell                 ? 
_entity_src_gen.pdbx_host_org_organelle            ? 
_entity_src_gen.pdbx_host_org_cellular_location    ? 
_entity_src_gen.pdbx_host_org_vector_type          ? 
_entity_src_gen.pdbx_host_org_vector               ? 
_entity_src_gen.host_org_details                   ? 
_entity_src_gen.expression_system_id               ? 
_entity_src_gen.plasmid_name                       ? 
_entity_src_gen.plasmid_details                    ? 
_entity_src_gen.pdbx_description                   ? 
# 
loop_
_chem_comp.id 
_chem_comp.type 
_chem_comp.mon_nstd_flag 
_chem_comp.name 
_chem_comp.pdbx_synonyms 
_chem_comp.formula 
_chem_comp.formula_weight 
9VK non-polymer         . 
'(2~{S})-2-[4-(4,4-dimethylcyclohexen-1-yl)-2-methyl-5-pyridin-2-yl-thiophen-3-yl]-2-[(2-methylpropan-2-yl)oxy]ethanoic acid' ? 
'C24 H31 N O3 S'   413.573 
ALA 'L-peptide linking' y ALANINE ? 'C3 H7 N O2'       89.093  
ARG 'L-peptide linking' y ARGININE ? 'C6 H15 N4 O2 1'   175.209 
ASN 'L-peptide linking' y ASPARAGINE ? 'C4 H8 N2 O3'      132.118 
ASP 'L-peptide linking' y 'ASPARTIC ACID' ? 'C4 H7 N O4'       133.103 
CAS 'L-peptide linking' n 'S-(DIMETHYLARSENIC)CYSTEINE' ? 'C5 H12 As N O2 S' 225.141 
CYS 'L-peptide linking' y CYSTEINE ? 'C3 H7 N O2 S'     121.158 
GLN 'L-peptide linking' y GLUTAMINE ? 'C5 H10 N2 O3'     146.144 
GLU 'L-peptide linking' y 'GLUTAMIC ACID' ? 'C5 H9 N O4'       147.129 
GLY 'peptide linking'   y GLYCINE ? 'C2 H5 N O2'       75.067  
HIS 'L-peptide linking' y HISTIDINE ? 'C6 H10 N3 O2 1'   156.162 
HOH non-polymer         . WATER ? 'H2 O'             18.015  
ILE 'L-peptide linking' y ISOLEUCINE ? 'C6 H13 N O2'      131.173 
LEU 'L-peptide linking' y LEUCINE ? 'C6 H13 N O2'      131.173 
LYS 'L-peptide linking' y LYSINE ? 'C6 H15 N2 O2 1'   147.195 
MET 'L-peptide linking' y METHIONINE ? 'C5 H11 N O2 S'    149.211 
MG  non-polymer         . 'MAGNESIUM ION' ? 'Mg 2'             24.305  
PHE 'L-peptide linking' y PHENYLALANINE ? 'C9 H11 N O2'      165.189 
PRO 'L-peptide linking' y PROLINE ? 'C5 H9 N O2'       115.130 
SER 'L-peptide linking' y SERINE ? 'C3 H7 N O3'       105.093 
SO4 non-polymer         . 'SULFATE ION' ? 'O4 S -2'          96.063  
THR 'L-peptide linking' y THREONINE ? 'C4 H9 N O3'       119.119 
TRP 'L-peptide linking' y TRYPTOPHAN ? 'C11 H12 N2 O2'    204.225 
TYR 'L-peptide linking' y TYROSINE ? 'C9 H11 N O3'      181.189 
VAL 'L-peptide linking' y VALINE ? 'C5 H11 N O2'      117.146 
# 
loop_
_pdbx_poly_seq_scheme.asym_id 
_pdbx_poly_seq_scheme.entity_id 
_pdbx_poly_seq_scheme.seq_id 
_pdbx_poly_seq_scheme.mon_id 
_pdbx_poly_seq_scheme.ndb_seq_num 
_pdbx_poly_seq_scheme.pdb_seq_num 
_pdbx_poly_seq_scheme.auth_seq_num 
_pdbx_poly_seq_scheme.pdb_mon_id 
_pdbx_poly_seq_scheme.auth_mon_id 
_pdbx_poly_seq_scheme.pdb_strand_id 
_pdbx_poly_seq_scheme.pdb_ins_code 
_pdbx_poly_seq_scheme.hetero 
A 1 1   MET 1   31  ?   ?   ?   A . n 
A 1 2   GLY 2   32  ?   ?   ?   A . n 
A 1 3   SER 3   33  ?   ?   ?   A . n 
A 1 4   SER 4   34  ?   ?   ?   A . n 
A 1 5   HIS 5   35  ?   ?   ?   A . n 
A 1 6   HIS 6   36  ?   ?   ?   A . n 
A 1 7   HIS 7   37  ?   ?   ?   A . n 
A 1 8   HIS 8   38  ?   ?   ?   A . n 
A 1 9   HIS 9   39  ?   ?   ?   A . n 
A 1 10  HIS 10  40  ?   ?   ?   A . n 
A 1 11  SER 11  41  ?   ?   ?   A . n 
A 1 12  SER 12  42  ?   ?   ?   A . n 
A 1 13  GLY 13  43  ?   ?   ?   A . n 
A 1 14  LEU 14  44  ?   ?   ?   A . n 
A 1 15  VAL 15  45  ?   ?   ?   A . n 
A 1 16  PRO 16  46  ?   ?   ?   A . n 
A 1 17  ARG 17  47  ?   ?   ?   A . n 
A 1 18  GLY 18  48  ?   ?   ?   A . n 
A 1 19  SER 19  49  ?   ?   ?   A . n 
A 1 20  MET 20  50  ?   ?   ?   A . n 
A 1 21  HIS 21  51  ?   ?   ?   A . n 
A 1 22  GLY 22  52  ?   ?   ?   A . n 
A 1 23  GLN 23  53  ?   ?   ?   A . n 
A 1 24  VAL 24  54  ?   ?   ?   A . n 
A 1 25  ASP 25  55  ?   ?   ?   A . n 
A 1 26  CYS 26  56  ?   ?   ?   A . n 
A 1 27  SER 27  57  57  SER SER A . n 
A 1 28  PRO 28  58  58  PRO PRO A . n 
A 1 29  GLY 29  59  59  GLY GLY A . n 
A 1 30  ILE 30  60  60  ILE ILE A . n 
A 1 31  TRP 31  61  61  TRP TRP A . n 
A 1 32  GLN 32  62  62  GLN GLN A . n 
A 1 33  LEU 33  63  63  LEU LEU A . n 
A 1 34  ASP 34  64  64  ASP ASP A . n 
A 1 35  CAS 35  65  65  CAS CAS A . n 
A 1 36  THR 36  66  66  THR THR A . n 
A 1 37  HIS 37  67  67  HIS HIS A . n 
A 1 38  LEU 38  68  68  LEU LEU A . n 
A 1 39  GLU 39  69  69  GLU GLU A . n 
A 1 40  GLY 40  70  70  GLY GLY A . n 
A 1 41  LYS 41  71  71  LYS LYS A . n 
A 1 42  VAL 42  72  72  VAL VAL A . n 
A 1 43  ILE 43  73  73  ILE ILE A . n 
A 1 44  LEU 44  74  74  LEU LEU A . n 
A 1 45  VAL 45  75  75  VAL VAL A . n 
A 1 46  ALA 46  76  76  ALA ALA A . n 
A 1 47  VAL 47  77  77  VAL VAL A . n 
A 1 48  HIS 48  78  78  HIS HIS A . n 
A 1 49  VAL 49  79  79  VAL VAL A . n 
A 1 50  ALA 50  80  80  ALA ALA A . n 
A 1 51  SER 51  81  81  SER SER A . n 
A 1 52  GLY 52  82  82  GLY GLY A . n 
A 1 53  TYR 53  83  83  TYR TYR A . n 
A 1 54  ILE 54  84  84  ILE ILE A . n 
A 1 55  GLU 55  85  85  GLU GLU A . n 
A 1 56  ALA 56  86  86  ALA ALA A . n 
A 1 57  GLU 57  87  87  GLU GLU A . n 
A 1 58  VAL 58  88  88  VAL VAL A . n 
A 1 59  ILE 59  89  89  ILE ILE A . n 
A 1 60  PRO 60  90  90  PRO PRO A . n 
A 1 61  ALA 61  91  91  ALA ALA A . n 
A 1 62  GLU 62  92  92  GLU GLU A . n 
A 1 63  THR 63  93  93  THR THR A . n 
A 1 64  GLY 64  94  94  GLY GLY A . n 
A 1 65  GLN 65  95  95  GLN GLN A . n 
A 1 66  GLU 66  96  96  GLU GLU A . n 
A 1 67  THR 67  97  97  THR THR A . n 
A 1 68  ALA 68  98  98  ALA ALA A . n 
A 1 69  TYR 69  99  99  TYR TYR A . n 
A 1 70  PHE 70  100 100 PHE PHE A . n 
A 1 71  LEU 71  101 101 LEU LEU A . n 
A 1 72  LEU 72  102 102 LEU LEU A . n 
A 1 73  LYS 73  103 103 LYS LYS A . n 
A 1 74  LEU 74  104 104 LEU LEU A . n 
A 1 75  ALA 75  105 105 ALA ALA A . n 
A 1 76  GLY 76  106 106 GLY GLY A . n 
A 1 77  ARG 77  107 107 ARG ARG A . n 
A 1 78  TRP 78  108 108 TRP TRP A . n 
A 1 79  PRO 79  109 109 PRO PRO A . n 
A 1 80  VAL 80  110 110 VAL VAL A . n 
A 1 81  LYS 81  111 111 LYS LYS A . n 
A 1 82  THR 82  112 112 THR THR A . n 
A 1 83  VAL 83  113 113 VAL VAL A . n 
A 1 84  HIS 84  114 114 HIS HIS A . n 
A 1 85  THR 85  115 115 THR THR A . n 
A 1 86  ASP 86  116 116 ASP ASP A . n 
A 1 87  ASN 87  117 117 ASN ASN A . n 
A 1 88  GLY 88  118 118 GLY GLY A . n 
A 1 89  SER 89  119 119 SER SER A . n 
A 1 90  ASN 90  120 120 ASN ASN A . n 
A 1 91  PHE 91  121 121 PHE PHE A . n 
A 1 92  THR 92  122 122 THR THR A . n 
A 1 93  SER 93  123 123 SER SER A . n 
A 1 94  ALA 94  124 124 ALA ALA A . n 
A 1 95  ALA 95  125 125 ALA ALA A . n 
A 1 96  VAL 96  126 126 VAL VAL A . n 
A 1 97  LYS 97  127 127 LYS LYS A . n 
A 1 98  ALA 98  128 128 ALA ALA A . n 
A 1 99  ALA 99  129 129 ALA ALA A . n 
A 1 100 CAS 100 130 130 CAS CAS A . n 
A 1 101 TRP 101 131 131 TRP TRP A . n 
A 1 102 TRP 102 132 132 TRP TRP A . n 
A 1 103 ALA 103 133 133 ALA ALA A . n 
A 1 104 GLY 104 134 134 GLY GLY A . n 
A 1 105 ILE 105 135 135 ILE ILE A . n 
A 1 106 LYS 106 136 136 LYS LYS A . n 
A 1 107 GLN 107 137 137 GLN GLN A . n 
A 1 108 GLU 108 138 ?   ?   ?   A . n 
A 1 109 PHE 109 139 ?   ?   ?   A . n 
A 1 110 GLY 110 140 ?   ?   ?   A . n 
A 1 111 ILE 111 141 ?   ?   ?   A . n 
A 1 112 PRO 112 142 ?   ?   ?   A . n 
A 1 113 TYR 113 143 ?   ?   ?   A . n 
A 1 114 ASN 114 144 ?   ?   ?   A . n 
A 1 115 PRO 115 145 ?   ?   ?   A . n 
A 1 116 GLN 116 146 ?   ?   ?   A . n 
A 1 117 SER 117 147 ?   ?   ?   A . n 
A 1 118 GLN 118 148 ?   ?   ?   A . n 
A 1 119 GLY 119 149 ?   ?   ?   A . n 
A 1 120 VAL 120 150 ?   ?   ?   A . n 
A 1 121 VAL 121 151 ?   ?   ?   A . n 
A 1 122 GLU 122 152 ?   ?   ?   A . n 
A 1 123 SER 123 153 ?   ?   ?   A . n 
A 1 124 MET 124 154 154 MET MET A . n 
A 1 125 ASN 125 155 155 ASN ASN A . n 
A 1 126 LYS 126 156 156 LYS LYS A . n 
A 1 127 GLU 127 157 157 GLU GLU A . n 
A 1 128 LEU 128 158 158 LEU LEU A . n 
A 1 129 LYS 129 159 159 LYS LYS A . n 
A 1 130 LYS 130 160 160 LYS LYS A . n 
A 1 131 ILE 131 161 161 ILE ILE A . n 
A 1 132 ILE 132 162 162 ILE ILE A . n 
A 1 133 GLY 133 163 163 GLY GLY A . n 
A 1 134 GLN 134 164 164 GLN GLN A . n 
A 1 135 VAL 135 165 165 VAL VAL A . n 
A 1 136 ARG 136 166 166 ARG ARG A . n 
A 1 137 ASP 137 167 167 ASP ASP A . n 
A 1 138 GLN 138 168 168 GLN GLN A . n 
A 1 139 ALA 139 169 169 ALA ALA A . n 
A 1 140 GLU 140 170 170 GLU GLU A . n 
A 1 141 HIS 141 171 171 HIS HIS A . n 
A 1 142 LEU 142 172 172 LEU LEU A . n 
A 1 143 LYS 143 173 173 LYS LYS A . n 
A 1 144 THR 144 174 174 THR THR A . n 
A 1 145 ALA 145 175 175 ALA ALA A . n 
A 1 146 VAL 146 176 176 VAL VAL A . n 
A 1 147 GLN 147 177 177 GLN GLN A . n 
A 1 148 MET 148 178 178 MET MET A . n 
A 1 149 ALA 149 179 179 ALA ALA A . n 
A 1 150 VAL 150 180 180 VAL VAL A . n 
A 1 151 PHE 151 181 181 PHE PHE A . n 
A 1 152 ILE 152 182 182 ILE ILE A . n 
A 1 153 HIS 153 183 183 HIS HIS A . n 
A 1 154 ASN 154 184 184 ASN ASN A . n 
A 1 155 LYS 155 185 185 LYS LYS A . n 
A 1 156 LYS 156 186 186 LYS LYS A . n 
A 1 157 ARG 157 187 187 ARG ARG A . n 
A 1 158 LYS 158 188 188 LYS LYS A . n 
A 1 159 GLY 159 189 ?   ?   ?   A . n 
A 1 160 GLY 160 190 ?   ?   ?   A . n 
A 1 161 ILE 161 191 ?   ?   ?   A . n 
A 1 162 GLY 162 192 ?   ?   ?   A . n 
A 1 163 GLY 163 193 ?   ?   ?   A . n 
A 1 164 TYR 164 194 194 TYR TYR A . n 
A 1 165 SER 165 195 195 SER SER A . n 
A 1 166 ALA 166 196 196 ALA ALA A . n 
A 1 167 GLY 167 197 197 GLY GLY A . n 
A 1 168 GLU 168 198 198 GLU GLU A . n 
A 1 169 ARG 169 199 199 ARG ARG A . n 
A 1 170 ILE 170 200 200 ILE ILE A . n 
A 1 171 VAL 171 201 201 VAL VAL A . n 
A 1 172 ASP 172 202 202 ASP ASP A . n 
A 1 173 ILE 173 203 203 ILE ILE A . n 
A 1 174 ILE 174 204 204 ILE ILE A . n 
A 1 175 ALA 175 205 205 ALA ALA A . n 
A 1 176 THR 176 206 206 THR THR A . n 
A 1 177 ASP 177 207 207 ASP ASP A . n 
A 1 178 ILE 178 208 208 ILE ILE A . n 
A 1 179 GLN 179 209 ?   ?   ?   A . n 
A 1 180 THR 180 210 ?   ?   ?   A . n 
A 1 181 LYS 181 211 ?   ?   ?   A . n 
A 1 182 GLU 182 212 ?   ?   ?   A . n 
# 
loop_
_pdbx_nonpoly_scheme.asym_id 
_pdbx_nonpoly_scheme.entity_id 
_pdbx_nonpoly_scheme.mon_id 
_pdbx_nonpoly_scheme.ndb_seq_num 
_pdbx_nonpoly_scheme.pdb_seq_num 
_pdbx_nonpoly_scheme.auth_seq_num 
_pdbx_nonpoly_scheme.pdb_mon_id 
_pdbx_nonpoly_scheme.auth_mon_id 
_pdbx_nonpoly_scheme.pdb_strand_id 
_pdbx_nonpoly_scheme.pdb_ins_code 
B 2 MG  1  301 1   MG  MG  A . 
C 2 MG  1  302 2   MG  MG  A . 
D 3 9VK 1  303 501 9VK 64S A . 
E 4 SO4 1  304 1   SO4 SO4 A . 
F 5 HOH 1  401 56  HOH HOH A . 
F 5 HOH 2  402 21  HOH HOH A . 
F 5 HOH 3  403 25  HOH HOH A . 
F 5 HOH 4  404 30  HOH HOH A . 
F 5 HOH 5  405 14  HOH HOH A . 
F 5 HOH 6  406 39  HOH HOH A . 
F 5 HOH 7  407 23  HOH HOH A . 
F 5 HOH 8  408 20  HOH HOH A . 
F 5 HOH 9  409 35  HOH HOH A . 
F 5 HOH 10 410 12  HOH HOH A . 
F 5 HOH 11 411 4   HOH HOH A . 
F 5 HOH 12 412 8   HOH HOH A . 
F 5 HOH 13 413 17  HOH HOH A . 
F 5 HOH 14 414 24  HOH HOH A . 
F 5 HOH 15 415 2   HOH HOH A . 
F 5 HOH 16 416 41  HOH HOH A . 
F 5 HOH 17 417 53  HOH HOH A . 
F 5 HOH 18 418 7   HOH HOH A . 
F 5 HOH 19 419 61  HOH HOH A . 
F 5 HOH 20 420 49  HOH HOH A . 
F 5 HOH 21 421 42  HOH HOH A . 
F 5 HOH 22 422 32  HOH HOH A . 
F 5 HOH 23 423 5   HOH HOH A . 
F 5 HOH 24 424 6   HOH HOH A . 
F 5 HOH 25 425 15  HOH HOH A . 
F 5 HOH 26 426 29  HOH HOH A . 
F 5 HOH 27 427 36  HOH HOH A . 
F 5 HOH 28 428 27  HOH HOH A . 
F 5 HOH 29 429 48  HOH HOH A . 
F 5 HOH 30 430 19  HOH HOH A . 
F 5 HOH 31 431 44  HOH HOH A . 
F 5 HOH 32 432 9   HOH HOH A . 
F 5 HOH 33 433 43  HOH HOH A . 
F 5 HOH 34 434 10  HOH HOH A . 
F 5 HOH 35 435 22  HOH HOH A . 
F 5 HOH 36 436 26  HOH HOH A . 
F 5 HOH 37 437 57  HOH HOH A . 
F 5 HOH 38 438 54  HOH HOH A . 
F 5 HOH 39 439 37  HOH HOH A . 
F 5 HOH 40 440 38  HOH HOH A . 
F 5 HOH 41 441 34  HOH HOH A . 
F 5 HOH 42 442 16  HOH HOH A . 
F 5 HOH 43 443 13  HOH HOH A . 
F 5 HOH 44 444 60  HOH HOH A . 
F 5 HOH 45 445 11  HOH HOH A . 
F 5 HOH 46 446 58  HOH HOH A . 
F 5 HOH 47 447 28  HOH HOH A . 
F 5 HOH 48 448 45  HOH HOH A . 
F 5 HOH 49 449 51  HOH HOH A . 
F 5 HOH 50 450 31  HOH HOH A . 
F 5 HOH 51 451 40  HOH HOH A . 
F 5 HOH 52 452 46  HOH HOH A . 
F 5 HOH 53 453 50  HOH HOH A . 
F 5 HOH 54 454 33  HOH HOH A . 
F 5 HOH 55 455 47  HOH HOH A . 
F 5 HOH 56 456 55  HOH HOH A . 
F 5 HOH 57 457 18  HOH HOH A . 
F 5 HOH 58 458 52  HOH HOH A . 
F 5 HOH 59 459 59  HOH HOH A . 
# 
loop_
_pdbx_unobs_or_zero_occ_atoms.id 
_pdbx_unobs_or_zero_occ_atoms.PDB_model_num 
_pdbx_unobs_or_zero_occ_atoms.polymer_flag 
_pdbx_unobs_or_zero_occ_atoms.occupancy_flag 
_pdbx_unobs_or_zero_occ_atoms.auth_asym_id 
_pdbx_unobs_or_zero_occ_atoms.auth_comp_id 
_pdbx_unobs_or_zero_occ_atoms.auth_seq_id 
_pdbx_unobs_or_zero_occ_atoms.PDB_ins_code 
_pdbx_unobs_or_zero_occ_atoms.auth_atom_id 
_pdbx_unobs_or_zero_occ_atoms.label_alt_id 
_pdbx_unobs_or_zero_occ_atoms.label_asym_id 
_pdbx_unobs_or_zero_occ_atoms.label_comp_id 
_pdbx_unobs_or_zero_occ_atoms.label_seq_id 
_pdbx_unobs_or_zero_occ_atoms.label_atom_id 
1 1 Y 1 A LYS 188 ? CD ? A LYS 158 CD 
2 1 Y 1 A LYS 188 ? CE ? A LYS 158 CE 
3 1 Y 1 A LYS 188 ? NZ ? A LYS 158 NZ 
# 
loop_
_software.citation_id 
_software.classification 
_software.compiler_name 
_software.compiler_version 
_software.contact_author 
_software.contact_author_email 
_software.date 
_software.description 
_software.dependencies 
_software.hardware 
_software.language 
_software.location 
_software.mods 
_software.name 
_software.os 
_software.os_version 
_software.type 
_software.version 
_software.pdbx_ordinal 
? refinement       ? ? ? ? ? ? ? ? ? ? ? REFMAC ? ? ? 5.8.0135 1 
? 'data reduction' ? ? ? ? ? ? ? ? ? ? ? XDS    ? ? ? .        2 
? 'data scaling'   ? ? ? ? ? ? ? ? ? ? ? XDS    ? ? ? .        3 
? phasing          ? ? ? ? ? ? ? ? ? ? ? MOLREP ? ? ? .        4 
# 
_cell.angle_alpha                  90.00 
_cell.angle_alpha_esd              ? 
_cell.angle_beta                   90.00 
_cell.angle_beta_esd               ? 
_cell.angle_gamma                  120.00 
_cell.angle_gamma_esd              ? 
_cell.entry_id                     5OIA 
_cell.details                      ? 
_cell.formula_units_Z              ? 
_cell.length_a                     72.599 
_cell.length_a_esd                 ? 
_cell.length_b                     72.599 
_cell.length_b_esd                 ? 
_cell.length_c                     66.250 
_cell.length_c_esd                 ? 
_cell.volume                       ? 
_cell.volume_esd                   ? 
_cell.Z_PDB                        6 
_cell.reciprocal_angle_alpha       ? 
_cell.reciprocal_angle_beta        ? 
_cell.reciprocal_angle_gamma       ? 
_cell.reciprocal_angle_alpha_esd   ? 
_cell.reciprocal_angle_beta_esd    ? 
_cell.reciprocal_angle_gamma_esd   ? 
_cell.reciprocal_length_a          ? 
_cell.reciprocal_length_b          ? 
_cell.reciprocal_length_c          ? 
_cell.reciprocal_length_a_esd      ? 
_cell.reciprocal_length_b_esd      ? 
_cell.reciprocal_length_c_esd      ? 
_cell.pdbx_unique_axis             ? 
# 
_symmetry.entry_id                         5OIA 
_symmetry.cell_setting                     ? 
_symmetry.Int_Tables_number                152 
_symmetry.space_group_name_Hall            ? 
_symmetry.space_group_name_H-M             'P 31 2 1' 
_symmetry.pdbx_full_space_group_name_H-M   ? 
# 
_exptl.absorpt_coefficient_mu     ? 
_exptl.absorpt_correction_T_max   ? 
_exptl.absorpt_correction_T_min   ? 
_exptl.absorpt_correction_type    ? 
_exptl.absorpt_process_details    ? 
_exptl.entry_id                   5OIA 
_exptl.crystals_number            1 
_exptl.details                    ? 
_exptl.method                     'X-RAY DIFFRACTION' 
_exptl.method_details             ? 
# 
_exptl_crystal.colour                      ? 
_exptl_crystal.density_diffrn              ? 
_exptl_crystal.density_Matthews            2.54 
_exptl_crystal.density_method              ? 
_exptl_crystal.density_percent_sol         51.50 
_exptl_crystal.description                 ? 
_exptl_crystal.F_000                       ? 
_exptl_crystal.id                          1 
_exptl_crystal.preparation                 ? 
_exptl_crystal.size_max                    ? 
_exptl_crystal.size_mid                    ? 
_exptl_crystal.size_min                    ? 
_exptl_crystal.size_rad                    ? 
_exptl_crystal.colour_lustre               ? 
_exptl_crystal.colour_modifier             ? 
_exptl_crystal.colour_primary              ? 
_exptl_crystal.density_meas                ? 
_exptl_crystal.density_meas_esd            ? 
_exptl_crystal.density_meas_gt             ? 
_exptl_crystal.density_meas_lt             ? 
_exptl_crystal.density_meas_temp           ? 
_exptl_crystal.density_meas_temp_esd       ? 
_exptl_crystal.density_meas_temp_gt        ? 
_exptl_crystal.density_meas_temp_lt        ? 
_exptl_crystal.pdbx_crystal_image_url      ? 
_exptl_crystal.pdbx_crystal_image_format   ? 
_exptl_crystal.pdbx_mosaicity              ? 
_exptl_crystal.pdbx_mosaicity_esd          ? 
# 
_exptl_crystal_grow.apparatus       ? 
_exptl_crystal_grow.atmosphere      ? 
_exptl_crystal_grow.crystal_id      1 
_exptl_crystal_grow.details         ? 
_exptl_crystal_grow.method          'VAPOR DIFFUSION, HANGING DROP' 
_exptl_crystal_grow.method_ref      ? 
_exptl_crystal_grow.pH              6.5 
_exptl_crystal_grow.pressure        ? 
_exptl_crystal_grow.pressure_esd    ? 
_exptl_crystal_grow.seeding         ? 
_exptl_crystal_grow.seeding_ref     ? 
_exptl_crystal_grow.temp            297 
_exptl_crystal_grow.temp_details    ? 
_exptl_crystal_grow.temp_esd        ? 
_exptl_crystal_grow.time            ? 
_exptl_crystal_grow.pdbx_details    'Ammonium sulfate, cacodylate' 
_exptl_crystal_grow.pdbx_pH_range   ? 
# 
_diffrn.ambient_environment    ? 
_diffrn.ambient_temp           100 
_diffrn.ambient_temp_details   ? 
_diffrn.ambient_temp_esd       ? 
_diffrn.crystal_id             1 
_diffrn.crystal_support        ? 
_diffrn.crystal_treatment      ? 
_diffrn.details                ? 
_diffrn.id                     1 
_diffrn.ambient_pressure       ? 
_diffrn.ambient_pressure_esd   ? 
_diffrn.ambient_pressure_gt    ? 
_diffrn.ambient_pressure_lt    ? 
_diffrn.ambient_temp_gt        ? 
_diffrn.ambient_temp_lt        ? 
# 
_diffrn_detector.details                      ? 
_diffrn_detector.detector                     PIXEL 
_diffrn_detector.diffrn_id                    1 
_diffrn_detector.type                         'DECTRIS PILATUS 2M' 
_diffrn_detector.area_resol_mean              ? 
_diffrn_detector.dtime                        ? 
_diffrn_detector.pdbx_frames_total            ? 
_diffrn_detector.pdbx_collection_time_total   ? 
_diffrn_detector.pdbx_collection_date         2013-03-23 
# 
_diffrn_radiation.collimation                      ? 
_diffrn_radiation.diffrn_id                        1 
_diffrn_radiation.filter_edge                      ? 
_diffrn_radiation.inhomogeneity                    ? 
_diffrn_radiation.monochromator                    ? 
_diffrn_radiation.polarisn_norm                    ? 
_diffrn_radiation.polarisn_ratio                   ? 
_diffrn_radiation.probe                            ? 
_diffrn_radiation.type                             ? 
_diffrn_radiation.xray_symbol                      ? 
_diffrn_radiation.wavelength_id                    1 
_diffrn_radiation.pdbx_monochromatic_or_laue_m_l   M 
_diffrn_radiation.pdbx_wavelength_list             ? 
_diffrn_radiation.pdbx_wavelength                  ? 
_diffrn_radiation.pdbx_diffrn_protocol             'SINGLE WAVELENGTH' 
_diffrn_radiation.pdbx_analyzer                    ? 
_diffrn_radiation.pdbx_scattering_type             x-ray 
# 
_diffrn_radiation_wavelength.id           1 
_diffrn_radiation_wavelength.wavelength   1.0 
_diffrn_radiation_wavelength.wt           1.0 
# 
_diffrn_source.current                     ? 
_diffrn_source.details                     ? 
_diffrn_source.diffrn_id                   1 
_diffrn_source.power                       ? 
_diffrn_source.size                        ? 
_diffrn_source.source                      SYNCHROTRON 
_diffrn_source.target                      ? 
_diffrn_source.type                        'SLS BEAMLINE X06DA' 
_diffrn_source.voltage                     ? 
_diffrn_source.take-off_angle              ? 
_diffrn_source.pdbx_wavelength_list        1.0 
_diffrn_source.pdbx_wavelength             ? 
_diffrn_source.pdbx_synchrotron_beamline   X06DA 
_diffrn_source.pdbx_synchrotron_site       SLS 
# 
_reflns.B_iso_Wilson_estimate            ? 
_reflns.entry_id                         5OIA 
_reflns.data_reduction_details           ? 
_reflns.data_reduction_method            ? 
_reflns.d_resolution_high                1.9 
_reflns.d_resolution_low                 62.87 
_reflns.details                          ? 
_reflns.limit_h_max                      ? 
_reflns.limit_h_min                      ? 
_reflns.limit_k_max                      ? 
_reflns.limit_k_min                      ? 
_reflns.limit_l_max                      ? 
_reflns.limit_l_min                      ? 
_reflns.number_all                       ? 
_reflns.number_obs                       29016 
_reflns.observed_criterion               ? 
_reflns.observed_criterion_F_max         ? 
_reflns.observed_criterion_F_min         ? 
_reflns.observed_criterion_I_max         ? 
_reflns.observed_criterion_I_min         ? 
_reflns.observed_criterion_sigma_F       ? 
_reflns.observed_criterion_sigma_I       ? 
_reflns.percent_possible_obs             93.9 
_reflns.R_free_details                   ? 
_reflns.Rmerge_F_all                     ? 
_reflns.Rmerge_F_obs                     ? 
_reflns.Friedel_coverage                 ? 
_reflns.number_gt                        ? 
_reflns.threshold_expression             ? 
_reflns.pdbx_redundancy                  3.3 
_reflns.pdbx_Rmerge_I_obs                ? 
_reflns.pdbx_Rmerge_I_all                ? 
_reflns.pdbx_Rsym_value                  ? 
_reflns.pdbx_netI_over_av_sigmaI         ? 
_reflns.pdbx_netI_over_sigmaI            14 
_reflns.pdbx_res_netI_over_av_sigmaI_2   ? 
_reflns.pdbx_res_netI_over_sigmaI_2      ? 
_reflns.pdbx_chi_squared                 ? 
_reflns.pdbx_scaling_rejects             ? 
_reflns.pdbx_d_res_high_opt              ? 
_reflns.pdbx_d_res_low_opt               ? 
_reflns.pdbx_d_res_opt_method            ? 
_reflns.phase_calculation_details        ? 
_reflns.pdbx_Rrim_I_all                  ? 
_reflns.pdbx_Rpim_I_all                  ? 
_reflns.pdbx_d_opt                       ? 
_reflns.pdbx_number_measured_all         ? 
_reflns.pdbx_diffrn_id                   1 
_reflns.pdbx_ordinal                     1 
_reflns.pdbx_CC_half                     ? 
_reflns.pdbx_R_split                     ? 
# 
_refine.aniso_B[1][1]                            -0.00 
_refine.aniso_B[1][2]                            -0.00 
_refine.aniso_B[1][3]                            -0.00 
_refine.aniso_B[2][2]                            -0.00 
_refine.aniso_B[2][3]                            0.00 
_refine.aniso_B[3][3]                            0.00 
_refine.B_iso_max                                ? 
_refine.B_iso_mean                               54.354 
_refine.B_iso_min                                ? 
_refine.correlation_coeff_Fo_to_Fc               0.968 
_refine.correlation_coeff_Fo_to_Fc_free          0.945 
_refine.details                                  'HYDROGENS HAVE BEEN ADDED IN THE RIDING POSITIONS' 
_refine.diff_density_max                         ? 
_refine.diff_density_max_esd                     ? 
_refine.diff_density_min                         ? 
_refine.diff_density_min_esd                     ? 
_refine.diff_density_rms                         ? 
_refine.diff_density_rms_esd                     ? 
_refine.entry_id                                 5OIA 
_refine.pdbx_refine_id                           'X-RAY DIFFRACTION' 
_refine.ls_abs_structure_details                 ? 
_refine.ls_abs_structure_Flack                   ? 
_refine.ls_abs_structure_Flack_esd               ? 
_refine.ls_abs_structure_Rogers                  ? 
_refine.ls_abs_structure_Rogers_esd              ? 
_refine.ls_d_res_high                            2.20 
_refine.ls_d_res_low                             62.87 
_refine.ls_extinction_coef                       ? 
_refine.ls_extinction_coef_esd                   ? 
_refine.ls_extinction_expression                 ? 
_refine.ls_extinction_method                     ? 
_refine.ls_goodness_of_fit_all                   ? 
_refine.ls_goodness_of_fit_all_esd               ? 
_refine.ls_goodness_of_fit_obs                   ? 
_refine.ls_goodness_of_fit_obs_esd               ? 
_refine.ls_hydrogen_treatment                    ? 
_refine.ls_matrix_type                           ? 
_refine.ls_number_constraints                    ? 
_refine.ls_number_parameters                     ? 
_refine.ls_number_reflns_all                     ? 
_refine.ls_number_reflns_obs                     9967 
_refine.ls_number_reflns_R_free                  460 
_refine.ls_number_reflns_R_work                  ? 
_refine.ls_number_restraints                     ? 
_refine.ls_percent_reflns_obs                    98.58 
_refine.ls_percent_reflns_R_free                 4.4 
_refine.ls_R_factor_all                          ? 
_refine.ls_R_factor_obs                          0.18326 
_refine.ls_R_factor_R_free                       0.22514 
_refine.ls_R_factor_R_free_error                 ? 
_refine.ls_R_factor_R_free_error_details         ? 
_refine.ls_R_factor_R_work                       0.18128 
_refine.ls_R_Fsqd_factor_obs                     ? 
_refine.ls_R_I_factor_obs                        ? 
_refine.ls_redundancy_reflns_all                 ? 
_refine.ls_redundancy_reflns_obs                 ? 
_refine.ls_restrained_S_all                      ? 
_refine.ls_restrained_S_obs                      ? 
_refine.ls_shift_over_esd_max                    ? 
_refine.ls_shift_over_esd_mean                   ? 
_refine.ls_structure_factor_coef                 ? 
_refine.ls_weighting_details                     ? 
_refine.ls_weighting_scheme                      ? 
_refine.ls_wR_factor_all                         ? 
_refine.ls_wR_factor_obs                         ? 
_refine.ls_wR_factor_R_free                      ? 
_refine.ls_wR_factor_R_work                      ? 
_refine.occupancy_max                            ? 
_refine.occupancy_min                            ? 
_refine.solvent_model_details                    ? 
_refine.solvent_model_param_bsol                 ? 
_refine.solvent_model_param_ksol                 ? 
_refine.ls_R_factor_gt                           ? 
_refine.ls_goodness_of_fit_gt                    ? 
_refine.ls_goodness_of_fit_ref                   ? 
_refine.ls_shift_over_su_max                     ? 
_refine.ls_shift_over_su_max_lt                  ? 
_refine.ls_shift_over_su_mean                    ? 
_refine.ls_shift_over_su_mean_lt                 ? 
_refine.pdbx_ls_sigma_I                          ? 
_refine.pdbx_ls_sigma_F                          ? 
_refine.pdbx_ls_sigma_Fsqd                       ? 
_refine.pdbx_data_cutoff_high_absF               ? 
_refine.pdbx_data_cutoff_high_rms_absF           ? 
_refine.pdbx_data_cutoff_low_absF                ? 
_refine.pdbx_isotropic_thermal_model             ? 
_refine.pdbx_ls_cross_valid_method               THROUGHOUT 
_refine.pdbx_method_to_determine_struct          'MOLECULAR REPLACEMENT' 
_refine.pdbx_starting_model                      4LH4 
_refine.pdbx_stereochemistry_target_values       ? 
_refine.pdbx_R_Free_selection_details            RANDOM 
_refine.pdbx_stereochem_target_val_spec_case     ? 
_refine.pdbx_overall_ESU_R                       0.183 
_refine.pdbx_overall_ESU_R_Free                  0.169 
_refine.pdbx_solvent_vdw_probe_radii             1.20 
_refine.pdbx_solvent_ion_probe_radii             0.80 
_refine.pdbx_solvent_shrinkage_radii             0.80 
_refine.pdbx_real_space_R                        ? 
_refine.pdbx_density_correlation                 ? 
_refine.pdbx_pd_number_of_powder_patterns        ? 
_refine.pdbx_pd_number_of_points                 ? 
_refine.pdbx_pd_meas_number_of_points            ? 
_refine.pdbx_pd_proc_ls_prof_R_factor            ? 
_refine.pdbx_pd_proc_ls_prof_wR_factor           ? 
_refine.pdbx_pd_Marquardt_correlation_coeff      ? 
_refine.pdbx_pd_Fsqrd_R_factor                   ? 
_refine.pdbx_pd_ls_matrix_band_width             ? 
_refine.pdbx_overall_phase_error                 ? 
_refine.pdbx_overall_SU_R_free_Cruickshank_DPI   ? 
_refine.pdbx_overall_SU_R_free_Blow_DPI          ? 
_refine.pdbx_overall_SU_R_Blow_DPI               ? 
_refine.pdbx_TLS_residual_ADP_flag               ? 
_refine.pdbx_diffrn_id                           1 
_refine.overall_SU_B                             5.420 
_refine.overall_SU_ML                            0.130 
_refine.overall_SU_R_Cruickshank_DPI             ? 
_refine.overall_SU_R_free                        ? 
_refine.overall_FOM_free_R_set                   ? 
_refine.overall_FOM_work_R_set                   ? 
_refine.pdbx_average_fsc_overall                 ? 
_refine.pdbx_average_fsc_work                    ? 
_refine.pdbx_average_fsc_free                    ? 
# 
_refine_hist.pdbx_refine_id                   'X-RAY DIFFRACTION' 
_refine_hist.cycle_id                         1 
_refine_hist.pdbx_number_atoms_protein        1023 
_refine_hist.pdbx_number_atoms_nucleic_acid   0 
_refine_hist.pdbx_number_atoms_ligand         36 
_refine_hist.number_atoms_solvent             59 
_refine_hist.number_atoms_total               1118 
_refine_hist.d_res_high                       2.20 
_refine_hist.d_res_low                        62.87 
# 
loop_
_refine_ls_restr.pdbx_refine_id 
_refine_ls_restr.criterion 
_refine_ls_restr.dev_ideal 
_refine_ls_restr.dev_ideal_target 
_refine_ls_restr.number 
_refine_ls_restr.rejects 
_refine_ls_restr.type 
_refine_ls_restr.weight 
_refine_ls_restr.pdbx_restraint_function 
'X-RAY DIFFRACTION' ? 0.020  0.019  1077 ? r_bond_refined_d             ? ? 
'X-RAY DIFFRACTION' ? 0.003  0.020  1065 ? r_bond_other_d               ? ? 
'X-RAY DIFFRACTION' ? 2.077  1.975  1462 ? r_angle_refined_deg          ? ? 
'X-RAY DIFFRACTION' ? 1.046  3.000  2433 ? r_angle_other_deg            ? ? 
'X-RAY DIFFRACTION' ? 6.113  5.000  128  ? r_dihedral_angle_1_deg       ? ? 
'X-RAY DIFFRACTION' ? 31.470 24.524 42   ? r_dihedral_angle_2_deg       ? ? 
'X-RAY DIFFRACTION' ? 18.260 15.000 180  ? r_dihedral_angle_3_deg       ? ? 
'X-RAY DIFFRACTION' ? 21.707 15.000 4    ? r_dihedral_angle_4_deg       ? ? 
'X-RAY DIFFRACTION' ? 0.129  0.200  169  ? r_chiral_restr               ? ? 
'X-RAY DIFFRACTION' ? 0.009  0.020  1173 ? r_gen_planes_refined         ? ? 
'X-RAY DIFFRACTION' ? 0.003  0.020  238  ? r_gen_planes_other           ? ? 
'X-RAY DIFFRACTION' ? ?      ?      ?    ? r_nbd_refined                ? ? 
'X-RAY DIFFRACTION' ? ?      ?      ?    ? r_nbd_other                  ? ? 
'X-RAY DIFFRACTION' ? ?      ?      ?    ? r_nbtor_refined              ? ? 
'X-RAY DIFFRACTION' ? ?      ?      ?    ? r_nbtor_other                ? ? 
'X-RAY DIFFRACTION' ? ?      ?      ?    ? r_xyhbond_nbd_refined        ? ? 
'X-RAY DIFFRACTION' ? ?      ?      ?    ? r_xyhbond_nbd_other          ? ? 
'X-RAY DIFFRACTION' ? ?      ?      ?    ? r_metal_ion_refined          ? ? 
'X-RAY DIFFRACTION' ? ?      ?      ?    ? r_metal_ion_other            ? ? 
'X-RAY DIFFRACTION' ? ?      ?      ?    ? r_symmetry_vdw_refined       ? ? 
'X-RAY DIFFRACTION' ? ?      ?      ?    ? r_symmetry_vdw_other         ? ? 
'X-RAY DIFFRACTION' ? ?      ?      ?    ? r_symmetry_hbond_refined     ? ? 
'X-RAY DIFFRACTION' ? ?      ?      ?    ? r_symmetry_hbond_other       ? ? 
'X-RAY DIFFRACTION' ? ?      ?      ?    ? r_symmetry_metal_ion_refined ? ? 
'X-RAY DIFFRACTION' ? ?      ?      ?    ? r_symmetry_metal_ion_other   ? ? 
'X-RAY DIFFRACTION' ? 4.654  4.918  521  ? r_mcbond_it                  ? ? 
'X-RAY DIFFRACTION' ? 4.618  4.911  520  ? r_mcbond_other               ? ? 
'X-RAY DIFFRACTION' ? 6.321  7.333  646  ? r_mcangle_it                 ? ? 
'X-RAY DIFFRACTION' ? 6.328  7.343  647  ? r_mcangle_other              ? ? 
'X-RAY DIFFRACTION' ? 6.511  5.670  556  ? r_scbond_it                  ? ? 
'X-RAY DIFFRACTION' ? 6.383  5.653  552  ? r_scbond_other               ? ? 
'X-RAY DIFFRACTION' ? ?      ?      ?    ? r_scangle_it                 ? ? 
'X-RAY DIFFRACTION' ? 9.118  8.148  811  ? r_scangle_other              ? ? 
'X-RAY DIFFRACTION' ? 11.090 41.153 1273 ? r_long_range_B_refined       ? ? 
'X-RAY DIFFRACTION' ? 11.031 40.922 1261 ? r_long_range_B_other         ? ? 
'X-RAY DIFFRACTION' ? ?      ?      ?    ? r_rigid_bond_restr           ? ? 
'X-RAY DIFFRACTION' ? ?      ?      ?    ? r_sphericity_free            ? ? 
'X-RAY DIFFRACTION' ? ?      ?      ?    ? r_sphericity_bonded          ? ? 
# 
_refine_ls_shell.pdbx_refine_id                   'X-RAY DIFFRACTION' 
_refine_ls_shell.d_res_high                       2.200 
_refine_ls_shell.d_res_low                        2.257 
_refine_ls_shell.number_reflns_all                ? 
_refine_ls_shell.number_reflns_obs                ? 
_refine_ls_shell.number_reflns_R_free             32 
_refine_ls_shell.number_reflns_R_work             665 
_refine_ls_shell.percent_reflns_obs               90.05 
_refine_ls_shell.percent_reflns_R_free            ? 
_refine_ls_shell.R_factor_all                     ? 
_refine_ls_shell.R_factor_obs                     ? 
_refine_ls_shell.R_factor_R_free                  0.448 
_refine_ls_shell.R_factor_R_free_error            ? 
_refine_ls_shell.R_factor_R_work                  0.425 
_refine_ls_shell.redundancy_reflns_all            ? 
_refine_ls_shell.redundancy_reflns_obs            ? 
_refine_ls_shell.wR_factor_all                    ? 
_refine_ls_shell.wR_factor_obs                    ? 
_refine_ls_shell.wR_factor_R_free                 ? 
_refine_ls_shell.wR_factor_R_work                 ? 
_refine_ls_shell.pdbx_total_number_of_bins_used   20 
_refine_ls_shell.pdbx_phase_error                 ? 
_refine_ls_shell.pdbx_fsc_work                    ? 
_refine_ls_shell.pdbx_fsc_free                    ? 
# 
_struct.entry_id                     5OIA 
_struct.title                        
;Dissociation of biochemical and antiretroviral activities of Integrase-LEDGF Allosteric Inhibitors revealed by resistance of A125 polymorphic HIV-1
;
_struct.pdbx_model_details           ? 
_struct.pdbx_formula_weight          ? 
_struct.pdbx_formula_weight_method   ? 
_struct.pdbx_model_type_details      ? 
_struct.pdbx_CASP_flag               N 
# 
_struct_keywords.entry_id        5OIA 
_struct_keywords.text            'HIV-1, Integrase, Catalytic core domain, VIRAL PROTEIN' 
_struct_keywords.pdbx_keywords   'VIRAL PROTEIN' 
# 
loop_
_struct_asym.id 
_struct_asym.pdbx_blank_PDB_chainid_flag 
_struct_asym.pdbx_modified 
_struct_asym.entity_id 
_struct_asym.details 
A N N 1 ? 
B N N 2 ? 
C N N 2 ? 
D N N 3 ? 
E N N 4 ? 
F N N 5 ? 
# 
_struct_ref.id                         1 
_struct_ref.db_name                    UNP 
_struct_ref.db_code                    I0BY59_9HIV1 
_struct_ref.pdbx_db_accession          I0BY59 
_struct_ref.pdbx_db_isoform            ? 
_struct_ref.entity_id                  1 
_struct_ref.pdbx_seq_one_letter_code   
;MHGQVDCSPGIWQLDCTHLEGKVILVAVHVASGYIEAEVIPAETGQETAYFLLKLAGRWPVKTVHTDNGSNFTSTAVKAA
CWWAGIKQEFGIPYNPQSQGVVESMNKELKKIIGQVRDQAEHLKTAVQMAVFIHNFKRKGGIGGYSAGERIVDIIASDIQ
TKE
;
_struct_ref.pdbx_align_begin           50 
# 
_struct_ref_seq.align_id                      1 
_struct_ref_seq.ref_id                        1 
_struct_ref_seq.pdbx_PDB_id_code              5OIA 
_struct_ref_seq.pdbx_strand_id                A 
_struct_ref_seq.seq_align_beg                 20 
_struct_ref_seq.pdbx_seq_align_beg_ins_code   ? 
_struct_ref_seq.seq_align_end                 182 
_struct_ref_seq.pdbx_seq_align_end_ins_code   ? 
_struct_ref_seq.pdbx_db_accession             I0BY59 
_struct_ref_seq.db_align_beg                  50 
_struct_ref_seq.pdbx_db_align_beg_ins_code    ? 
_struct_ref_seq.db_align_end                  212 
_struct_ref_seq.pdbx_db_align_end_ins_code    ? 
_struct_ref_seq.pdbx_auth_seq_align_beg       50 
_struct_ref_seq.pdbx_auth_seq_align_end       212 
# 
loop_
_struct_ref_seq_dif.align_id 
_struct_ref_seq_dif.pdbx_pdb_id_code 
_struct_ref_seq_dif.mon_id 
_struct_ref_seq_dif.pdbx_pdb_strand_id 
_struct_ref_seq_dif.seq_num 
_struct_ref_seq_dif.pdbx_pdb_ins_code 
_struct_ref_seq_dif.pdbx_seq_db_name 
_struct_ref_seq_dif.pdbx_seq_db_accession_code 
_struct_ref_seq_dif.db_mon_id 
_struct_ref_seq_dif.pdbx_seq_db_seq_num 
_struct_ref_seq_dif.details 
_struct_ref_seq_dif.pdbx_auth_seq_num 
_struct_ref_seq_dif.pdbx_ordinal 
1 5OIA MET A 1   ? UNP I0BY59 ?   ?   'initiating methionine' 31  1  
1 5OIA GLY A 2   ? UNP I0BY59 ?   ?   'expression tag'        32  2  
1 5OIA SER A 3   ? UNP I0BY59 ?   ?   'expression tag'        33  3  
1 5OIA SER A 4   ? UNP I0BY59 ?   ?   'expression tag'        34  4  
1 5OIA HIS A 5   ? UNP I0BY59 ?   ?   'expression tag'        35  5  
1 5OIA HIS A 6   ? UNP I0BY59 ?   ?   'expression tag'        36  6  
1 5OIA HIS A 7   ? UNP I0BY59 ?   ?   'expression tag'        37  7  
1 5OIA HIS A 8   ? UNP I0BY59 ?   ?   'expression tag'        38  8  
1 5OIA HIS A 9   ? UNP I0BY59 ?   ?   'expression tag'        39  9  
1 5OIA HIS A 10  ? UNP I0BY59 ?   ?   'expression tag'        40  10 
1 5OIA SER A 11  ? UNP I0BY59 ?   ?   'expression tag'        41  11 
1 5OIA SER A 12  ? UNP I0BY59 ?   ?   'expression tag'        42  12 
1 5OIA GLY A 13  ? UNP I0BY59 ?   ?   'expression tag'        43  13 
1 5OIA LEU A 14  ? UNP I0BY59 ?   ?   'expression tag'        44  14 
1 5OIA VAL A 15  ? UNP I0BY59 ?   ?   'expression tag'        45  15 
1 5OIA PRO A 16  ? UNP I0BY59 ?   ?   'expression tag'        46  16 
1 5OIA ARG A 17  ? UNP I0BY59 ?   ?   'expression tag'        47  17 
1 5OIA GLY A 18  ? UNP I0BY59 ?   ?   'expression tag'        48  18 
1 5OIA SER A 19  ? UNP I0BY59 ?   ?   'expression tag'        49  19 
1 5OIA ALA A 94  ? UNP I0BY59 THR 124 conflict                124 20 
1 5OIA LYS A 155 ? UNP I0BY59 PHE 185 conflict                185 21 
1 5OIA THR A 176 ? UNP I0BY59 SER 206 conflict                206 22 
# 
_pdbx_struct_assembly.id                   1 
_pdbx_struct_assembly.details              software_defined_assembly 
_pdbx_struct_assembly.method_details       PISA 
_pdbx_struct_assembly.oligomeric_details   dimeric 
_pdbx_struct_assembly.oligomeric_count     2 
# 
loop_
_pdbx_struct_assembly_prop.biol_id 
_pdbx_struct_assembly_prop.type 
_pdbx_struct_assembly_prop.value 
_pdbx_struct_assembly_prop.details 
1 'ABSA (A^2)' 4440  ? 
1 MORE         -80   ? 
1 'SSA (A^2)'  11350 ? 
# 
_pdbx_struct_assembly_gen.assembly_id       1 
_pdbx_struct_assembly_gen.oper_expression   1,2 
_pdbx_struct_assembly_gen.asym_id_list      A,B,C,D,E,F 
# 
_pdbx_struct_assembly_auth_evidence.id                     1 
_pdbx_struct_assembly_auth_evidence.assembly_id            1 
_pdbx_struct_assembly_auth_evidence.experimental_support   none 
_pdbx_struct_assembly_auth_evidence.details                ? 
# 
loop_
_pdbx_struct_oper_list.id 
_pdbx_struct_oper_list.type 
_pdbx_struct_oper_list.name 
_pdbx_struct_oper_list.symmetry_operation 
_pdbx_struct_oper_list.matrix[1][1] 
_pdbx_struct_oper_list.matrix[1][2] 
_pdbx_struct_oper_list.matrix[1][3] 
_pdbx_struct_oper_list.vector[1] 
_pdbx_struct_oper_list.matrix[2][1] 
_pdbx_struct_oper_list.matrix[2][2] 
_pdbx_struct_oper_list.matrix[2][3] 
_pdbx_struct_oper_list.vector[2] 
_pdbx_struct_oper_list.matrix[3][1] 
_pdbx_struct_oper_list.matrix[3][2] 
_pdbx_struct_oper_list.matrix[3][3] 
_pdbx_struct_oper_list.vector[3] 
1 'identity operation'         1_555 x,y,z         1.0000000000  0.0000000000  0.0000000000 0.0000000000 0.0000000000  1.0000000000  0.0000000000  0.0000000000  0.0000000000 0.0000000000  1.0000000000 0.0000000000 
2 'crystal symmetry operation' 5_555 x-y,-y,-z+2/3 -0.9330976262 -0.1857734030 0.3079237937 1.6288902501 -0.1857734030 -0.4841474927 -0.8550376881 15.9050374333 0.3079237937 -0.8550376881 0.4172451189 9.2417551457 
# 
loop_
_struct_conf.conf_type_id 
_struct_conf.id 
_struct_conf.pdbx_PDB_helix_id 
_struct_conf.beg_label_comp_id 
_struct_conf.beg_label_asym_id 
_struct_conf.beg_label_seq_id 
_struct_conf.pdbx_beg_PDB_ins_code 
_struct_conf.end_label_comp_id 
_struct_conf.end_label_asym_id 
_struct_conf.end_label_seq_id 
_struct_conf.pdbx_end_PDB_ins_code 
_struct_conf.beg_auth_comp_id 
_struct_conf.beg_auth_asym_id 
_struct_conf.beg_auth_seq_id 
_struct_conf.end_auth_comp_id 
_struct_conf.end_auth_asym_id 
_struct_conf.end_auth_seq_id 
_struct_conf.pdbx_PDB_helix_class 
_struct_conf.details 
_struct_conf.pdbx_PDB_helix_length 
HELX_P HELX_P1 AA1 THR A 63  ? TRP A 78  ? THR A 93  TRP A 108 1 ? 16 
HELX_P HELX_P2 AA2 ASN A 87  ? THR A 92  ? ASN A 117 THR A 122 5 ? 6  
HELX_P HELX_P3 AA3 SER A 93  ? GLY A 104 ? SER A 123 GLY A 134 1 ? 12 
HELX_P HELX_P4 AA4 ASN A 125 ? ARG A 136 ? ASN A 155 ARG A 166 1 ? 12 
HELX_P HELX_P5 AA5 ASP A 137 ? ALA A 139 ? ASP A 167 ALA A 169 5 ? 3  
HELX_P HELX_P6 AA6 HIS A 141 ? LYS A 156 ? HIS A 171 LYS A 186 1 ? 16 
HELX_P HELX_P7 AA7 SER A 165 ? ILE A 178 ? SER A 195 ILE A 208 1 ? 14 
# 
_struct_conf_type.id          HELX_P 
_struct_conf_type.criteria    ? 
_struct_conf_type.reference   ? 
# 
loop_
_struct_conn.id 
_struct_conn.conn_type_id 
_struct_conn.pdbx_leaving_atom_flag 
_struct_conn.pdbx_PDB_id 
_struct_conn.ptnr1_label_asym_id 
_struct_conn.ptnr1_label_comp_id 
_struct_conn.ptnr1_label_seq_id 
_struct_conn.ptnr1_label_atom_id 
_struct_conn.pdbx_ptnr1_label_alt_id 
_struct_conn.pdbx_ptnr1_PDB_ins_code 
_struct_conn.pdbx_ptnr1_standard_comp_id 
_struct_conn.ptnr1_symmetry 
_struct_conn.ptnr2_label_asym_id 
_struct_conn.ptnr2_label_comp_id 
_struct_conn.ptnr2_label_seq_id 
_struct_conn.ptnr2_label_atom_id 
_struct_conn.pdbx_ptnr2_label_alt_id 
_struct_conn.pdbx_ptnr2_PDB_ins_code 
_struct_conn.ptnr1_auth_asym_id 
_struct_conn.ptnr1_auth_comp_id 
_struct_conn.ptnr1_auth_seq_id 
_struct_conn.ptnr2_auth_asym_id 
_struct_conn.ptnr2_auth_comp_id 
_struct_conn.ptnr2_auth_seq_id 
_struct_conn.ptnr2_symmetry 
_struct_conn.pdbx_ptnr3_label_atom_id 
_struct_conn.pdbx_ptnr3_label_seq_id 
_struct_conn.pdbx_ptnr3_label_comp_id 
_struct_conn.pdbx_ptnr3_label_asym_id 
_struct_conn.pdbx_ptnr3_label_alt_id 
_struct_conn.pdbx_ptnr3_PDB_ins_code 
_struct_conn.details 
_struct_conn.pdbx_dist_value 
_struct_conn.pdbx_value_order 
_struct_conn.pdbx_role 
covale1 covale both ? A ASP 34  C  ? ? ? 1_555 A CAS 35  N ? ? A ASP 64  A CAS 65  1_555 ? ? ? ? ? ? ? 1.321 ? ? 
covale2 covale both ? A CAS 35  C  ? ? ? 1_555 A THR 36  N ? ? A CAS 65  A THR 66  1_555 ? ? ? ? ? ? ? 1.344 ? ? 
covale3 covale both ? A ALA 99  C  ? ? ? 1_555 A CAS 100 N ? ? A ALA 129 A CAS 130 1_555 ? ? ? ? ? ? ? 1.321 ? ? 
covale4 covale both ? A CAS 100 C  ? ? ? 1_555 A TRP 101 N ? ? A CAS 130 A TRP 131 1_555 ? ? ? ? ? ? ? 1.326 ? ? 
metalc1 metalc ?    ? C MG  .   MG ? ? ? 1_555 F HOH .   O ? ? A MG  302 A HOH 435 1_555 ? ? ? ? ? ? ? 2.773 ? ? 
metalc2 metalc ?    ? C MG  .   MG ? ? ? 1_555 F HOH .   O ? ? A MG  302 A HOH 441 1_555 ? ? ? ? ? ? ? 2.702 ? ? 
# 
loop_
_struct_conn_type.id 
_struct_conn_type.criteria 
_struct_conn_type.reference 
covale ? ? 
metalc ? ? 
# 
_pdbx_struct_conn_angle.id                    1 
_pdbx_struct_conn_angle.ptnr1_label_atom_id   O 
_pdbx_struct_conn_angle.ptnr1_label_alt_id    ? 
_pdbx_struct_conn_angle.ptnr1_label_asym_id   F 
_pdbx_struct_conn_angle.ptnr1_label_comp_id   HOH 
_pdbx_struct_conn_angle.ptnr1_label_seq_id    . 
_pdbx_struct_conn_angle.ptnr1_auth_atom_id    ? 
_pdbx_struct_conn_angle.ptnr1_auth_asym_id    A 
_pdbx_struct_conn_angle.ptnr1_auth_comp_id    HOH 
_pdbx_struct_conn_angle.ptnr1_auth_seq_id     435 
_pdbx_struct_conn_angle.ptnr1_PDB_ins_code    ? 
_pdbx_struct_conn_angle.ptnr1_symmetry        1_555 
_pdbx_struct_conn_angle.ptnr2_label_atom_id   MG 
_pdbx_struct_conn_angle.ptnr2_label_alt_id    ? 
_pdbx_struct_conn_angle.ptnr2_label_asym_id   C 
_pdbx_struct_conn_angle.ptnr2_label_comp_id   MG 
_pdbx_struct_conn_angle.ptnr2_label_seq_id    . 
_pdbx_struct_conn_angle.ptnr2_auth_atom_id    ? 
_pdbx_struct_conn_angle.ptnr2_auth_asym_id    A 
_pdbx_struct_conn_angle.ptnr2_auth_comp_id    MG 
_pdbx_struct_conn_angle.ptnr2_auth_seq_id     302 
_pdbx_struct_conn_angle.ptnr2_PDB_ins_code    ? 
_pdbx_struct_conn_angle.ptnr2_symmetry        1_555 
_pdbx_struct_conn_angle.ptnr3_label_atom_id   O 
_pdbx_struct_conn_angle.ptnr3_label_alt_id    ? 
_pdbx_struct_conn_angle.ptnr3_label_asym_id   F 
_pdbx_struct_conn_angle.ptnr3_label_comp_id   HOH 
_pdbx_struct_conn_angle.ptnr3_label_seq_id    . 
_pdbx_struct_conn_angle.ptnr3_auth_atom_id    ? 
_pdbx_struct_conn_angle.ptnr3_auth_asym_id    A 
_pdbx_struct_conn_angle.ptnr3_auth_comp_id    HOH 
_pdbx_struct_conn_angle.ptnr3_auth_seq_id     441 
_pdbx_struct_conn_angle.ptnr3_PDB_ins_code    ? 
_pdbx_struct_conn_angle.ptnr3_symmetry        1_555 
_pdbx_struct_conn_angle.value                 132.0 
_pdbx_struct_conn_angle.value_esd             ? 
# 
loop_
_pdbx_modification_feature.ordinal 
_pdbx_modification_feature.label_comp_id 
_pdbx_modification_feature.label_asym_id 
_pdbx_modification_feature.label_seq_id 
_pdbx_modification_feature.label_alt_id 
_pdbx_modification_feature.modified_residue_label_comp_id 
_pdbx_modification_feature.modified_residue_label_asym_id 
_pdbx_modification_feature.modified_residue_label_seq_id 
_pdbx_modification_feature.modified_residue_label_alt_id 
_pdbx_modification_feature.auth_comp_id 
_pdbx_modification_feature.auth_asym_id 
_pdbx_modification_feature.auth_seq_id 
_pdbx_modification_feature.PDB_ins_code 
_pdbx_modification_feature.symmetry 
_pdbx_modification_feature.modified_residue_auth_comp_id 
_pdbx_modification_feature.modified_residue_auth_asym_id 
_pdbx_modification_feature.modified_residue_auth_seq_id 
_pdbx_modification_feature.modified_residue_PDB_ins_code 
_pdbx_modification_feature.modified_residue_symmetry 
_pdbx_modification_feature.comp_id_linking_atom 
_pdbx_modification_feature.modified_residue_id_linking_atom 
_pdbx_modification_feature.modified_residue_id 
_pdbx_modification_feature.ref_pcm_id 
_pdbx_modification_feature.ref_comp_id 
_pdbx_modification_feature.type 
_pdbx_modification_feature.category 
1 CAS A 35  ? . . . . CAS A 65  ? 1_555 . . . . . . . CYS 1 CAS None 'Non-standard residue' 
2 CAS A 100 ? . . . . CAS A 130 ? 1_555 . . . . . . . CYS 1 CAS None 'Non-standard residue' 
# 
_struct_sheet.id               AA1 
_struct_sheet.type             ? 
_struct_sheet.number_strands   4 
_struct_sheet.details          ? 
# 
loop_
_struct_sheet_order.sheet_id 
_struct_sheet_order.range_id_1 
_struct_sheet_order.range_id_2 
_struct_sheet_order.offset 
_struct_sheet_order.sense 
AA1 1 2 ? anti-parallel 
AA1 2 3 ? anti-parallel 
AA1 3 4 ? parallel      
# 
loop_
_struct_sheet_range.sheet_id 
_struct_sheet_range.id 
_struct_sheet_range.beg_label_comp_id 
_struct_sheet_range.beg_label_asym_id 
_struct_sheet_range.beg_label_seq_id 
_struct_sheet_range.pdbx_beg_PDB_ins_code 
_struct_sheet_range.end_label_comp_id 
_struct_sheet_range.end_label_asym_id 
_struct_sheet_range.end_label_seq_id 
_struct_sheet_range.pdbx_end_PDB_ins_code 
_struct_sheet_range.beg_auth_comp_id 
_struct_sheet_range.beg_auth_asym_id 
_struct_sheet_range.beg_auth_seq_id 
_struct_sheet_range.end_auth_comp_id 
_struct_sheet_range.end_auth_asym_id 
_struct_sheet_range.end_auth_seq_id 
AA1 1 ILE A 54 ? ILE A 59 ? ILE A 84  ILE A 89  
AA1 2 LYS A 41 ? HIS A 48 ? LYS A 71  HIS A 78  
AA1 3 ILE A 30 ? LEU A 38 ? ILE A 60  LEU A 68  
AA1 4 THR A 82 ? HIS A 84 ? THR A 112 HIS A 114 
# 
loop_
_pdbx_struct_sheet_hbond.sheet_id 
_pdbx_struct_sheet_hbond.range_id_1 
_pdbx_struct_sheet_hbond.range_id_2 
_pdbx_struct_sheet_hbond.range_1_label_atom_id 
_pdbx_struct_sheet_hbond.range_1_label_comp_id 
_pdbx_struct_sheet_hbond.range_1_label_asym_id 
_pdbx_struct_sheet_hbond.range_1_label_seq_id 
_pdbx_struct_sheet_hbond.range_1_PDB_ins_code 
_pdbx_struct_sheet_hbond.range_1_auth_atom_id 
_pdbx_struct_sheet_hbond.range_1_auth_comp_id 
_pdbx_struct_sheet_hbond.range_1_auth_asym_id 
_pdbx_struct_sheet_hbond.range_1_auth_seq_id 
_pdbx_struct_sheet_hbond.range_2_label_atom_id 
_pdbx_struct_sheet_hbond.range_2_label_comp_id 
_pdbx_struct_sheet_hbond.range_2_label_asym_id 
_pdbx_struct_sheet_hbond.range_2_label_seq_id 
_pdbx_struct_sheet_hbond.range_2_PDB_ins_code 
_pdbx_struct_sheet_hbond.range_2_auth_atom_id 
_pdbx_struct_sheet_hbond.range_2_auth_comp_id 
_pdbx_struct_sheet_hbond.range_2_auth_asym_id 
_pdbx_struct_sheet_hbond.range_2_auth_seq_id 
AA1 1 2 O GLU A 57 ? O GLU A 87 N LEU A 44 ? N LEU A 74  
AA1 2 3 O ILE A 43 ? O ILE A 73 N THR A 36 ? N THR A 66  
AA1 3 4 N TRP A 31 ? N TRP A 61 O HIS A 84 ? O HIS A 114 
# 
loop_
_struct_site.id 
_struct_site.pdbx_evidence_code 
_struct_site.pdbx_auth_asym_id 
_struct_site.pdbx_auth_comp_id 
_struct_site.pdbx_auth_seq_id 
_struct_site.pdbx_auth_ins_code 
_struct_site.pdbx_num_residues 
_struct_site.details 
AC1 Software A MG  301 ? 3  'binding site for residue MG A 301'  
AC2 Software A MG  302 ? 4  'binding site for residue MG A 302'  
AC3 Software A 9VK 303 ? 10 'binding site for residue 9VK A 303' 
AC4 Software A SO4 304 ? 4  'binding site for residue SO4 A 304' 
# 
loop_
_struct_site_gen.id 
_struct_site_gen.site_id 
_struct_site_gen.pdbx_num_res 
_struct_site_gen.label_comp_id 
_struct_site_gen.label_asym_id 
_struct_site_gen.label_seq_id 
_struct_site_gen.pdbx_auth_ins_code 
_struct_site_gen.auth_comp_id 
_struct_site_gen.auth_asym_id 
_struct_site_gen.auth_seq_id 
_struct_site_gen.label_atom_id 
_struct_site_gen.label_alt_id 
_struct_site_gen.symmetry 
_struct_site_gen.details 
1  AC1 3  ASP A 34  ? ASP A 64  . ? 1_555 ? 
2  AC1 3  CAS A 35  ? CAS A 65  . ? 1_555 ? 
3  AC1 3  ASN A 90  ? ASN A 120 . ? 1_555 ? 
4  AC2 4  SER A 93  ? SER A 123 . ? 1_555 ? 
5  AC2 4  ALA A 95  ? ALA A 125 . ? 1_555 ? 
6  AC2 4  HOH F .   ? HOH A 435 . ? 1_555 ? 
7  AC2 4  HOH F .   ? HOH A 441 . ? 1_555 ? 
8  AC3 10 GLN A 65  ? GLN A 95  . ? 5_555 ? 
9  AC3 10 ALA A 95  ? ALA A 125 . ? 5_555 ? 
10 AC3 10 ALA A 98  ? ALA A 128 . ? 5_555 ? 
11 AC3 10 TRP A 102 ? TRP A 132 . ? 5_555 ? 
12 AC3 10 ALA A 139 ? ALA A 169 . ? 1_555 ? 
13 AC3 10 GLU A 140 ? GLU A 170 . ? 1_555 ? 
14 AC3 10 HIS A 141 ? HIS A 171 . ? 1_555 ? 
15 AC3 10 THR A 144 ? THR A 174 . ? 1_555 ? 
16 AC3 10 HOH F .   ? HOH A 414 . ? 1_555 ? 
17 AC3 10 HOH F .   ? HOH A 428 . ? 1_555 ? 
18 AC4 4  LYS A 41  ? LYS A 71  . ? 1_555 ? 
19 AC4 4  HIS A 141 ? HIS A 171 . ? 1_555 ? 
20 AC4 4  LEU A 142 ? LEU A 172 . ? 1_555 ? 
21 AC4 4  HOH F .   ? HOH A 408 . ? 1_555 ? 
# 
_pdbx_entry_details.entry_id                   5OIA 
_pdbx_entry_details.compound_details           ? 
_pdbx_entry_details.source_details             ? 
_pdbx_entry_details.nonpolymer_details         ? 
_pdbx_entry_details.sequence_details           ? 
_pdbx_entry_details.has_ligand_of_interest     ? 
_pdbx_entry_details.has_protein_modification   Y 
# 
_pdbx_validate_torsion.id              1 
_pdbx_validate_torsion.PDB_model_num   1 
_pdbx_validate_torsion.auth_comp_id    GLU 
_pdbx_validate_torsion.auth_asym_id    A 
_pdbx_validate_torsion.auth_seq_id     92 
_pdbx_validate_torsion.PDB_ins_code    ? 
_pdbx_validate_torsion.label_alt_id    ? 
_pdbx_validate_torsion.phi             -69.23 
_pdbx_validate_torsion.psi             82.82 
# 
loop_
_pdbx_struct_mod_residue.id 
_pdbx_struct_mod_residue.label_asym_id 
_pdbx_struct_mod_residue.label_comp_id 
_pdbx_struct_mod_residue.label_seq_id 
_pdbx_struct_mod_residue.auth_asym_id 
_pdbx_struct_mod_residue.auth_comp_id 
_pdbx_struct_mod_residue.auth_seq_id 
_pdbx_struct_mod_residue.PDB_ins_code 
_pdbx_struct_mod_residue.parent_comp_id 
_pdbx_struct_mod_residue.details 
1 A CAS 35  A CAS 65  ? CYS 'modified residue' 
2 A CAS 100 A CAS 130 ? CYS 'modified residue' 
# 
loop_
_pdbx_unobs_or_zero_occ_residues.id 
_pdbx_unobs_or_zero_occ_residues.PDB_model_num 
_pdbx_unobs_or_zero_occ_residues.polymer_flag 
_pdbx_unobs_or_zero_occ_residues.occupancy_flag 
_pdbx_unobs_or_zero_occ_residues.auth_asym_id 
_pdbx_unobs_or_zero_occ_residues.auth_comp_id 
_pdbx_unobs_or_zero_occ_residues.auth_seq_id 
_pdbx_unobs_or_zero_occ_residues.PDB_ins_code 
_pdbx_unobs_or_zero_occ_residues.label_asym_id 
_pdbx_unobs_or_zero_occ_residues.label_comp_id 
_pdbx_unobs_or_zero_occ_residues.label_seq_id 
1  1 Y 1 A MET 31  ? A MET 1   
2  1 Y 1 A GLY 32  ? A GLY 2   
3  1 Y 1 A SER 33  ? A SER 3   
4  1 Y 1 A SER 34  ? A SER 4   
5  1 Y 1 A HIS 35  ? A HIS 5   
6  1 Y 1 A HIS 36  ? A HIS 6   
7  1 Y 1 A HIS 37  ? A HIS 7   
8  1 Y 1 A HIS 38  ? A HIS 8   
9  1 Y 1 A HIS 39  ? A HIS 9   
10 1 Y 1 A HIS 40  ? A HIS 10  
11 1 Y 1 A SER 41  ? A SER 11  
12 1 Y 1 A SER 42  ? A SER 12  
13 1 Y 1 A GLY 43  ? A GLY 13  
14 1 Y 1 A LEU 44  ? A LEU 14  
15 1 Y 1 A VAL 45  ? A VAL 15  
16 1 Y 1 A PRO 46  ? A PRO 16  
17 1 Y 1 A ARG 47  ? A ARG 17  
18 1 Y 1 A GLY 48  ? A GLY 18  
19 1 Y 1 A SER 49  ? A SER 19  
20 1 Y 1 A MET 50  ? A MET 20  
21 1 Y 1 A HIS 51  ? A HIS 21  
22 1 Y 1 A GLY 52  ? A GLY 22  
23 1 Y 1 A GLN 53  ? A GLN 23  
24 1 Y 1 A VAL 54  ? A VAL 24  
25 1 Y 1 A ASP 55  ? A ASP 25  
26 1 Y 1 A CYS 56  ? A CYS 26  
27 1 Y 1 A GLU 138 ? A GLU 108 
28 1 Y 1 A PHE 139 ? A PHE 109 
29 1 Y 1 A GLY 140 ? A GLY 110 
30 1 Y 1 A ILE 141 ? A ILE 111 
31 1 Y 1 A PRO 142 ? A PRO 112 
32 1 Y 1 A TYR 143 ? A TYR 113 
33 1 Y 1 A ASN 144 ? A ASN 114 
34 1 Y 1 A PRO 145 ? A PRO 115 
35 1 Y 1 A GLN 146 ? A GLN 116 
36 1 Y 1 A SER 147 ? A SER 117 
37 1 Y 1 A GLN 148 ? A GLN 118 
38 1 Y 1 A GLY 149 ? A GLY 119 
39 1 Y 1 A VAL 150 ? A VAL 120 
40 1 Y 1 A VAL 151 ? A VAL 121 
41 1 Y 1 A GLU 152 ? A GLU 122 
42 1 Y 1 A SER 153 ? A SER 123 
43 1 Y 1 A GLY 189 ? A GLY 159 
44 1 Y 1 A GLY 190 ? A GLY 160 
45 1 Y 1 A ILE 191 ? A ILE 161 
46 1 Y 1 A GLY 192 ? A GLY 162 
47 1 Y 1 A GLY 193 ? A GLY 163 
48 1 Y 1 A GLN 209 ? A GLN 179 
49 1 Y 1 A THR 210 ? A THR 180 
50 1 Y 1 A LYS 211 ? A LYS 181 
51 1 Y 1 A GLU 212 ? A GLU 182 
# 
loop_
_chem_comp_atom.comp_id 
_chem_comp_atom.atom_id 
_chem_comp_atom.type_symbol 
_chem_comp_atom.pdbx_aromatic_flag 
_chem_comp_atom.pdbx_stereo_config 
_chem_comp_atom.pdbx_ordinal 
9VK O4   O  N N 1   
9VK C3   C  N N 2   
9VK O5   O  N N 3   
9VK C1   C  N S 4   
9VK O2   O  N N 5   
9VK C6   C  N N 6   
9VK C9   C  N N 7   
9VK C8   C  N N 8   
9VK C7   C  N N 9   
9VK C22  C  Y N 10  
9VK C23  C  Y N 11  
9VK C26  C  N N 12  
9VK C25  C  N N 13  
9VK C27  C  N N 14  
9VK C28  C  N N 15  
9VK C29  C  N N 16  
9VK C54  C  N N 17  
9VK C53  C  N N 18  
9VK C24  C  N N 19  
9VK C21  C  Y N 20  
9VK S43  S  Y N 21  
9VK C20  C  Y N 22  
9VK C34  C  N N 23  
9VK C35  C  Y N 24  
9VK C39  C  Y N 25  
9VK C38  C  Y N 26  
9VK C37  C  Y N 27  
9VK C40  C  Y N 28  
9VK N36  N  Y N 29  
9VK H1   H  N N 30  
9VK H2   H  N N 31  
9VK H3   H  N N 32  
9VK H4   H  N N 33  
9VK H5   H  N N 34  
9VK H6   H  N N 35  
9VK H7   H  N N 36  
9VK H8   H  N N 37  
9VK H9   H  N N 38  
9VK H10  H  N N 39  
9VK H11  H  N N 40  
9VK H12  H  N N 41  
9VK H13  H  N N 42  
9VK H14  H  N N 43  
9VK H15  H  N N 44  
9VK H16  H  N N 45  
9VK H17  H  N N 46  
9VK H18  H  N N 47  
9VK H19  H  N N 48  
9VK H20  H  N N 49  
9VK H21  H  N N 50  
9VK H22  H  N N 51  
9VK H23  H  N N 52  
9VK H24  H  N N 53  
9VK H25  H  N N 54  
9VK H26  H  N N 55  
9VK H27  H  N N 56  
9VK H28  H  N N 57  
9VK H29  H  N N 58  
9VK H30  H  N N 59  
9VK H31  H  N N 60  
ALA N    N  N N 61  
ALA CA   C  N S 62  
ALA C    C  N N 63  
ALA O    O  N N 64  
ALA CB   C  N N 65  
ALA OXT  O  N N 66  
ALA H    H  N N 67  
ALA H2   H  N N 68  
ALA HA   H  N N 69  
ALA HB1  H  N N 70  
ALA HB2  H  N N 71  
ALA HB3  H  N N 72  
ALA HXT  H  N N 73  
ARG N    N  N N 74  
ARG CA   C  N S 75  
ARG C    C  N N 76  
ARG O    O  N N 77  
ARG CB   C  N N 78  
ARG CG   C  N N 79  
ARG CD   C  N N 80  
ARG NE   N  N N 81  
ARG CZ   C  N N 82  
ARG NH1  N  N N 83  
ARG NH2  N  N N 84  
ARG OXT  O  N N 85  
ARG H    H  N N 86  
ARG H2   H  N N 87  
ARG HA   H  N N 88  
ARG HB2  H  N N 89  
ARG HB3  H  N N 90  
ARG HG2  H  N N 91  
ARG HG3  H  N N 92  
ARG HD2  H  N N 93  
ARG HD3  H  N N 94  
ARG HE   H  N N 95  
ARG HH11 H  N N 96  
ARG HH12 H  N N 97  
ARG HH21 H  N N 98  
ARG HH22 H  N N 99  
ARG HXT  H  N N 100 
ASN N    N  N N 101 
ASN CA   C  N S 102 
ASN C    C  N N 103 
ASN O    O  N N 104 
ASN CB   C  N N 105 
ASN CG   C  N N 106 
ASN OD1  O  N N 107 
ASN ND2  N  N N 108 
ASN OXT  O  N N 109 
ASN H    H  N N 110 
ASN H2   H  N N 111 
ASN HA   H  N N 112 
ASN HB2  H  N N 113 
ASN HB3  H  N N 114 
ASN HD21 H  N N 115 
ASN HD22 H  N N 116 
ASN HXT  H  N N 117 
ASP N    N  N N 118 
ASP CA   C  N S 119 
ASP C    C  N N 120 
ASP O    O  N N 121 
ASP CB   C  N N 122 
ASP CG   C  N N 123 
ASP OD1  O  N N 124 
ASP OD2  O  N N 125 
ASP OXT  O  N N 126 
ASP H    H  N N 127 
ASP H2   H  N N 128 
ASP HA   H  N N 129 
ASP HB2  H  N N 130 
ASP HB3  H  N N 131 
ASP HD2  H  N N 132 
ASP HXT  H  N N 133 
CAS N    N  N N 134 
CAS CA   C  N R 135 
CAS CB   C  N N 136 
CAS C    C  N N 137 
CAS O    O  N N 138 
CAS OXT  O  N N 139 
CAS SG   S  N N 140 
CAS AS   AS N N 141 
CAS CE1  C  N N 142 
CAS CE2  C  N N 143 
CAS H    H  N N 144 
CAS H2   H  N N 145 
CAS HA   H  N N 146 
CAS HB2  H  N N 147 
CAS HB3  H  N N 148 
CAS HXT  H  N N 149 
CAS HE11 H  N N 150 
CAS HE12 H  N N 151 
CAS HE13 H  N N 152 
CAS HE21 H  N N 153 
CAS HE22 H  N N 154 
CAS HE23 H  N N 155 
CYS N    N  N N 156 
CYS CA   C  N R 157 
CYS C    C  N N 158 
CYS O    O  N N 159 
CYS CB   C  N N 160 
CYS SG   S  N N 161 
CYS OXT  O  N N 162 
CYS H    H  N N 163 
CYS H2   H  N N 164 
CYS HA   H  N N 165 
CYS HB2  H  N N 166 
CYS HB3  H  N N 167 
CYS HG   H  N N 168 
CYS HXT  H  N N 169 
GLN N    N  N N 170 
GLN CA   C  N S 171 
GLN C    C  N N 172 
GLN O    O  N N 173 
GLN CB   C  N N 174 
GLN CG   C  N N 175 
GLN CD   C  N N 176 
GLN OE1  O  N N 177 
GLN NE2  N  N N 178 
GLN OXT  O  N N 179 
GLN H    H  N N 180 
GLN H2   H  N N 181 
GLN HA   H  N N 182 
GLN HB2  H  N N 183 
GLN HB3  H  N N 184 
GLN HG2  H  N N 185 
GLN HG3  H  N N 186 
GLN HE21 H  N N 187 
GLN HE22 H  N N 188 
GLN HXT  H  N N 189 
GLU N    N  N N 190 
GLU CA   C  N S 191 
GLU C    C  N N 192 
GLU O    O  N N 193 
GLU CB   C  N N 194 
GLU CG   C  N N 195 
GLU CD   C  N N 196 
GLU OE1  O  N N 197 
GLU OE2  O  N N 198 
GLU OXT  O  N N 199 
GLU H    H  N N 200 
GLU H2   H  N N 201 
GLU HA   H  N N 202 
GLU HB2  H  N N 203 
GLU HB3  H  N N 204 
GLU HG2  H  N N 205 
GLU HG3  H  N N 206 
GLU HE2  H  N N 207 
GLU HXT  H  N N 208 
GLY N    N  N N 209 
GLY CA   C  N N 210 
GLY C    C  N N 211 
GLY O    O  N N 212 
GLY OXT  O  N N 213 
GLY H    H  N N 214 
GLY H2   H  N N 215 
GLY HA2  H  N N 216 
GLY HA3  H  N N 217 
GLY HXT  H  N N 218 
HIS N    N  N N 219 
HIS CA   C  N S 220 
HIS C    C  N N 221 
HIS O    O  N N 222 
HIS CB   C  N N 223 
HIS CG   C  Y N 224 
HIS ND1  N  Y N 225 
HIS CD2  C  Y N 226 
HIS CE1  C  Y N 227 
HIS NE2  N  Y N 228 
HIS OXT  O  N N 229 
HIS H    H  N N 230 
HIS H2   H  N N 231 
HIS HA   H  N N 232 
HIS HB2  H  N N 233 
HIS HB3  H  N N 234 
HIS HD1  H  N N 235 
HIS HD2  H  N N 236 
HIS HE1  H  N N 237 
HIS HE2  H  N N 238 
HIS HXT  H  N N 239 
HOH O    O  N N 240 
HOH H1   H  N N 241 
HOH H2   H  N N 242 
ILE N    N  N N 243 
ILE CA   C  N S 244 
ILE C    C  N N 245 
ILE O    O  N N 246 
ILE CB   C  N S 247 
ILE CG1  C  N N 248 
ILE CG2  C  N N 249 
ILE CD1  C  N N 250 
ILE OXT  O  N N 251 
ILE H    H  N N 252 
ILE H2   H  N N 253 
ILE HA   H  N N 254 
ILE HB   H  N N 255 
ILE HG12 H  N N 256 
ILE HG13 H  N N 257 
ILE HG21 H  N N 258 
ILE HG22 H  N N 259 
ILE HG23 H  N N 260 
ILE HD11 H  N N 261 
ILE HD12 H  N N 262 
ILE HD13 H  N N 263 
ILE HXT  H  N N 264 
LEU N    N  N N 265 
LEU CA   C  N S 266 
LEU C    C  N N 267 
LEU O    O  N N 268 
LEU CB   C  N N 269 
LEU CG   C  N N 270 
LEU CD1  C  N N 271 
LEU CD2  C  N N 272 
LEU OXT  O  N N 273 
LEU H    H  N N 274 
LEU H2   H  N N 275 
LEU HA   H  N N 276 
LEU HB2  H  N N 277 
LEU HB3  H  N N 278 
LEU HG   H  N N 279 
LEU HD11 H  N N 280 
LEU HD12 H  N N 281 
LEU HD13 H  N N 282 
LEU HD21 H  N N 283 
LEU HD22 H  N N 284 
LEU HD23 H  N N 285 
LEU HXT  H  N N 286 
LYS N    N  N N 287 
LYS CA   C  N S 288 
LYS C    C  N N 289 
LYS O    O  N N 290 
LYS CB   C  N N 291 
LYS CG   C  N N 292 
LYS CD   C  N N 293 
LYS CE   C  N N 294 
LYS NZ   N  N N 295 
LYS OXT  O  N N 296 
LYS H    H  N N 297 
LYS H2   H  N N 298 
LYS HA   H  N N 299 
LYS HB2  H  N N 300 
LYS HB3  H  N N 301 
LYS HG2  H  N N 302 
LYS HG3  H  N N 303 
LYS HD2  H  N N 304 
LYS HD3  H  N N 305 
LYS HE2  H  N N 306 
LYS HE3  H  N N 307 
LYS HZ1  H  N N 308 
LYS HZ2  H  N N 309 
LYS HZ3  H  N N 310 
LYS HXT  H  N N 311 
MET N    N  N N 312 
MET CA   C  N S 313 
MET C    C  N N 314 
MET O    O  N N 315 
MET CB   C  N N 316 
MET CG   C  N N 317 
MET SD   S  N N 318 
MET CE   C  N N 319 
MET OXT  O  N N 320 
MET H    H  N N 321 
MET H2   H  N N 322 
MET HA   H  N N 323 
MET HB2  H  N N 324 
MET HB3  H  N N 325 
MET HG2  H  N N 326 
MET HG3  H  N N 327 
MET HE1  H  N N 328 
MET HE2  H  N N 329 
MET HE3  H  N N 330 
MET HXT  H  N N 331 
MG  MG   MG N N 332 
PHE N    N  N N 333 
PHE CA   C  N S 334 
PHE C    C  N N 335 
PHE O    O  N N 336 
PHE CB   C  N N 337 
PHE CG   C  Y N 338 
PHE CD1  C  Y N 339 
PHE CD2  C  Y N 340 
PHE CE1  C  Y N 341 
PHE CE2  C  Y N 342 
PHE CZ   C  Y N 343 
PHE OXT  O  N N 344 
PHE H    H  N N 345 
PHE H2   H  N N 346 
PHE HA   H  N N 347 
PHE HB2  H  N N 348 
PHE HB3  H  N N 349 
PHE HD1  H  N N 350 
PHE HD2  H  N N 351 
PHE HE1  H  N N 352 
PHE HE2  H  N N 353 
PHE HZ   H  N N 354 
PHE HXT  H  N N 355 
PRO N    N  N N 356 
PRO CA   C  N S 357 
PRO C    C  N N 358 
PRO O    O  N N 359 
PRO CB   C  N N 360 
PRO CG   C  N N 361 
PRO CD   C  N N 362 
PRO OXT  O  N N 363 
PRO H    H  N N 364 
PRO HA   H  N N 365 
PRO HB2  H  N N 366 
PRO HB3  H  N N 367 
PRO HG2  H  N N 368 
PRO HG3  H  N N 369 
PRO HD2  H  N N 370 
PRO HD3  H  N N 371 
PRO HXT  H  N N 372 
SER N    N  N N 373 
SER CA   C  N S 374 
SER C    C  N N 375 
SER O    O  N N 376 
SER CB   C  N N 377 
SER OG   O  N N 378 
SER OXT  O  N N 379 
SER H    H  N N 380 
SER H2   H  N N 381 
SER HA   H  N N 382 
SER HB2  H  N N 383 
SER HB3  H  N N 384 
SER HG   H  N N 385 
SER HXT  H  N N 386 
SO4 S    S  N N 387 
SO4 O1   O  N N 388 
SO4 O2   O  N N 389 
SO4 O3   O  N N 390 
SO4 O4   O  N N 391 
THR N    N  N N 392 
THR CA   C  N S 393 
THR C    C  N N 394 
THR O    O  N N 395 
THR CB   C  N R 396 
THR OG1  O  N N 397 
THR CG2  C  N N 398 
THR OXT  O  N N 399 
THR H    H  N N 400 
THR H2   H  N N 401 
THR HA   H  N N 402 
THR HB   H  N N 403 
THR HG1  H  N N 404 
THR HG21 H  N N 405 
THR HG22 H  N N 406 
THR HG23 H  N N 407 
THR HXT  H  N N 408 
TRP N    N  N N 409 
TRP CA   C  N S 410 
TRP C    C  N N 411 
TRP O    O  N N 412 
TRP CB   C  N N 413 
TRP CG   C  Y N 414 
TRP CD1  C  Y N 415 
TRP CD2  C  Y N 416 
TRP NE1  N  Y N 417 
TRP CE2  C  Y N 418 
TRP CE3  C  Y N 419 
TRP CZ2  C  Y N 420 
TRP CZ3  C  Y N 421 
TRP CH2  C  Y N 422 
TRP OXT  O  N N 423 
TRP H    H  N N 424 
TRP H2   H  N N 425 
TRP HA   H  N N 426 
TRP HB2  H  N N 427 
TRP HB3  H  N N 428 
TRP HD1  H  N N 429 
TRP HE1  H  N N 430 
TRP HE3  H  N N 431 
TRP HZ2  H  N N 432 
TRP HZ3  H  N N 433 
TRP HH2  H  N N 434 
TRP HXT  H  N N 435 
TYR N    N  N N 436 
TYR CA   C  N S 437 
TYR C    C  N N 438 
TYR O    O  N N 439 
TYR CB   C  N N 440 
TYR CG   C  Y N 441 
TYR CD1  C  Y N 442 
TYR CD2  C  Y N 443 
TYR CE1  C  Y N 444 
TYR CE2  C  Y N 445 
TYR CZ   C  Y N 446 
TYR OH   O  N N 447 
TYR OXT  O  N N 448 
TYR H    H  N N 449 
TYR H2   H  N N 450 
TYR HA   H  N N 451 
TYR HB2  H  N N 452 
TYR HB3  H  N N 453 
TYR HD1  H  N N 454 
TYR HD2  H  N N 455 
TYR HE1  H  N N 456 
TYR HE2  H  N N 457 
TYR HH   H  N N 458 
TYR HXT  H  N N 459 
VAL N    N  N N 460 
VAL CA   C  N S 461 
VAL C    C  N N 462 
VAL O    O  N N 463 
VAL CB   C  N N 464 
VAL CG1  C  N N 465 
VAL CG2  C  N N 466 
VAL OXT  O  N N 467 
VAL H    H  N N 468 
VAL H2   H  N N 469 
VAL HA   H  N N 470 
VAL HB   H  N N 471 
VAL HG11 H  N N 472 
VAL HG12 H  N N 473 
VAL HG13 H  N N 474 
VAL HG21 H  N N 475 
VAL HG22 H  N N 476 
VAL HG23 H  N N 477 
VAL HXT  H  N N 478 
# 
loop_
_chem_comp_bond.comp_id 
_chem_comp_bond.atom_id_1 
_chem_comp_bond.atom_id_2 
_chem_comp_bond.value_order 
_chem_comp_bond.pdbx_aromatic_flag 
_chem_comp_bond.pdbx_stereo_config 
_chem_comp_bond.pdbx_ordinal 
9VK O5  C3   doub N N 1   
9VK C24 C25  sing N N 2   
9VK C24 C29  sing N N 3   
9VK C25 C26  sing N N 4   
9VK O4  C3   sing N N 5   
9VK C54 C29  sing N N 6   
9VK C3  C1   sing N N 7   
9VK C29 C53  sing N N 8   
9VK C29 C28  sing N N 9   
9VK C39 C38  doub Y N 10  
9VK C39 C35  sing Y N 11  
9VK C38 C37  sing Y N 12  
9VK C26 C23  sing N N 13  
9VK C26 C27  doub N N 14  
9VK C1  C22  sing N N 15  
9VK C1  O2   sing N N 16  
9VK C28 C27  sing N N 17  
9VK C23 C22  sing Y N 18  
9VK C23 C21  doub Y N 19  
9VK C22 C20  doub Y N 20  
9VK C21 C35  sing N N 21  
9VK C21 S43  sing Y N 22  
9VK C35 N36  doub Y N 23  
9VK C20 C34  sing N N 24  
9VK C20 S43  sing Y N 25  
9VK C37 C40  doub Y N 26  
9VK O2  C6   sing N N 27  
9VK N36 C40  sing Y N 28  
9VK C7  C6   sing N N 29  
9VK C6  C9   sing N N 30  
9VK C6  C8   sing N N 31  
9VK O4  H1   sing N N 32  
9VK C1  H2   sing N N 33  
9VK C9  H3   sing N N 34  
9VK C9  H4   sing N N 35  
9VK C9  H5   sing N N 36  
9VK C8  H6   sing N N 37  
9VK C8  H7   sing N N 38  
9VK C8  H8   sing N N 39  
9VK C7  H9   sing N N 40  
9VK C7  H10  sing N N 41  
9VK C7  H11  sing N N 42  
9VK C25 H12  sing N N 43  
9VK C25 H13  sing N N 44  
9VK C27 H14  sing N N 45  
9VK C28 H15  sing N N 46  
9VK C28 H16  sing N N 47  
9VK C54 H17  sing N N 48  
9VK C54 H18  sing N N 49  
9VK C54 H19  sing N N 50  
9VK C53 H20  sing N N 51  
9VK C53 H21  sing N N 52  
9VK C53 H22  sing N N 53  
9VK C24 H23  sing N N 54  
9VK C24 H24  sing N N 55  
9VK C34 H25  sing N N 56  
9VK C34 H26  sing N N 57  
9VK C34 H27  sing N N 58  
9VK C39 H28  sing N N 59  
9VK C38 H29  sing N N 60  
9VK C37 H30  sing N N 61  
9VK C40 H31  sing N N 62  
ALA N   CA   sing N N 63  
ALA N   H    sing N N 64  
ALA N   H2   sing N N 65  
ALA CA  C    sing N N 66  
ALA CA  CB   sing N N 67  
ALA CA  HA   sing N N 68  
ALA C   O    doub N N 69  
ALA C   OXT  sing N N 70  
ALA CB  HB1  sing N N 71  
ALA CB  HB2  sing N N 72  
ALA CB  HB3  sing N N 73  
ALA OXT HXT  sing N N 74  
ARG N   CA   sing N N 75  
ARG N   H    sing N N 76  
ARG N   H2   sing N N 77  
ARG CA  C    sing N N 78  
ARG CA  CB   sing N N 79  
ARG CA  HA   sing N N 80  
ARG C   O    doub N N 81  
ARG C   OXT  sing N N 82  
ARG CB  CG   sing N N 83  
ARG CB  HB2  sing N N 84  
ARG CB  HB3  sing N N 85  
ARG CG  CD   sing N N 86  
ARG CG  HG2  sing N N 87  
ARG CG  HG3  sing N N 88  
ARG CD  NE   sing N N 89  
ARG CD  HD2  sing N N 90  
ARG CD  HD3  sing N N 91  
ARG NE  CZ   sing N N 92  
ARG NE  HE   sing N N 93  
ARG CZ  NH1  sing N N 94  
ARG CZ  NH2  doub N N 95  
ARG NH1 HH11 sing N N 96  
ARG NH1 HH12 sing N N 97  
ARG NH2 HH21 sing N N 98  
ARG NH2 HH22 sing N N 99  
ARG OXT HXT  sing N N 100 
ASN N   CA   sing N N 101 
ASN N   H    sing N N 102 
ASN N   H2   sing N N 103 
ASN CA  C    sing N N 104 
ASN CA  CB   sing N N 105 
ASN CA  HA   sing N N 106 
ASN C   O    doub N N 107 
ASN C   OXT  sing N N 108 
ASN CB  CG   sing N N 109 
ASN CB  HB2  sing N N 110 
ASN CB  HB3  sing N N 111 
ASN CG  OD1  doub N N 112 
ASN CG  ND2  sing N N 113 
ASN ND2 HD21 sing N N 114 
ASN ND2 HD22 sing N N 115 
ASN OXT HXT  sing N N 116 
ASP N   CA   sing N N 117 
ASP N   H    sing N N 118 
ASP N   H2   sing N N 119 
ASP CA  C    sing N N 120 
ASP CA  CB   sing N N 121 
ASP CA  HA   sing N N 122 
ASP C   O    doub N N 123 
ASP C   OXT  sing N N 124 
ASP CB  CG   sing N N 125 
ASP CB  HB2  sing N N 126 
ASP CB  HB3  sing N N 127 
ASP CG  OD1  doub N N 128 
ASP CG  OD2  sing N N 129 
ASP OD2 HD2  sing N N 130 
ASP OXT HXT  sing N N 131 
CAS N   CA   sing N N 132 
CAS N   H    sing N N 133 
CAS N   H2   sing N N 134 
CAS CA  CB   sing N N 135 
CAS CA  C    sing N N 136 
CAS CA  HA   sing N N 137 
CAS CB  SG   sing N N 138 
CAS CB  HB2  sing N N 139 
CAS CB  HB3  sing N N 140 
CAS C   O    doub N N 141 
CAS C   OXT  sing N N 142 
CAS OXT HXT  sing N N 143 
CAS SG  AS   sing N N 144 
CAS AS  CE1  sing N N 145 
CAS AS  CE2  sing N N 146 
CAS CE1 HE11 sing N N 147 
CAS CE1 HE12 sing N N 148 
CAS CE1 HE13 sing N N 149 
CAS CE2 HE21 sing N N 150 
CAS CE2 HE22 sing N N 151 
CAS CE2 HE23 sing N N 152 
CYS N   CA   sing N N 153 
CYS N   H    sing N N 154 
CYS N   H2   sing N N 155 
CYS CA  C    sing N N 156 
CYS CA  CB   sing N N 157 
CYS CA  HA   sing N N 158 
CYS C   O    doub N N 159 
CYS C   OXT  sing N N 160 
CYS CB  SG   sing N N 161 
CYS CB  HB2  sing N N 162 
CYS CB  HB3  sing N N 163 
CYS SG  HG   sing N N 164 
CYS OXT HXT  sing N N 165 
GLN N   CA   sing N N 166 
GLN N   H    sing N N 167 
GLN N   H2   sing N N 168 
GLN CA  C    sing N N 169 
GLN CA  CB   sing N N 170 
GLN CA  HA   sing N N 171 
GLN C   O    doub N N 172 
GLN C   OXT  sing N N 173 
GLN CB  CG   sing N N 174 
GLN CB  HB2  sing N N 175 
GLN CB  HB3  sing N N 176 
GLN CG  CD   sing N N 177 
GLN CG  HG2  sing N N 178 
GLN CG  HG3  sing N N 179 
GLN CD  OE1  doub N N 180 
GLN CD  NE2  sing N N 181 
GLN NE2 HE21 sing N N 182 
GLN NE2 HE22 sing N N 183 
GLN OXT HXT  sing N N 184 
GLU N   CA   sing N N 185 
GLU N   H    sing N N 186 
GLU N   H2   sing N N 187 
GLU CA  C    sing N N 188 
GLU CA  CB   sing N N 189 
GLU CA  HA   sing N N 190 
GLU C   O    doub N N 191 
GLU C   OXT  sing N N 192 
GLU CB  CG   sing N N 193 
GLU CB  HB2  sing N N 194 
GLU CB  HB3  sing N N 195 
GLU CG  CD   sing N N 196 
GLU CG  HG2  sing N N 197 
GLU CG  HG3  sing N N 198 
GLU CD  OE1  doub N N 199 
GLU CD  OE2  sing N N 200 
GLU OE2 HE2  sing N N 201 
GLU OXT HXT  sing N N 202 
GLY N   CA   sing N N 203 
GLY N   H    sing N N 204 
GLY N   H2   sing N N 205 
GLY CA  C    sing N N 206 
GLY CA  HA2  sing N N 207 
GLY CA  HA3  sing N N 208 
GLY C   O    doub N N 209 
GLY C   OXT  sing N N 210 
GLY OXT HXT  sing N N 211 
HIS N   CA   sing N N 212 
HIS N   H    sing N N 213 
HIS N   H2   sing N N 214 
HIS CA  C    sing N N 215 
HIS CA  CB   sing N N 216 
HIS CA  HA   sing N N 217 
HIS C   O    doub N N 218 
HIS C   OXT  sing N N 219 
HIS CB  CG   sing N N 220 
HIS CB  HB2  sing N N 221 
HIS CB  HB3  sing N N 222 
HIS CG  ND1  sing Y N 223 
HIS CG  CD2  doub Y N 224 
HIS ND1 CE1  doub Y N 225 
HIS ND1 HD1  sing N N 226 
HIS CD2 NE2  sing Y N 227 
HIS CD2 HD2  sing N N 228 
HIS CE1 NE2  sing Y N 229 
HIS CE1 HE1  sing N N 230 
HIS NE2 HE2  sing N N 231 
HIS OXT HXT  sing N N 232 
HOH O   H1   sing N N 233 
HOH O   H2   sing N N 234 
ILE N   CA   sing N N 235 
ILE N   H    sing N N 236 
ILE N   H2   sing N N 237 
ILE CA  C    sing N N 238 
ILE CA  CB   sing N N 239 
ILE CA  HA   sing N N 240 
ILE C   O    doub N N 241 
ILE C   OXT  sing N N 242 
ILE CB  CG1  sing N N 243 
ILE CB  CG2  sing N N 244 
ILE CB  HB   sing N N 245 
ILE CG1 CD1  sing N N 246 
ILE CG1 HG12 sing N N 247 
ILE CG1 HG13 sing N N 248 
ILE CG2 HG21 sing N N 249 
ILE CG2 HG22 sing N N 250 
ILE CG2 HG23 sing N N 251 
ILE CD1 HD11 sing N N 252 
ILE CD1 HD12 sing N N 253 
ILE CD1 HD13 sing N N 254 
ILE OXT HXT  sing N N 255 
LEU N   CA   sing N N 256 
LEU N   H    sing N N 257 
LEU N   H2   sing N N 258 
LEU CA  C    sing N N 259 
LEU CA  CB   sing N N 260 
LEU CA  HA   sing N N 261 
LEU C   O    doub N N 262 
LEU C   OXT  sing N N 263 
LEU CB  CG   sing N N 264 
LEU CB  HB2  sing N N 265 
LEU CB  HB3  sing N N 266 
LEU CG  CD1  sing N N 267 
LEU CG  CD2  sing N N 268 
LEU CG  HG   sing N N 269 
LEU CD1 HD11 sing N N 270 
LEU CD1 HD12 sing N N 271 
LEU CD1 HD13 sing N N 272 
LEU CD2 HD21 sing N N 273 
LEU CD2 HD22 sing N N 274 
LEU CD2 HD23 sing N N 275 
LEU OXT HXT  sing N N 276 
LYS N   CA   sing N N 277 
LYS N   H    sing N N 278 
LYS N   H2   sing N N 279 
LYS CA  C    sing N N 280 
LYS CA  CB   sing N N 281 
LYS CA  HA   sing N N 282 
LYS C   O    doub N N 283 
LYS C   OXT  sing N N 284 
LYS CB  CG   sing N N 285 
LYS CB  HB2  sing N N 286 
LYS CB  HB3  sing N N 287 
LYS CG  CD   sing N N 288 
LYS CG  HG2  sing N N 289 
LYS CG  HG3  sing N N 290 
LYS CD  CE   sing N N 291 
LYS CD  HD2  sing N N 292 
LYS CD  HD3  sing N N 293 
LYS CE  NZ   sing N N 294 
LYS CE  HE2  sing N N 295 
LYS CE  HE3  sing N N 296 
LYS NZ  HZ1  sing N N 297 
LYS NZ  HZ2  sing N N 298 
LYS NZ  HZ3  sing N N 299 
LYS OXT HXT  sing N N 300 
MET N   CA   sing N N 301 
MET N   H    sing N N 302 
MET N   H2   sing N N 303 
MET CA  C    sing N N 304 
MET CA  CB   sing N N 305 
MET CA  HA   sing N N 306 
MET C   O    doub N N 307 
MET C   OXT  sing N N 308 
MET CB  CG   sing N N 309 
MET CB  HB2  sing N N 310 
MET CB  HB3  sing N N 311 
MET CG  SD   sing N N 312 
MET CG  HG2  sing N N 313 
MET CG  HG3  sing N N 314 
MET SD  CE   sing N N 315 
MET CE  HE1  sing N N 316 
MET CE  HE2  sing N N 317 
MET CE  HE3  sing N N 318 
MET OXT HXT  sing N N 319 
PHE N   CA   sing N N 320 
PHE N   H    sing N N 321 
PHE N   H2   sing N N 322 
PHE CA  C    sing N N 323 
PHE CA  CB   sing N N 324 
PHE CA  HA   sing N N 325 
PHE C   O    doub N N 326 
PHE C   OXT  sing N N 327 
PHE CB  CG   sing N N 328 
PHE CB  HB2  sing N N 329 
PHE CB  HB3  sing N N 330 
PHE CG  CD1  doub Y N 331 
PHE CG  CD2  sing Y N 332 
PHE CD1 CE1  sing Y N 333 
PHE CD1 HD1  sing N N 334 
PHE CD2 CE2  doub Y N 335 
PHE CD2 HD2  sing N N 336 
PHE CE1 CZ   doub Y N 337 
PHE CE1 HE1  sing N N 338 
PHE CE2 CZ   sing Y N 339 
PHE CE2 HE2  sing N N 340 
PHE CZ  HZ   sing N N 341 
PHE OXT HXT  sing N N 342 
PRO N   CA   sing N N 343 
PRO N   CD   sing N N 344 
PRO N   H    sing N N 345 
PRO CA  C    sing N N 346 
PRO CA  CB   sing N N 347 
PRO CA  HA   sing N N 348 
PRO C   O    doub N N 349 
PRO C   OXT  sing N N 350 
PRO CB  CG   sing N N 351 
PRO CB  HB2  sing N N 352 
PRO CB  HB3  sing N N 353 
PRO CG  CD   sing N N 354 
PRO CG  HG2  sing N N 355 
PRO CG  HG3  sing N N 356 
PRO CD  HD2  sing N N 357 
PRO CD  HD3  sing N N 358 
PRO OXT HXT  sing N N 359 
SER N   CA   sing N N 360 
SER N   H    sing N N 361 
SER N   H2   sing N N 362 
SER CA  C    sing N N 363 
SER CA  CB   sing N N 364 
SER CA  HA   sing N N 365 
SER C   O    doub N N 366 
SER C   OXT  sing N N 367 
SER CB  OG   sing N N 368 
SER CB  HB2  sing N N 369 
SER CB  HB3  sing N N 370 
SER OG  HG   sing N N 371 
SER OXT HXT  sing N N 372 
SO4 S   O1   doub N N 373 
SO4 S   O2   doub N N 374 
SO4 S   O3   sing N N 375 
SO4 S   O4   sing N N 376 
THR N   CA   sing N N 377 
THR N   H    sing N N 378 
THR N   H2   sing N N 379 
THR CA  C    sing N N 380 
THR CA  CB   sing N N 381 
THR CA  HA   sing N N 382 
THR C   O    doub N N 383 
THR C   OXT  sing N N 384 
THR CB  OG1  sing N N 385 
THR CB  CG2  sing N N 386 
THR CB  HB   sing N N 387 
THR OG1 HG1  sing N N 388 
THR CG2 HG21 sing N N 389 
THR CG2 HG22 sing N N 390 
THR CG2 HG23 sing N N 391 
THR OXT HXT  sing N N 392 
TRP N   CA   sing N N 393 
TRP N   H    sing N N 394 
TRP N   H2   sing N N 395 
TRP CA  C    sing N N 396 
TRP CA  CB   sing N N 397 
TRP CA  HA   sing N N 398 
TRP C   O    doub N N 399 
TRP C   OXT  sing N N 400 
TRP CB  CG   sing N N 401 
TRP CB  HB2  sing N N 402 
TRP CB  HB3  sing N N 403 
TRP CG  CD1  doub Y N 404 
TRP CG  CD2  sing Y N 405 
TRP CD1 NE1  sing Y N 406 
TRP CD1 HD1  sing N N 407 
TRP CD2 CE2  doub Y N 408 
TRP CD2 CE3  sing Y N 409 
TRP NE1 CE2  sing Y N 410 
TRP NE1 HE1  sing N N 411 
TRP CE2 CZ2  sing Y N 412 
TRP CE3 CZ3  doub Y N 413 
TRP CE3 HE3  sing N N 414 
TRP CZ2 CH2  doub Y N 415 
TRP CZ2 HZ2  sing N N 416 
TRP CZ3 CH2  sing Y N 417 
TRP CZ3 HZ3  sing N N 418 
TRP CH2 HH2  sing N N 419 
TRP OXT HXT  sing N N 420 
TYR N   CA   sing N N 421 
TYR N   H    sing N N 422 
TYR N   H2   sing N N 423 
TYR CA  C    sing N N 424 
TYR CA  CB   sing N N 425 
TYR CA  HA   sing N N 426 
TYR C   O    doub N N 427 
TYR C   OXT  sing N N 428 
TYR CB  CG   sing N N 429 
TYR CB  HB2  sing N N 430 
TYR CB  HB3  sing N N 431 
TYR CG  CD1  doub Y N 432 
TYR CG  CD2  sing Y N 433 
TYR CD1 CE1  sing Y N 434 
TYR CD1 HD1  sing N N 435 
TYR CD2 CE2  doub Y N 436 
TYR CD2 HD2  sing N N 437 
TYR CE1 CZ   doub Y N 438 
TYR CE1 HE1  sing N N 439 
TYR CE2 CZ   sing Y N 440 
TYR CE2 HE2  sing N N 441 
TYR CZ  OH   sing N N 442 
TYR OH  HH   sing N N 443 
TYR OXT HXT  sing N N 444 
VAL N   CA   sing N N 445 
VAL N   H    sing N N 446 
VAL N   H2   sing N N 447 
VAL CA  C    sing N N 448 
VAL CA  CB   sing N N 449 
VAL CA  HA   sing N N 450 
VAL C   O    doub N N 451 
VAL C   OXT  sing N N 452 
VAL CB  CG1  sing N N 453 
VAL CB  CG2  sing N N 454 
VAL CB  HB   sing N N 455 
VAL CG1 HG11 sing N N 456 
VAL CG1 HG12 sing N N 457 
VAL CG1 HG13 sing N N 458 
VAL CG2 HG21 sing N N 459 
VAL CG2 HG22 sing N N 460 
VAL CG2 HG23 sing N N 461 
VAL OXT HXT  sing N N 462 
# 
_pdbx_initial_refinement_model.id               1 
_pdbx_initial_refinement_model.entity_id_list   ? 
_pdbx_initial_refinement_model.type             'experimental model' 
_pdbx_initial_refinement_model.source_name      PDB 
_pdbx_initial_refinement_model.accession_code   4LH4 
_pdbx_initial_refinement_model.details          ? 
# 
_atom_sites.entry_id                    5OIA 
_atom_sites.fract_transf_matrix[1][1]   0.00857910 
_atom_sites.fract_transf_matrix[1][2]   -0.01071612 
_atom_sites.fract_transf_matrix[1][3]   0.00803349 
_atom_sites.fract_transf_matrix[2][1]   0.01211900 
_atom_sites.fract_transf_matrix[2][2]   -0.00744113 
_atom_sites.fract_transf_matrix[2][3]   -0.00712239 
_atom_sites.fract_transf_matrix[3][1]   0.00937729 
_atom_sites.fract_transf_matrix[3][2]   0.01091779 
_atom_sites.fract_transf_matrix[3][3]   0.00454941 
_atom_sites.fract_transf_vector[1]      -0.446776 
_atom_sites.fract_transf_vector[2]      0.082217 
_atom_sites.fract_transf_vector[3]      0.217842 
# 
loop_
_atom_type.symbol 
AS 
C  
MG 
N  
O  
S  
# 
loop_
_atom_site.group_PDB 
_atom_site.id 
_atom_site.type_symbol 
_atom_site.label_atom_id 
_atom_site.label_alt_id 
_atom_site.label_comp_id 
_atom_site.label_asym_id 
_atom_site.label_entity_id 
_atom_site.label_seq_id 
_atom_site.pdbx_PDB_ins_code 
_atom_site.Cartn_x 
_atom_site.Cartn_y 
_atom_site.Cartn_z 
_atom_site.occupancy 
_atom_site.B_iso_or_equiv 
_atom_site.pdbx_formal_charge 
_atom_site.auth_seq_id 
_atom_site.auth_comp_id 
_atom_site.auth_asym_id 
_atom_site.auth_atom_id 
_atom_site.pdbx_PDB_model_num 
ATOM   1    N  N   . SER A 1 27  ? 7.277   -11.921 9.055   1.00 66.56  ? 57  SER A N   1 
ATOM   2    C  CA  . SER A 1 27  ? 8.413   -10.984 9.286   1.00 68.13  ? 57  SER A CA  1 
ATOM   3    C  C   . SER A 1 27  ? 8.102   -9.492  8.985   1.00 64.75  ? 57  SER A C   1 
ATOM   4    O  O   . SER A 1 27  ? 7.699   -9.143  7.867   1.00 64.47  ? 57  SER A O   1 
ATOM   5    C  CB  . SER A 1 27  ? 9.640   -11.391 8.492   1.00 69.49  ? 57  SER A CB  1 
ATOM   6    O  OG  . SER A 1 27  ? 10.596  -10.340 8.574   1.00 83.48  ? 57  SER A OG  1 
ATOM   7    N  N   . PRO A 1 28  ? 8.419   -8.613  9.951   1.00 64.91  ? 58  PRO A N   1 
ATOM   8    C  CA  . PRO A 1 28  ? 7.850   -7.286  10.131  1.00 57.70  ? 58  PRO A CA  1 
ATOM   9    C  C   . PRO A 1 28  ? 8.267   -6.155  9.143   1.00 55.24  ? 58  PRO A C   1 
ATOM   10   O  O   . PRO A 1 28  ? 7.631   -5.089  9.142   1.00 54.34  ? 58  PRO A O   1 
ATOM   11   C  CB  . PRO A 1 28  ? 8.377   -6.906  11.535  1.00 64.25  ? 58  PRO A CB  1 
ATOM   12   C  CG  . PRO A 1 28  ? 9.744   -7.513  11.557  1.00 64.30  ? 58  PRO A CG  1 
ATOM   13   C  CD  . PRO A 1 28  ? 9.502   -8.860  10.951  1.00 64.65  ? 58  PRO A CD  1 
ATOM   14   N  N   . GLY A 1 29  ? 9.340   -6.344  8.391   1.00 43.38  ? 59  GLY A N   1 
ATOM   15   C  CA  . GLY A 1 29  ? 9.830   -5.363  7.453   1.00 41.49  ? 59  GLY A CA  1 
ATOM   16   C  C   . GLY A 1 29  ? 9.404   -5.694  6.048   1.00 41.35  ? 59  GLY A C   1 
ATOM   17   O  O   . GLY A 1 29  ? 9.949   -5.075  5.114   1.00 42.72  ? 59  GLY A O   1 
ATOM   18   N  N   . ILE A 1 30  ? 8.451   -6.634  5.866   1.00 43.65  ? 60  ILE A N   1 
ATOM   19   C  CA  . ILE A 1 30  ? 8.021   -7.089  4.515   1.00 45.30  ? 60  ILE A CA  1 
ATOM   20   C  C   . ILE A 1 30  ? 6.678   -6.536  4.046   1.00 40.33  ? 60  ILE A C   1 
ATOM   21   O  O   . ILE A 1 30  ? 5.624   -6.664  4.699   1.00 40.04  ? 60  ILE A O   1 
ATOM   22   C  CB  . ILE A 1 30  ? 7.883   -8.633  4.418   1.00 53.35  ? 60  ILE A CB  1 
ATOM   23   C  CG1 . ILE A 1 30  ? 9.249   -9.291  4.665   1.00 61.90  ? 60  ILE A CG1 1 
ATOM   24   C  CG2 . ILE A 1 30  ? 7.381   -9.025  3.040   1.00 48.25  ? 60  ILE A CG2 1 
ATOM   25   C  CD1 . ILE A 1 30  ? 9.252   -10.829 4.686   1.00 61.44  ? 60  ILE A CD1 1 
ATOM   26   N  N   . TRP A 1 31  ? 6.701   -5.970  2.867   1.00 39.08  ? 61  TRP A N   1 
ATOM   27   C  CA  . TRP A 1 31  ? 5.531   -5.354  2.297   1.00 43.49  ? 61  TRP A CA  1 
ATOM   28   C  C   . TRP A 1 31  ? 5.339   -5.840  0.886   1.00 41.51  ? 61  TRP A C   1 
ATOM   29   O  O   . TRP A 1 31  ? 6.281   -6.091  0.189   1.00 46.30  ? 61  TRP A O   1 
ATOM   30   C  CB  . TRP A 1 31  ? 5.718   -3.834  2.267   1.00 40.40  ? 61  TRP A CB  1 
ATOM   31   C  CG  . TRP A 1 31  ? 5.781   -3.180  3.598   1.00 36.04  ? 61  TRP A CG  1 
ATOM   32   C  CD1 . TRP A 1 31  ? 6.813   -3.163  4.474   1.00 37.87  ? 61  TRP A CD1 1 
ATOM   33   C  CD2 . TRP A 1 31  ? 4.733   -2.443  4.194   1.00 36.45  ? 61  TRP A CD2 1 
ATOM   34   N  NE1 . TRP A 1 31  ? 6.460   -2.456  5.608   1.00 37.82  ? 61  TRP A NE1 1 
ATOM   35   C  CE2 . TRP A 1 31  ? 5.185   -2.015  5.453   1.00 34.86  ? 61  TRP A CE2 1 
ATOM   36   C  CE3 . TRP A 1 31  ? 3.448   -2.055  3.754   1.00 32.54  ? 61  TRP A CE3 1 
ATOM   37   C  CZ2 . TRP A 1 31  ? 4.437   -1.214  6.262   1.00 38.01  ? 61  TRP A CZ2 1 
ATOM   38   C  CZ3 . TRP A 1 31  ? 2.694   -1.321  4.556   1.00 31.50  ? 61  TRP A CZ3 1 
ATOM   39   C  CH2 . TRP A 1 31  ? 3.207   -0.885  5.844   1.00 33.69  ? 61  TRP A CH2 1 
ATOM   40   N  N   . GLN A 1 32  ? 4.094   -5.852  0.477   1.00 42.98  ? 62  GLN A N   1 
ATOM   41   C  CA  . GLN A 1 32  ? 3.668   -6.150  -0.868  1.00 51.01  ? 62  GLN A CA  1 
ATOM   42   C  C   . GLN A 1 32  ? 3.077   -4.893  -1.523  1.00 46.41  ? 62  GLN A C   1 
ATOM   43   O  O   . GLN A 1 32  ? 2.275   -4.214  -0.932  1.00 42.14  ? 62  GLN A O   1 
ATOM   44   C  CB  . GLN A 1 32  ? 2.537   -7.206  -0.772  1.00 55.63  ? 62  GLN A CB  1 
ATOM   45   C  CG  . GLN A 1 32  ? 1.921   -7.672  -2.072  1.00 58.75  ? 62  GLN A CG  1 
ATOM   46   C  CD  . GLN A 1 32  ? 2.613   -8.880  -2.716  1.00 62.15  ? 62  GLN A CD  1 
ATOM   47   O  OE1 . GLN A 1 32  ? 3.374   -9.630  -2.092  1.00 63.71  ? 62  GLN A OE1 1 
ATOM   48   N  NE2 . GLN A 1 32  ? 2.329   -9.074  -3.980  1.00 59.58  ? 62  GLN A NE2 1 
ATOM   49   N  N   . LEU A 1 33  ? 3.357   -4.704  -2.798  1.00 42.56  ? 63  LEU A N   1 
ATOM   50   C  CA  . LEU A 1 33  ? 3.045   -3.519  -3.500  1.00 44.38  ? 63  LEU A CA  1 
ATOM   51   C  C   . LEU A 1 33  ? 2.555   -3.890  -4.906  1.00 46.99  ? 63  LEU A C   1 
ATOM   52   O  O   . LEU A 1 33  ? 3.254   -4.600  -5.610  1.00 50.07  ? 63  LEU A O   1 
ATOM   53   C  CB  . LEU A 1 33  ? 4.351   -2.745  -3.593  1.00 47.07  ? 63  LEU A CB  1 
ATOM   54   C  CG  . LEU A 1 33  ? 4.189   -1.271  -3.758  1.00 62.75  ? 63  LEU A CG  1 
ATOM   55   C  CD1 . LEU A 1 33  ? 3.427   -0.774  -2.546  1.00 68.99  ? 63  LEU A CD1 1 
ATOM   56   C  CD2 . LEU A 1 33  ? 5.527   -0.567  -3.838  1.00 58.00  ? 63  LEU A CD2 1 
ATOM   57   N  N   . ASP A 1 34  ? 1.364   -3.432  -5.292  1.00 42.96  ? 64  ASP A N   1 
ATOM   58   C  CA  . ASP A 1 34  ? 0.728   -3.745  -6.576  1.00 52.28  ? 64  ASP A CA  1 
ATOM   59   C  C   . ASP A 1 34  ? -0.197  -2.627  -6.943  1.00 45.97  ? 64  ASP A C   1 
ATOM   60   O  O   . ASP A 1 34  ? -0.637  -1.930  -6.085  1.00 49.61  ? 64  ASP A O   1 
ATOM   61   C  CB  . ASP A 1 34  ? -0.127  -5.027  -6.495  1.00 47.51  ? 64  ASP A CB  1 
ATOM   62   C  CG  . ASP A 1 34  ? 0.701   -6.261  -6.187  1.00 56.86  ? 64  ASP A CG  1 
ATOM   63   O  OD1 . ASP A 1 34  ? 1.469   -6.718  -7.099  1.00 63.10  ? 64  ASP A OD1 1 
ATOM   64   O  OD2 . ASP A 1 34  ? 0.591   -6.767  -5.025  1.00 54.21  ? 64  ASP A OD2 1 
HETATM 65   N  N   . CAS A 1 35  ? -0.535  -2.527  -8.216  1.00 46.65  ? 65  CAS A N   1 
HETATM 66   C  CA  . CAS A 1 35  ? -1.527  -1.571  -8.710  1.00 54.41  ? 65  CAS A CA  1 
HETATM 67   C  CB  . CAS A 1 35  ? -1.067  -0.820  -9.954  1.00 52.12  ? 65  CAS A CB  1 
HETATM 68   C  C   . CAS A 1 35  ? -2.718  -2.352  -9.135  1.00 57.88  ? 65  CAS A C   1 
HETATM 69   O  O   . CAS A 1 35  ? -2.526  -3.421  -9.644  1.00 54.71  ? 65  CAS A O   1 
HETATM 70   S  SG  . CAS A 1 35  ? 0.186   0.340   -9.472  1.00 56.36  ? 65  CAS A SG  1 
HETATM 71   AS AS  . CAS A 1 35  ? 2.051   -0.937  -9.818  1.00 56.32  ? 65  CAS A AS  1 
HETATM 72   C  CE1 . CAS A 1 35  ? 3.265   0.081   -11.006 1.00 50.74  ? 65  CAS A CE1 1 
HETATM 73   C  CE2 . CAS A 1 35  ? 3.134   -1.146  -8.153  1.00 53.81  ? 65  CAS A CE2 1 
ATOM   74   N  N   . THR A 1 36  ? -3.934  -1.844  -8.868  1.00 54.82  ? 66  THR A N   1 
ATOM   75   C  CA  . THR A 1 36  ? -5.175  -2.282  -9.478  1.00 54.99  ? 66  THR A CA  1 
ATOM   76   C  C   . THR A 1 36  ? -5.751  -1.130  -10.230 1.00 57.54  ? 66  THR A C   1 
ATOM   77   O  O   . THR A 1 36  ? -5.302  0.014   -10.078 1.00 48.07  ? 66  THR A O   1 
ATOM   78   C  CB  . THR A 1 36  ? -6.312  -2.595  -8.464  1.00 65.57  ? 66  THR A CB  1 
ATOM   79   O  OG1 . THR A 1 36  ? -6.002  -2.076  -7.168  1.00 64.17  ? 66  THR A OG1 1 
ATOM   80   C  CG2 . THR A 1 36  ? -6.589  -4.036  -8.396  1.00 67.25  ? 66  THR A CG2 1 
ATOM   81   N  N   . HIS A 1 37  ? -6.827  -1.425  -10.967 1.00 57.72  ? 67  HIS A N   1 
ATOM   82   C  CA  . HIS A 1 37  ? -7.498  -0.424  -11.800 1.00 55.98  ? 67  HIS A CA  1 
ATOM   83   C  C   . HIS A 1 37  ? -8.950  -0.297  -11.397 1.00 48.12  ? 67  HIS A C   1 
ATOM   84   O  O   . HIS A 1 37  ? -9.602  -1.282  -11.030 1.00 51.94  ? 67  HIS A O   1 
ATOM   85   C  CB  . HIS A 1 37  ? -7.311  -0.785  -13.281 1.00 58.71  ? 67  HIS A CB  1 
ATOM   86   C  CG  . HIS A 1 37  ? -5.880  -0.809  -13.693 1.00 62.81  ? 67  HIS A CG  1 
ATOM   87   N  ND1 . HIS A 1 37  ? -5.049  -1.883  -13.412 1.00 74.75  ? 67  HIS A ND1 1 
ATOM   88   C  CD2 . HIS A 1 37  ? -5.104  0.122   -14.298 1.00 64.65  ? 67  HIS A CD2 1 
ATOM   89   C  CE1 . HIS A 1 37  ? -3.829  -1.618  -13.846 1.00 64.76  ? 67  HIS A CE1 1 
ATOM   90   N  NE2 . HIS A 1 37  ? -3.839  -0.413  -14.398 1.00 69.81  ? 67  HIS A NE2 1 
ATOM   91   N  N   . LEU A 1 38  ? -9.463  0.932   -11.379 1.00 48.46  ? 68  LEU A N   1 
ATOM   92   C  CA  . LEU A 1 38  ? -10.871 1.137   -11.052 1.00 46.05  ? 68  LEU A CA  1 
ATOM   93   C  C   . LEU A 1 38  ? -11.286 2.406   -11.684 1.00 48.57  ? 68  LEU A C   1 
ATOM   94   O  O   . LEU A 1 38  ? -10.581 3.414   -11.594 1.00 51.59  ? 68  LEU A O   1 
ATOM   95   C  CB  . LEU A 1 38  ? -11.074 1.176   -9.557  1.00 49.90  ? 68  LEU A CB  1 
ATOM   96   C  CG  . LEU A 1 38  ? -12.453 0.894   -9.030  1.00 53.79  ? 68  LEU A CG  1 
ATOM   97   C  CD1 . LEU A 1 38  ? -12.847 -0.564  -9.291  1.00 57.37  ? 68  LEU A CD1 1 
ATOM   98   C  CD2 . LEU A 1 38  ? -12.389 1.082   -7.549  1.00 57.34  ? 68  LEU A CD2 1 
ATOM   99   N  N   . GLU A 1 39  ? -12.420 2.366   -12.377 1.00 54.99  ? 69  GLU A N   1 
ATOM   100  C  CA  . GLU A 1 39  ? -12.982 3.572   -13.018 1.00 47.26  ? 69  GLU A CA  1 
ATOM   101  C  C   . GLU A 1 39  ? -11.983 4.299   -13.857 1.00 45.57  ? 69  GLU A C   1 
ATOM   102  O  O   . GLU A 1 39  ? -11.851 5.526   -13.760 1.00 50.93  ? 69  GLU A O   1 
ATOM   103  C  CB  . GLU A 1 39  ? -13.508 4.544   -11.985 1.00 48.71  ? 69  GLU A CB  1 
ATOM   104  C  CG  . GLU A 1 39  ? -14.425 3.956   -10.922 1.00 52.86  ? 69  GLU A CG  1 
ATOM   105  C  CD  . GLU A 1 39  ? -14.843 5.036   -9.935  1.00 54.70  ? 69  GLU A CD  1 
ATOM   106  O  OE1 . GLU A 1 39  ? -15.636 4.749   -9.025  1.00 59.73  ? 69  GLU A OE1 1 
ATOM   107  O  OE2 . GLU A 1 39  ? -14.396 6.193   -10.086 1.00 59.08  ? 69  GLU A OE2 1 
ATOM   108  N  N   . GLY A 1 40  ? -11.220 3.553   -14.641 1.00 46.70  ? 70  GLY A N   1 
ATOM   109  C  CA  . GLY A 1 40  ? -10.140 4.180   -15.435 1.00 56.76  ? 70  GLY A CA  1 
ATOM   110  C  C   . GLY A 1 40  ? -8.952  4.834   -14.736 1.00 57.12  ? 70  GLY A C   1 
ATOM   111  O  O   . GLY A 1 40  ? -8.135  5.504   -15.377 1.00 53.85  ? 70  GLY A O   1 
ATOM   112  N  N   . LYS A 1 41  ? -8.852  4.621   -13.426 1.00 58.25  ? 71  LYS A N   1 
ATOM   113  C  CA  . LYS A 1 41  ? -7.712  5.105   -12.641 1.00 58.41  ? 71  LYS A CA  1 
ATOM   114  C  C   . LYS A 1 41  ? -6.876  3.971   -12.023 1.00 49.40  ? 71  LYS A C   1 
ATOM   115  O  O   . LYS A 1 41  ? -7.246  2.772   -12.078 1.00 49.89  ? 71  LYS A O   1 
ATOM   116  C  CB  . LYS A 1 41  ? -8.212  6.060   -11.581 1.00 55.79  ? 71  LYS A CB  1 
ATOM   117  C  CG  . LYS A 1 41  ? -8.961  7.274   -12.152 1.00 54.44  ? 71  LYS A CG  1 
ATOM   118  C  CD  . LYS A 1 41  ? -9.310  8.191   -10.983 1.00 61.55  ? 71  LYS A CD  1 
ATOM   119  C  CE  . LYS A 1 41  ? -9.621  9.603   -11.389 1.00 65.15  ? 71  LYS A CE  1 
ATOM   120  N  NZ  . LYS A 1 41  ? -11.028 9.663   -11.826 1.00 72.28  ? 71  LYS A NZ  1 
ATOM   121  N  N   . VAL A 1 42  ? -5.724  4.355   -11.483 1.00 50.46  ? 72  VAL A N   1 
ATOM   122  C  CA  . VAL A 1 42  ? -4.766  3.393   -10.932 1.00 50.30  ? 72  VAL A CA  1 
ATOM   123  C  C   . VAL A 1 42  ? -4.727  3.546   -9.452  1.00 43.68  ? 72  VAL A C   1 
ATOM   124  O  O   . VAL A 1 42  ? -4.660  4.653   -8.980  1.00 43.39  ? 72  VAL A O   1 
ATOM   125  C  CB  . VAL A 1 42  ? -3.381  3.563   -11.574 1.00 55.59  ? 72  VAL A CB  1 
ATOM   126  C  CG1 . VAL A 1 42  ? -2.368  2.540   -11.005 1.00 50.16  ? 72  VAL A CG1 1 
ATOM   127  C  CG2 . VAL A 1 42  ? -3.535  3.478   -13.128 1.00 54.82  ? 72  VAL A CG2 1 
ATOM   128  N  N   . ILE A 1 43  ? -4.800  2.434   -8.736  1.00 41.58  ? 73  ILE A N   1 
ATOM   129  C  CA  . ILE A 1 43  ? -4.722  2.442   -7.294  1.00 42.57  ? 73  ILE A CA  1 
ATOM   130  C  C   . ILE A 1 43  ? -3.503  1.649   -6.883  1.00 42.47  ? 73  ILE A C   1 
ATOM   131  O  O   . ILE A 1 43  ? -3.447  0.487   -7.158  1.00 44.04  ? 73  ILE A O   1 
ATOM   132  C  CB  . ILE A 1 43  ? -5.935  1.805   -6.600  1.00 42.15  ? 73  ILE A CB  1 
ATOM   133  C  CG1 . ILE A 1 43  ? -7.190  2.548   -6.974  1.00 43.13  ? 73  ILE A CG1 1 
ATOM   134  C  CG2 . ILE A 1 43  ? -5.761  1.879   -5.061  1.00 43.82  ? 73  ILE A CG2 1 
ATOM   135  C  CD1 . ILE A 1 43  ? -8.420  1.765   -6.566  1.00 51.85  ? 73  ILE A CD1 1 
ATOM   136  N  N   . LEU A 1 44  ? -2.588  2.281   -6.160  1.00 40.63  ? 74  LEU A N   1 
ATOM   137  C  CA  . LEU A 1 44  ? -1.374  1.649   -5.681  1.00 43.59  ? 74  LEU A CA  1 
ATOM   138  C  C   . LEU A 1 44  ? -1.702  1.163   -4.270  1.00 42.39  ? 74  LEU A C   1 
ATOM   139  O  O   . LEU A 1 44  ? -2.189  1.928   -3.458  1.00 40.49  ? 74  LEU A O   1 
ATOM   140  C  CB  . LEU A 1 44  ? -0.257  2.657   -5.666  1.00 46.32  ? 74  LEU A CB  1 
ATOM   141  C  CG  . LEU A 1 44  ? 1.112   2.105   -6.017  1.00 54.93  ? 74  LEU A CG  1 
ATOM   142  C  CD1 . LEU A 1 44  ? 2.061   3.213   -6.382  1.00 61.36  ? 74  LEU A CD1 1 
ATOM   143  C  CD2 . LEU A 1 44  ? 1.665   1.325   -4.858  1.00 62.87  ? 74  LEU A CD2 1 
ATOM   144  N  N   . VAL A 1 45  ? -1.551  -0.135  -4.026  1.00 40.07  ? 75  VAL A N   1 
ATOM   145  C  CA  . VAL A 1 45  ? -1.924  -0.773  -2.744  1.00 38.31  ? 75  VAL A CA  1 
ATOM   146  C  C   . VAL A 1 45  ? -0.687  -1.426  -2.152  1.00 39.28  ? 75  VAL A C   1 
ATOM   147  O  O   . VAL A 1 45  ? -0.041  -2.196  -2.832  1.00 40.35  ? 75  VAL A O   1 
ATOM   148  C  CB  . VAL A 1 45  ? -2.956  -1.878  -2.957  1.00 40.24  ? 75  VAL A CB  1 
ATOM   149  C  CG1 . VAL A 1 45  ? -3.346  -2.446  -1.611  1.00 44.62  ? 75  VAL A CG1 1 
ATOM   150  C  CG2 . VAL A 1 45  ? -4.196  -1.302  -3.639  1.00 44.48  ? 75  VAL A CG2 1 
ATOM   151  N  N   . ALA A 1 46  ? -0.301  -1.031  -0.941  1.00 37.48  ? 76  ALA A N   1 
ATOM   152  C  CA  . ALA A 1 46  ? 0.781   -1.647  -0.192  1.00 33.74  ? 76  ALA A CA  1 
ATOM   153  C  C   . ALA A 1 46  ? 0.147   -2.381  0.992   1.00 36.50  ? 76  ALA A C   1 
ATOM   154  O  O   . ALA A 1 46  ? -0.794  -1.874  1.637   1.00 37.81  ? 76  ALA A O   1 
ATOM   155  C  CB  . ALA A 1 46  ? 1.702   -0.572  0.335   1.00 35.48  ? 76  ALA A CB  1 
ATOM   156  N  N   . VAL A 1 47  ? 0.631   -3.586  1.249   1.00 36.25  ? 77  VAL A N   1 
ATOM   157  C  CA  . VAL A 1 47  ? 0.153   -4.444  2.285   1.00 35.10  ? 77  VAL A CA  1 
ATOM   158  C  C   . VAL A 1 47  ? 1.325   -4.850  3.149   1.00 36.12  ? 77  VAL A C   1 
ATOM   159  O  O   . VAL A 1 47  ? 2.388   -5.252  2.662   1.00 38.76  ? 77  VAL A O   1 
ATOM   160  C  CB  . VAL A 1 47  ? -0.511  -5.681  1.715   1.00 40.00  ? 77  VAL A CB  1 
ATOM   161  C  CG1 . VAL A 1 47  ? -1.078  -6.520  2.849   1.00 39.41  ? 77  VAL A CG1 1 
ATOM   162  C  CG2 . VAL A 1 47  ? -1.660  -5.263  0.792   1.00 40.20  ? 77  VAL A CG2 1 
ATOM   163  N  N   . HIS A 1 48  ? 1.187   -4.582  4.433   1.00 35.39  ? 78  HIS A N   1 
ATOM   164  C  CA  . HIS A 1 48  ? 2.161   -5.038  5.411   1.00 40.51  ? 78  HIS A CA  1 
ATOM   165  C  C   . HIS A 1 48  ? 1.830   -6.519  5.661   1.00 44.08  ? 78  HIS A C   1 
ATOM   166  O  O   . HIS A 1 48  ? 0.776   -6.853  6.235   1.00 43.20  ? 78  HIS A O   1 
ATOM   167  C  CB  . HIS A 1 48  ? 2.007   -4.292  6.692   1.00 38.48  ? 78  HIS A CB  1 
ATOM   168  C  CG  . HIS A 1 48  ? 2.899   -4.790  7.757   1.00 40.20  ? 78  HIS A CG  1 
ATOM   169  N  ND1 . HIS A 1 48  ? 4.269   -4.674  7.682   1.00 44.52  ? 78  HIS A ND1 1 
ATOM   170  C  CD2 . HIS A 1 48  ? 2.635   -5.359  8.943   1.00 42.47  ? 78  HIS A CD2 1 
ATOM   171  C  CE1 . HIS A 1 48  ? 4.804   -5.164  8.780   1.00 41.39  ? 78  HIS A CE1 1 
ATOM   172  N  NE2 . HIS A 1 48  ? 3.833   -5.544  9.579   1.00 43.30  ? 78  HIS A NE2 1 
ATOM   173  N  N   . VAL A 1 49  ? 2.665   -7.401  5.169   1.00 43.58  ? 79  VAL A N   1 
ATOM   174  C  CA  . VAL A 1 49  ? 2.220   -8.795  5.025   1.00 46.55  ? 79  VAL A CA  1 
ATOM   175  C  C   . VAL A 1 49  ? 1.917   -9.387  6.388   1.00 47.74  ? 79  VAL A C   1 
ATOM   176  O  O   . VAL A 1 49  ? 0.874   -9.960  6.566   1.00 49.97  ? 79  VAL A O   1 
ATOM   177  C  CB  . VAL A 1 49  ? 3.259   -9.612  4.265   1.00 52.61  ? 79  VAL A CB  1 
ATOM   178  C  CG1 . VAL A 1 49  ? 2.851   -11.095 4.201   1.00 58.73  ? 79  VAL A CG1 1 
ATOM   179  C  CG2 . VAL A 1 49  ? 3.412   -9.005  2.868   1.00 50.56  ? 79  VAL A CG2 1 
ATOM   180  N  N   . ALA A 1 50  ? 2.766   -9.183  7.385   1.00 44.62  ? 80  ALA A N   1 
ATOM   181  C  CA  . ALA A 1 50  ? 2.466   -9.813  8.671   1.00 45.93  ? 80  ALA A CA  1 
ATOM   182  C  C   . ALA A 1 50  ? 1.125   -9.384  9.289   1.00 55.03  ? 80  ALA A C   1 
ATOM   183  O  O   . ALA A 1 50  ? 0.478   -10.177 9.911   1.00 66.59  ? 80  ALA A O   1 
ATOM   184  C  CB  . ALA A 1 50  ? 3.588   -9.523  9.657   1.00 46.38  ? 80  ALA A CB  1 
ATOM   185  N  N   . SER A 1 51  ? 0.677   -8.152  9.126   1.00 50.04  ? 81  SER A N   1 
ATOM   186  C  CA  . SER A 1 51  ? -0.523  -7.676  9.864   1.00 41.47  ? 81  SER A CA  1 
ATOM   187  C  C   . SER A 1 51  ? -1.742  -7.625  9.001   1.00 45.59  ? 81  SER A C   1 
ATOM   188  O  O   . SER A 1 51  ? -2.835  -7.547  9.491   1.00 51.24  ? 81  SER A O   1 
ATOM   189  C  CB  . SER A 1 51  ? -0.297  -6.251  10.303  1.00 49.79  ? 81  SER A CB  1 
ATOM   190  O  OG  . SER A 1 51  ? -0.069  -5.428  9.134   1.00 47.61  ? 81  SER A OG  1 
ATOM   191  N  N   . GLY A 1 52  ? -1.570  -7.550  7.689   1.00 48.04  ? 82  GLY A N   1 
ATOM   192  C  CA  . GLY A 1 52  ? -2.679  -7.204  6.777   1.00 46.07  ? 82  GLY A CA  1 
ATOM   193  C  C   . GLY A 1 52  ? -3.036  -5.707  6.712   1.00 41.30  ? 82  GLY A C   1 
ATOM   194  O  O   . GLY A 1 52  ? -3.981  -5.345  6.030   1.00 39.48  ? 82  GLY A O   1 
ATOM   195  N  N   . TYR A 1 53  ? -2.257  -4.848  7.362   1.00 37.95  ? 83  TYR A N   1 
ATOM   196  C  CA  . TYR A 1 53  ? -2.472  -3.401  7.240   1.00 41.18  ? 83  TYR A CA  1 
ATOM   197  C  C   . TYR A 1 53  ? -2.218  -2.931  5.832   1.00 39.09  ? 83  TYR A C   1 
ATOM   198  O  O   . TYR A 1 53  ? -1.292  -3.391  5.223   1.00 38.35  ? 83  TYR A O   1 
ATOM   199  C  CB  . TYR A 1 53  ? -1.576  -2.633  8.217   1.00 40.36  ? 83  TYR A CB  1 
ATOM   200  C  CG  . TYR A 1 53  ? -1.398  -1.143  7.982   1.00 43.41  ? 83  TYR A CG  1 
ATOM   201  C  CD1 . TYR A 1 53  ? -0.366  -0.679  7.153   1.00 40.53  ? 83  TYR A CD1 1 
ATOM   202  C  CD2 . TYR A 1 53  ? -2.164  -0.203  8.672   1.00 41.66  ? 83  TYR A CD2 1 
ATOM   203  C  CE1 . TYR A 1 53  ? -0.173  0.624   6.959   1.00 36.92  ? 83  TYR A CE1 1 
ATOM   204  C  CE2 . TYR A 1 53  ? -1.952  1.140   8.497   1.00 41.31  ? 83  TYR A CE2 1 
ATOM   205  C  CZ  . TYR A 1 53  ? -0.969  1.543   7.643   1.00 41.38  ? 83  TYR A CZ  1 
ATOM   206  O  OH  . TYR A 1 53  ? -0.734  2.879   7.403   1.00 42.60  ? 83  TYR A OH  1 
ATOM   207  N  N   . ILE A 1 54  ? -3.072  -2.034  5.324   1.00 40.85  ? 84  ILE A N   1 
ATOM   208  C  CA  . ILE A 1 54  ? -2.864  -1.439  4.060   1.00 41.43  ? 84  ILE A CA  1 
ATOM   209  C  C   . ILE A 1 54  ? -2.725  0.090   4.041   1.00 38.38  ? 84  ILE A C   1 
ATOM   210  O  O   . ILE A 1 54  ? -3.235  0.811   4.885   1.00 33.78  ? 84  ILE A O   1 
ATOM   211  C  CB  . ILE A 1 54  ? -3.895  -1.935  3.042   1.00 52.80  ? 84  ILE A CB  1 
ATOM   212  C  CG1 . ILE A 1 54  ? -5.246  -1.330  3.223   1.00 61.33  ? 84  ILE A CG1 1 
ATOM   213  C  CG2 . ILE A 1 54  ? -4.055  -3.477  3.129   1.00 56.06  ? 84  ILE A CG2 1 
ATOM   214  C  CD1 . ILE A 1 54  ? -6.317  -2.015  2.365   1.00 74.38  ? 84  ILE A CD1 1 
ATOM   215  N  N   . GLU A 1 55  ? -2.011  0.528   3.016   1.00 37.60  ? 85  GLU A N   1 
ATOM   216  C  CA  . GLU A 1 55  ? -1.951  1.874   2.533   1.00 40.45  ? 85  GLU A CA  1 
ATOM   217  C  C   . GLU A 1 55  ? -2.197  1.841   1.096   1.00 39.82  ? 85  GLU A C   1 
ATOM   218  O  O   . GLU A 1 55  ? -1.740  0.942   0.424   1.00 40.12  ? 85  GLU A O   1 
ATOM   219  C  CB  . GLU A 1 55  ? -0.562  2.457   2.742   1.00 43.56  ? 85  GLU A CB  1 
ATOM   220  C  CG  . GLU A 1 55  ? -0.560  3.279   3.970   1.00 56.37  ? 85  GLU A CG  1 
ATOM   221  C  CD  . GLU A 1 55  ? 0.785   3.750   4.411   1.00 57.14  ? 85  GLU A CD  1 
ATOM   222  O  OE1 . GLU A 1 55  ? 1.499   4.308   3.571   1.00 60.70  ? 85  GLU A OE1 1 
ATOM   223  O  OE2 . GLU A 1 55  ? 1.056   3.602   5.623   1.00 47.86  ? 85  GLU A OE2 1 
ATOM   224  N  N   . ALA A 1 56  ? -2.808  2.894   0.597   1.00 42.72  ? 86  ALA A N   1 
ATOM   225  C  CA  . ALA A 1 56  ? -3.147  2.981   -0.807  1.00 44.38  ? 86  ALA A CA  1 
ATOM   226  C  C   . ALA A 1 56  ? -3.279  4.385   -1.286  1.00 49.43  ? 86  ALA A C   1 
ATOM   227  O  O   . ALA A 1 56  ? -3.570  5.294   -0.509  1.00 45.84  ? 86  ALA A O   1 
ATOM   228  C  CB  . ALA A 1 56  ? -4.422  2.231   -1.081  1.00 45.99  ? 86  ALA A CB  1 
ATOM   229  N  N   . GLU A 1 57  ? -3.015  4.586   -2.574  1.00 46.88  ? 87  GLU A N   1 
ATOM   230  C  CA  . GLU A 1 57  ? -3.189  5.889   -3.153  1.00 41.42  ? 87  GLU A CA  1 
ATOM   231  C  C   . GLU A 1 57  ? -3.690  5.667   -4.556  1.00 40.01  ? 87  GLU A C   1 
ATOM   232  O  O   . GLU A 1 57  ? -3.252  4.732   -5.287  1.00 38.52  ? 87  GLU A O   1 
ATOM   233  C  CB  . GLU A 1 57  ? -1.873  6.669   -3.353  1.00 44.54  ? 87  GLU A CB  1 
ATOM   234  C  CG  . GLU A 1 57  ? -0.938  6.972   -2.201  1.00 53.53  ? 87  GLU A CG  1 
ATOM   235  C  CD  . GLU A 1 57  ? -1.231  8.230   -1.451  1.00 52.28  ? 87  GLU A CD  1 
ATOM   236  O  OE1 . GLU A 1 57  ? -2.064  9.039   -1.903  1.00 65.24  ? 87  GLU A OE1 1 
ATOM   237  O  OE2 . GLU A 1 57  ? -0.633  8.378   -0.381  1.00 72.75  ? 87  GLU A OE2 1 
ATOM   238  N  N   . VAL A 1 58  ? -4.435  6.656   -5.018  1.00 41.07  ? 88  VAL A N   1 
ATOM   239  C  CA  . VAL A 1 58  ? -4.873  6.749   -6.394  1.00 42.07  ? 88  VAL A CA  1 
ATOM   240  C  C   . VAL A 1 58  ? -3.801  7.540   -7.096  1.00 42.71  ? 88  VAL A C   1 
ATOM   241  O  O   . VAL A 1 58  ? -3.414  8.601   -6.623  1.00 43.28  ? 88  VAL A O   1 
ATOM   242  C  CB  . VAL A 1 58  ? -6.234  7.441   -6.529  1.00 45.52  ? 88  VAL A CB  1 
ATOM   243  C  CG1 . VAL A 1 58  ? -6.486  7.836   -8.001  1.00 51.61  ? 88  VAL A CG1 1 
ATOM   244  C  CG2 . VAL A 1 58  ? -7.329  6.514   -6.053  1.00 45.80  ? 88  VAL A CG2 1 
ATOM   245  N  N   . ILE A 1 59  ? -3.276  7.006   -8.187  1.00 46.13  ? 89  ILE A N   1 
ATOM   246  C  CA  . ILE A 1 59  ? -2.243  7.691   -8.922  1.00 52.31  ? 89  ILE A CA  1 
ATOM   247  C  C   . ILE A 1 59  ? -2.652  7.930   -10.403 1.00 57.87  ? 89  ILE A C   1 
ATOM   248  O  O   . ILE A 1 59  ? -3.552  7.250   -10.921 1.00 50.13  ? 89  ILE A O   1 
ATOM   249  C  CB  . ILE A 1 59  ? -0.901  6.984   -8.791  1.00 56.38  ? 89  ILE A CB  1 
ATOM   250  C  CG1 . ILE A 1 59  ? -0.980  5.576   -9.337  1.00 53.05  ? 89  ILE A CG1 1 
ATOM   251  C  CG2 . ILE A 1 59  ? -0.368  7.027   -7.335  1.00 50.93  ? 89  ILE A CG2 1 
ATOM   252  C  CD1 . ILE A 1 59  ? 0.405   5.038   -9.524  1.00 51.49  ? 89  ILE A CD1 1 
ATOM   253  N  N   . PRO A 1 60  ? -2.065  8.971   -11.047 1.00 63.14  ? 90  PRO A N   1 
ATOM   254  C  CA  . PRO A 1 60  ? -2.520  9.266   -12.400 1.00 71.84  ? 90  PRO A CA  1 
ATOM   255  C  C   . PRO A 1 60  ? -2.232  8.056   -13.292 1.00 78.42  ? 90  PRO A C   1 
ATOM   256  O  O   . PRO A 1 60  ? -3.159  7.447   -13.879 1.00 70.56  ? 90  PRO A O   1 
ATOM   257  C  CB  . PRO A 1 60  ? -1.686  10.483  -12.809 1.00 69.68  ? 90  PRO A CB  1 
ATOM   258  C  CG  . PRO A 1 60  ? -1.186  11.077  -11.546 1.00 69.59  ? 90  PRO A CG  1 
ATOM   259  C  CD  . PRO A 1 60  ? -1.007  9.903   -10.605 1.00 64.90  ? 90  PRO A CD  1 
ATOM   260  N  N   . ALA A 1 61  ? -0.971  7.639   -13.281 1.00 72.64  ? 91  ALA A N   1 
ATOM   261  C  CA  . ALA A 1 61  ? -0.537  6.625   -14.208 1.00 65.93  ? 91  ALA A CA  1 
ATOM   262  C  C   . ALA A 1 61  ? 0.298   5.615   -13.517 1.00 52.73  ? 91  ALA A C   1 
ATOM   263  O  O   . ALA A 1 61  ? 1.064   5.945   -12.680 1.00 57.07  ? 91  ALA A O   1 
ATOM   264  C  CB  . ALA A 1 61  ? 0.285   7.287   -15.323 1.00 68.09  ? 91  ALA A CB  1 
ATOM   265  N  N   . GLU A 1 62  ? 0.191   4.377   -13.955 1.00 56.76  ? 92  GLU A N   1 
ATOM   266  C  CA  . GLU A 1 62  ? 1.000   3.310   -13.490 1.00 54.92  ? 92  GLU A CA  1 
ATOM   267  C  C   . GLU A 1 62  ? 2.419   3.504   -13.966 1.00 62.96  ? 92  GLU A C   1 
ATOM   268  O  O   . GLU A 1 62  ? 2.855   2.908   -14.944 1.00 75.97  ? 92  GLU A O   1 
ATOM   269  C  CB  . GLU A 1 62  ? 0.438   2.046   -14.032 1.00 54.22  ? 92  GLU A CB  1 
ATOM   270  C  CG  . GLU A 1 62  ? 1.044   0.799   -13.468 1.00 60.77  ? 92  GLU A CG  1 
ATOM   271  C  CD  . GLU A 1 62  ? 0.087   -0.422  -13.533 1.00 62.53  ? 92  GLU A CD  1 
ATOM   272  O  OE1 . GLU A 1 62  ? -0.953  -0.380  -14.219 1.00 69.04  ? 92  GLU A OE1 1 
ATOM   273  O  OE2 . GLU A 1 62  ? 0.369   -1.439  -12.880 1.00 69.32  ? 92  GLU A OE2 1 
ATOM   274  N  N   . THR A 1 63  ? 3.159   4.315   -13.233 1.00 52.27  ? 93  THR A N   1 
ATOM   275  C  CA  . THR A 1 63  ? 4.493   4.670   -13.635 1.00 48.57  ? 93  THR A CA  1 
ATOM   276  C  C   . THR A 1 63  ? 5.583   4.350   -12.645 1.00 45.41  ? 93  THR A C   1 
ATOM   277  O  O   . THR A 1 63  ? 5.364   4.326   -11.422 1.00 46.50  ? 93  THR A O   1 
ATOM   278  C  CB  . THR A 1 63  ? 4.413   6.152   -14.003 1.00 57.51  ? 93  THR A CB  1 
ATOM   279  O  OG1 . THR A 1 63  ? 5.205   6.365   -15.151 1.00 64.93  ? 93  THR A OG1 1 
ATOM   280  C  CG2 . THR A 1 63  ? 4.838   7.026   -12.951 1.00 50.10  ? 93  THR A CG2 1 
ATOM   281  N  N   . GLY A 1 64  ? 6.784   4.081   -13.142 1.00 42.68  ? 94  GLY A N   1 
ATOM   282  C  CA  . GLY A 1 64  ? 7.974   3.908   -12.242 1.00 40.77  ? 94  GLY A CA  1 
ATOM   283  C  C   . GLY A 1 64  ? 8.209   5.062   -11.199 1.00 44.81  ? 94  GLY A C   1 
ATOM   284  O  O   . GLY A 1 64  ? 8.567   4.875   -10.063 1.00 39.68  ? 94  GLY A O   1 
ATOM   285  N  N   . GLN A 1 65  ? 7.965   6.252   -11.636 1.00 40.23  ? 95  GLN A N   1 
ATOM   286  C  CA  . GLN A 1 65  ? 8.144   7.463   -10.869 1.00 47.30  ? 95  GLN A CA  1 
ATOM   287  C  C   . GLN A 1 65  ? 7.149   7.580   -9.691  1.00 48.04  ? 95  GLN A C   1 
ATOM   288  O  O   . GLN A 1 65  ? 7.480   7.989   -8.588  1.00 40.33  ? 95  GLN A O   1 
ATOM   289  C  CB  . GLN A 1 65  ? 7.819   8.573   -11.848 1.00 53.81  ? 95  GLN A CB  1 
ATOM   290  C  CG  . GLN A 1 65  ? 8.527   9.872   -11.738 1.00 70.37  ? 95  GLN A CG  1 
ATOM   291  C  CD  . GLN A 1 65  ? 9.656   9.941   -12.691 1.00 73.07  ? 95  GLN A CD  1 
ATOM   292  O  OE1 . GLN A 1 65  ? 9.917   10.978  -13.278 1.00 49.88  ? 95  GLN A OE1 1 
ATOM   293  N  NE2 . GLN A 1 65  ? 10.323  8.803   -12.870 1.00 69.49  ? 95  GLN A NE2 1 
ATOM   294  N  N   . GLU A 1 66  ? 5.906   7.271   -9.980  1.00 38.27  ? 96  GLU A N   1 
ATOM   295  C  CA  . GLU A 1 66  ? 4.852   7.241   -8.995  1.00 43.80  ? 96  GLU A CA  1 
ATOM   296  C  C   . GLU A 1 66  ? 5.127   6.160   -7.961  1.00 38.88  ? 96  GLU A C   1 
ATOM   297  O  O   . GLU A 1 66  ? 4.961   6.393   -6.778  1.00 39.08  ? 96  GLU A O   1 
ATOM   298  C  CB  . GLU A 1 66  ? 3.543   6.962   -9.695  1.00 43.07  ? 96  GLU A CB  1 
ATOM   299  C  CG  . GLU A 1 66  ? 3.175   8.189   -10.532 1.00 44.98  ? 96  GLU A CG  1 
ATOM   300  C  CD  . GLU A 1 66  ? 2.659   9.354   -9.715  1.00 46.31  ? 96  GLU A CD  1 
ATOM   301  O  OE1 . GLU A 1 66  ? 2.497   9.264   -8.505  1.00 50.84  ? 96  GLU A OE1 1 
ATOM   302  O  OE2 . GLU A 1 66  ? 2.416   10.396  -10.294 1.00 59.62  ? 96  GLU A OE2 1 
ATOM   303  N  N   . THR A 1 67  ? 5.587   5.001   -8.418  1.00 38.70  ? 97  THR A N   1 
ATOM   304  C  CA  . THR A 1 67  ? 5.954   3.908   -7.526  1.00 38.11  ? 97  THR A CA  1 
ATOM   305  C  C   . THR A 1 67  ? 7.077   4.321   -6.618  1.00 38.80  ? 97  THR A C   1 
ATOM   306  O  O   . THR A 1 67  ? 7.012   4.068   -5.426  1.00 40.63  ? 97  THR A O   1 
ATOM   307  C  CB  . THR A 1 67  ? 6.339   2.664   -8.347  1.00 38.80  ? 97  THR A CB  1 
ATOM   308  O  OG1 . THR A 1 67  ? 5.247   2.303   -9.216  1.00 39.74  ? 97  THR A OG1 1 
ATOM   309  C  CG2 . THR A 1 67  ? 6.642   1.489   -7.505  1.00 39.30  ? 97  THR A CG2 1 
ATOM   310  N  N   . ALA A 1 68  ? 8.074   5.030   -7.166  1.00 35.04  ? 98  ALA A N   1 
ATOM   311  C  CA  . ALA A 1 68  ? 9.217   5.472   -6.405  1.00 36.61  ? 98  ALA A CA  1 
ATOM   312  C  C   . ALA A 1 68  ? 8.866   6.422   -5.265  1.00 34.95  ? 98  ALA A C   1 
ATOM   313  O  O   . ALA A 1 68  ? 9.368   6.294   -4.147  1.00 33.63  ? 98  ALA A O   1 
ATOM   314  C  CB  . ALA A 1 68  ? 10.289  6.097   -7.324  1.00 38.98  ? 98  ALA A CB  1 
ATOM   315  N  N   . TYR A 1 69  ? 7.982   7.338   -5.558  1.00 33.03  ? 99  TYR A N   1 
ATOM   316  C  CA  . TYR A 1 69  ? 7.573   8.391   -4.685  1.00 33.08  ? 99  TYR A CA  1 
ATOM   317  C  C   . TYR A 1 69  ? 6.734   7.772   -3.637  1.00 33.95  ? 99  TYR A C   1 
ATOM   318  O  O   . TYR A 1 69  ? 6.887   8.036   -2.440  1.00 32.19  ? 99  TYR A O   1 
ATOM   319  C  CB  . TYR A 1 69  ? 6.760   9.422   -5.515  1.00 34.80  ? 99  TYR A CB  1 
ATOM   320  C  CG  . TYR A 1 69  ? 6.268   10.559  -4.671  1.00 37.34  ? 99  TYR A CG  1 
ATOM   321  C  CD1 . TYR A 1 69  ? 7.161   11.391  -4.056  1.00 36.55  ? 99  TYR A CD1 1 
ATOM   322  C  CD2 . TYR A 1 69  ? 4.883   10.744  -4.409  1.00 40.04  ? 99  TYR A CD2 1 
ATOM   323  C  CE1 . TYR A 1 69  ? 6.741   12.398  -3.214  1.00 40.40  ? 99  TYR A CE1 1 
ATOM   324  C  CE2 . TYR A 1 69  ? 4.455   11.777  -3.571  1.00 38.81  ? 99  TYR A CE2 1 
ATOM   325  C  CZ  . TYR A 1 69  ? 5.407   12.601  -2.988  1.00 40.84  ? 99  TYR A CZ  1 
ATOM   326  O  OH  . TYR A 1 69  ? 5.075   13.611  -2.178  1.00 42.83  ? 99  TYR A OH  1 
ATOM   327  N  N   . PHE A 1 70  ? 5.858   6.883   -4.060  1.00 37.25  ? 100 PHE A N   1 
ATOM   328  C  CA  . PHE A 1 70  ? 5.083   6.091   -3.058  1.00 37.47  ? 100 PHE A CA  1 
ATOM   329  C  C   . PHE A 1 70  ? 5.964   5.356   -2.011  1.00 36.09  ? 100 PHE A C   1 
ATOM   330  O  O   . PHE A 1 70  ? 5.703   5.345   -0.808  1.00 36.22  ? 100 PHE A O   1 
ATOM   331  C  CB  . PHE A 1 70  ? 4.200   5.108   -3.772  1.00 39.84  ? 100 PHE A CB  1 
ATOM   332  C  CG  . PHE A 1 70  ? 3.293   4.377   -2.881  1.00 40.97  ? 100 PHE A CG  1 
ATOM   333  C  CD1 . PHE A 1 70  ? 3.689   3.222   -2.303  1.00 38.84  ? 100 PHE A CD1 1 
ATOM   334  C  CD2 . PHE A 1 70  ? 2.012   4.855   -2.633  1.00 42.36  ? 100 PHE A CD2 1 
ATOM   335  C  CE1 . PHE A 1 70  ? 2.848   2.565   -1.401  1.00 42.67  ? 100 PHE A CE1 1 
ATOM   336  C  CE2 . PHE A 1 70  ? 1.168   4.194   -1.761  1.00 45.79  ? 100 PHE A CE2 1 
ATOM   337  C  CZ  . PHE A 1 70  ? 1.582   3.027   -1.163  1.00 44.04  ? 100 PHE A CZ  1 
ATOM   338  N  N   . LEU A 1 71  ? 7.004   4.726   -2.496  1.00 37.79  ? 101 LEU A N   1 
ATOM   339  C  CA  . LEU A 1 71  ? 7.948   3.989   -1.630  1.00 38.51  ? 101 LEU A CA  1 
ATOM   340  C  C   . LEU A 1 71  ? 8.693   4.862   -0.692  1.00 34.15  ? 101 LEU A C   1 
ATOM   341  O  O   . LEU A 1 71  ? 8.887   4.514   0.443   1.00 34.47  ? 101 LEU A O   1 
ATOM   342  C  CB  . LEU A 1 71  ? 8.959   3.262   -2.476  1.00 40.37  ? 101 LEU A CB  1 
ATOM   343  C  CG  . LEU A 1 71  ? 8.470   1.939   -3.022  1.00 49.13  ? 101 LEU A CG  1 
ATOM   344  C  CD1 . LEU A 1 71  ? 9.512   1.426   -4.031  1.00 51.38  ? 101 LEU A CD1 1 
ATOM   345  C  CD2 . LEU A 1 71  ? 8.389   0.929   -1.899  1.00 52.40  ? 101 LEU A CD2 1 
ATOM   346  N  N   . LEU A 1 72  ? 9.111   6.023   -1.172  1.00 35.84  ? 102 LEU A N   1 
ATOM   347  C  CA  . LEU A 1 72  ? 9.683   7.058   -0.300  1.00 36.06  ? 102 LEU A CA  1 
ATOM   348  C  C   . LEU A 1 72  ? 8.785   7.444   0.856   1.00 34.43  ? 102 LEU A C   1 
ATOM   349  O  O   . LEU A 1 72  ? 9.255   7.569   1.974   1.00 36.45  ? 102 LEU A O   1 
ATOM   350  C  CB  . LEU A 1 72  ? 9.954   8.358   -1.026  1.00 43.37  ? 102 LEU A CB  1 
ATOM   351  C  CG  . LEU A 1 72  ? 11.323  8.627   -1.547  1.00 61.59  ? 102 LEU A CG  1 
ATOM   352  C  CD1 . LEU A 1 72  ? 11.232  10.046  -2.136  1.00 55.77  ? 102 LEU A CD1 1 
ATOM   353  C  CD2 . LEU A 1 72  ? 12.374  8.506   -0.427  1.00 62.12  ? 102 LEU A CD2 1 
ATOM   354  N  N   . LYS A 1 73  ? 7.523   7.734   0.546   1.00 33.32  ? 103 LYS A N   1 
ATOM   355  C  CA  . LYS A 1 73  ? 6.569   8.056   1.576   1.00 36.70  ? 103 LYS A CA  1 
ATOM   356  C  C   . LYS A 1 73  ? 6.390   6.879   2.496   1.00 35.84  ? 103 LYS A C   1 
ATOM   357  O  O   . LYS A 1 73  ? 6.456   7.039   3.669   1.00 34.80  ? 103 LYS A O   1 
ATOM   358  C  CB  . LYS A 1 73  ? 5.214   8.449   1.012   1.00 38.75  ? 103 LYS A CB  1 
ATOM   359  C  CG  . LYS A 1 73  ? 5.296   9.718   0.239   1.00 44.41  ? 103 LYS A CG  1 
ATOM   360  C  CD  . LYS A 1 73  ? 3.986   10.467  0.126   1.00 49.40  ? 103 LYS A CD  1 
ATOM   361  C  CE  . LYS A 1 73  ? 2.789   9.674   -0.265  1.00 62.11  ? 103 LYS A CE  1 
ATOM   362  N  NZ  . LYS A 1 73  ? 2.814   9.258   -1.666  1.00 68.27  ? 103 LYS A NZ  1 
ATOM   363  N  N   . LEU A 1 74  ? 6.206   5.686   1.958   1.00 36.90  ? 104 LEU A N   1 
ATOM   364  C  CA  . LEU A 1 74  ? 5.976   4.526   2.833   1.00 38.52  ? 104 LEU A CA  1 
ATOM   365  C  C   . LEU A 1 74  ? 7.140   4.274   3.803   1.00 39.21  ? 104 LEU A C   1 
ATOM   366  O  O   . LEU A 1 74  ? 6.942   4.026   5.029   1.00 37.96  ? 104 LEU A O   1 
ATOM   367  C  CB  . LEU A 1 74  ? 5.757   3.280   1.971   1.00 40.09  ? 104 LEU A CB  1 
ATOM   368  C  CG  . LEU A 1 74  ? 5.369   1.981   2.678   1.00 43.23  ? 104 LEU A CG  1 
ATOM   369  C  CD1 . LEU A 1 74  ? 3.951   2.071   3.182   1.00 39.12  ? 104 LEU A CD1 1 
ATOM   370  C  CD2 . LEU A 1 74  ? 5.531   0.774   1.758   1.00 44.08  ? 104 LEU A CD2 1 
ATOM   371  N  N   . ALA A 1 75  ? 8.341   4.384   3.260   1.00 37.04  ? 105 ALA A N   1 
ATOM   372  C  CA  . ALA A 1 75  ? 9.564   4.136   4.019   1.00 38.72  ? 105 ALA A CA  1 
ATOM   373  C  C   . ALA A 1 75  ? 9.815   5.123   5.143   1.00 38.44  ? 105 ALA A C   1 
ATOM   374  O  O   . ALA A 1 75  ? 10.516  4.803   6.099   1.00 37.03  ? 105 ALA A O   1 
ATOM   375  C  CB  . ALA A 1 75  ? 10.774  4.106   3.093   1.00 37.84  ? 105 ALA A CB  1 
ATOM   376  N  N   . GLY A 1 76  ? 9.296   6.339   5.026   1.00 36.43  ? 106 GLY A N   1 
ATOM   377  C  CA  . GLY A 1 76  ? 9.524   7.311   6.087   1.00 37.06  ? 106 GLY A CA  1 
ATOM   378  C  C   . GLY A 1 76  ? 8.555   7.097   7.233   1.00 38.57  ? 106 GLY A C   1 
ATOM   379  O  O   . GLY A 1 76  ? 8.729   7.617   8.308   1.00 39.41  ? 106 GLY A O   1 
ATOM   380  N  N   . ARG A 1 77  ? 7.539   6.311   6.997   1.00 34.62  ? 107 ARG A N   1 
ATOM   381  C  CA  . ARG A 1 77  ? 6.466   6.122   7.975   1.00 39.87  ? 107 ARG A CA  1 
ATOM   382  C  C   . ARG A 1 77  ? 6.688   4.814   8.716   1.00 40.20  ? 107 ARG A C   1 
ATOM   383  O  O   . ARG A 1 77  ? 6.513   4.747   9.917   1.00 49.28  ? 107 ARG A O   1 
ATOM   384  C  CB  . ARG A 1 77  ? 5.196   6.290   7.161   1.00 42.18  ? 107 ARG A CB  1 
ATOM   385  C  CG  . ARG A 1 77  ? 3.850   5.865   7.713   1.00 59.70  ? 107 ARG A CG  1 
ATOM   386  C  CD  . ARG A 1 77  ? 2.847   6.044   6.538   1.00 57.93  ? 107 ARG A CD  1 
ATOM   387  N  NE  . ARG A 1 77  ? 2.924   7.401   5.991   1.00 57.86  ? 107 ARG A NE  1 
ATOM   388  C  CZ  . ARG A 1 77  ? 2.690   7.766   4.733   1.00 64.98  ? 107 ARG A CZ  1 
ATOM   389  N  NH1 . ARG A 1 77  ? 2.432   6.859   3.790   1.00 63.08  ? 107 ARG A NH1 1 
ATOM   390  N  NH2 . ARG A 1 77  ? 2.787   9.072   4.398   1.00 71.98  ? 107 ARG A NH2 1 
ATOM   391  N  N   . TRP A 1 78  ? 7.152   3.775   8.034   1.00 39.77  ? 108 TRP A N   1 
ATOM   392  C  CA  . TRP A 1 78  ? 7.351   2.460   8.636   1.00 38.09  ? 108 TRP A CA  1 
ATOM   393  C  C   . TRP A 1 78  ? 8.780   1.973   8.358   1.00 43.14  ? 108 TRP A C   1 
ATOM   394  O  O   . TRP A 1 78  ? 9.429   2.425   7.363   1.00 44.52  ? 108 TRP A O   1 
ATOM   395  C  CB  . TRP A 1 78  ? 6.359   1.452   8.033   1.00 39.17  ? 108 TRP A CB  1 
ATOM   396  C  CG  . TRP A 1 78  ? 4.937   1.859   8.155   1.00 37.42  ? 108 TRP A CG  1 
ATOM   397  C  CD1 . TRP A 1 78  ? 4.147   2.266   7.174   1.00 37.89  ? 108 TRP A CD1 1 
ATOM   398  C  CD2 . TRP A 1 78  ? 4.127   1.845   9.341   1.00 36.69  ? 108 TRP A CD2 1 
ATOM   399  N  NE1 . TRP A 1 78  ? 2.893   2.507   7.623   1.00 36.93  ? 108 TRP A NE1 1 
ATOM   400  C  CE2 . TRP A 1 78  ? 2.852   2.277   8.965   1.00 37.51  ? 108 TRP A CE2 1 
ATOM   401  C  CE3 . TRP A 1 78  ? 4.342   1.446   10.644  1.00 38.79  ? 108 TRP A CE3 1 
ATOM   402  C  CZ2 . TRP A 1 78  ? 1.794   2.358   9.850   1.00 39.96  ? 108 TRP A CZ2 1 
ATOM   403  C  CZ3 . TRP A 1 78  ? 3.299   1.542   11.572  1.00 41.19  ? 108 TRP A CZ3 1 
ATOM   404  C  CH2 . TRP A 1 78  ? 2.020   2.030   11.153  1.00 39.63  ? 108 TRP A CH2 1 
ATOM   405  N  N   . PRO A 1 79  ? 9.273   1.043   9.189   1.00 40.95  ? 109 PRO A N   1 
ATOM   406  C  CA  . PRO A 1 79  ? 10.554  0.440   8.927   1.00 45.92  ? 109 PRO A CA  1 
ATOM   407  C  C   . PRO A 1 79  ? 10.456  -0.582  7.779   1.00 48.01  ? 109 PRO A C   1 
ATOM   408  O  O   . PRO A 1 79  ? 10.291  -1.739  8.030   1.00 48.57  ? 109 PRO A O   1 
ATOM   409  C  CB  . PRO A 1 79  ? 10.906  -0.212  10.275  1.00 43.04  ? 109 PRO A CB  1 
ATOM   410  C  CG  . PRO A 1 79  ? 9.604   -0.571  10.844  1.00 44.28  ? 109 PRO A CG  1 
ATOM   411  C  CD  . PRO A 1 79  ? 8.646   0.478   10.383  1.00 44.36  ? 109 PRO A CD  1 
ATOM   412  N  N   . VAL A 1 80  ? 10.585  -0.118  6.533   1.00 45.55  ? 110 VAL A N   1 
ATOM   413  C  CA  . VAL A 1 80  ? 10.444  -0.961  5.359   1.00 45.53  ? 110 VAL A CA  1 
ATOM   414  C  C   . VAL A 1 80  ? 11.825  -1.568  5.014   1.00 49.32  ? 110 VAL A C   1 
ATOM   415  O  O   . VAL A 1 80  ? 12.796  -0.852  4.738   1.00 47.10  ? 110 VAL A O   1 
ATOM   416  C  CB  . VAL A 1 80  ? 9.917   -0.197  4.131   1.00 38.78  ? 110 VAL A CB  1 
ATOM   417  C  CG1 . VAL A 1 80  ? 9.666   -1.153  2.979   1.00 40.62  ? 110 VAL A CG1 1 
ATOM   418  C  CG2 . VAL A 1 80  ? 8.616   0.564   4.443   1.00 43.74  ? 110 VAL A CG2 1 
ATOM   419  N  N   . LYS A 1 81  ? 11.890  -2.880  4.984   1.00 42.61  ? 111 LYS A N   1 
ATOM   420  C  CA  . LYS A 1 81  ? 13.149  -3.563  4.685   1.00 47.04  ? 111 LYS A CA  1 
ATOM   421  C  C   . LYS A 1 81  ? 13.114  -4.245  3.348   1.00 43.42  ? 111 LYS A C   1 
ATOM   422  O  O   . LYS A 1 81  ? 14.045  -4.062  2.525   1.00 38.05  ? 111 LYS A O   1 
ATOM   423  C  CB  . LYS A 1 81  ? 13.491  -4.548  5.820   1.00 55.98  ? 111 LYS A CB  1 
ATOM   424  C  CG  . LYS A 1 81  ? 13.989  -3.755  7.008   1.00 63.59  ? 111 LYS A CG  1 
ATOM   425  C  CD  . LYS A 1 81  ? 14.345  -4.547  8.253   1.00 91.94  ? 111 LYS A CD  1 
ATOM   426  C  CE  . LYS A 1 81  ? 14.567  -3.552  9.409   1.00 101.48 ? 111 LYS A CE  1 
ATOM   427  N  NZ  . LYS A 1 81  ? 15.095  -4.237  10.624  1.00 111.21 ? 111 LYS A NZ  1 
ATOM   428  N  N   . THR A 1 82  ? 12.050  -5.018  3.113   1.00 41.00  ? 112 THR A N   1 
ATOM   429  C  CA  . THR A 1 82  ? 11.879  -5.631  1.829   1.00 45.89  ? 112 THR A CA  1 
ATOM   430  C  C   . THR A 1 82  ? 10.497  -5.465  1.202   1.00 40.14  ? 112 THR A C   1 
ATOM   431  O  O   . THR A 1 82  ? 9.440   -5.455  1.861   1.00 43.44  ? 112 THR A O   1 
ATOM   432  C  CB  . THR A 1 82  ? 12.221  -7.150  1.904   1.00 50.23  ? 112 THR A CB  1 
ATOM   433  O  OG1 . THR A 1 82  ? 11.248  -7.808  2.695   1.00 57.97  ? 112 THR A OG1 1 
ATOM   434  C  CG2 . THR A 1 82  ? 13.565  -7.384  2.559   1.00 51.67  ? 112 THR A CG2 1 
ATOM   435  N  N   . VAL A 1 83  ? 10.498  -5.344  -0.101  1.00 38.74  ? 113 VAL A N   1 
ATOM   436  C  CA  . VAL A 1 83  ? 9.258   -5.231  -0.843  1.00 44.02  ? 113 VAL A CA  1 
ATOM   437  C  C   . VAL A 1 83  ? 9.075   -6.309  -1.900  1.00 46.90  ? 113 VAL A C   1 
ATOM   438  O  O   . VAL A 1 83  ? 10.013  -6.592  -2.668  1.00 48.16  ? 113 VAL A O   1 
ATOM   439  C  CB  . VAL A 1 83  ? 9.200   -3.890  -1.556  1.00 46.43  ? 113 VAL A CB  1 
ATOM   440  C  CG1 . VAL A 1 83  ? 7.818   -3.692  -2.143  1.00 56.19  ? 113 VAL A CG1 1 
ATOM   441  C  CG2 . VAL A 1 83  ? 9.443   -2.787  -0.560  1.00 51.71  ? 113 VAL A CG2 1 
ATOM   442  N  N   . HIS A 1 84  ? 7.860   -6.889  -1.933  1.00 51.29  ? 114 HIS A N   1 
ATOM   443  C  CA  . HIS A 1 84  ? 7.453   -7.877  -2.940  1.00 49.48  ? 114 HIS A CA  1 
ATOM   444  C  C   . HIS A 1 84  ? 6.342   -7.279  -3.786  1.00 48.82  ? 114 HIS A C   1 
ATOM   445  O  O   . HIS A 1 84  ? 5.658   -6.343  -3.353  1.00 48.07  ? 114 HIS A O   1 
ATOM   446  C  CB  . HIS A 1 84  ? 6.977   -9.192  -2.300  1.00 55.37  ? 114 HIS A CB  1 
ATOM   447  C  CG  . HIS A 1 84  ? 6.802   -10.332 -3.292  1.00 89.02  ? 114 HIS A CG  1 
ATOM   448  N  ND1 . HIS A 1 84  ? 7.736   -10.635 -4.271  1.00 102.35 ? 114 HIS A ND1 1 
ATOM   449  C  CD2 . HIS A 1 84  ? 5.795   -11.233 -3.461  1.00 93.26  ? 114 HIS A CD2 1 
ATOM   450  C  CE1 . HIS A 1 84  ? 7.321   -11.671 -4.983  1.00 98.30  ? 114 HIS A CE1 1 
ATOM   451  N  NE2 . HIS A 1 84  ? 6.147   -12.056 -4.512  1.00 95.73  ? 114 HIS A NE2 1 
ATOM   452  N  N   . THR A 1 85  ? 6.171   -7.830  -4.989  1.00 45.88  ? 115 THR A N   1 
ATOM   453  C  CA  . THR A 1 85  ? 5.122   -7.464  -5.904  1.00 46.21  ? 115 THR A CA  1 
ATOM   454  C  C   . THR A 1 85  ? 4.767   -8.672  -6.740  1.00 49.10  ? 115 THR A C   1 
ATOM   455  O  O   . THR A 1 85  ? 5.583   -9.593  -6.869  1.00 46.88  ? 115 THR A O   1 
ATOM   456  C  CB  . THR A 1 85  ? 5.599   -6.290  -6.811  1.00 44.66  ? 115 THR A CB  1 
ATOM   457  O  OG1 . THR A 1 85  ? 4.542   -5.826  -7.657  1.00 38.86  ? 115 THR A OG1 1 
ATOM   458  C  CG2 . THR A 1 85  ? 6.829   -6.665  -7.654  1.00 47.19  ? 115 THR A CG2 1 
ATOM   459  N  N   . ASP A 1 86  ? 3.551   -8.643  -7.299  1.00 46.27  ? 116 ASP A N   1 
ATOM   460  C  CA  . ASP A 1 86  ? 3.067   -9.644  -8.253  1.00 52.62  ? 116 ASP A CA  1 
ATOM   461  C  C   . ASP A 1 86  ? 3.475   -9.333  -9.677  1.00 47.97  ? 116 ASP A C   1 
ATOM   462  O  O   . ASP A 1 86  ? 3.291   -10.160 -10.548 1.00 48.66  ? 116 ASP A O   1 
ATOM   463  C  CB  . ASP A 1 86  ? 1.517   -9.866  -8.148  1.00 55.44  ? 116 ASP A CB  1 
ATOM   464  C  CG  . ASP A 1 86  ? 1.122   -10.741 -6.876  1.00 65.35  ? 116 ASP A CG  1 
ATOM   465  O  OD1 . ASP A 1 86  ? 2.034   -11.184 -6.105  1.00 61.93  ? 116 ASP A OD1 1 
ATOM   466  O  OD2 . ASP A 1 86  ? -0.089  -10.990 -6.649  1.00 69.31  ? 116 ASP A OD2 1 
ATOM   467  N  N   . ASN A 1 87  ? 4.026   -8.156  -9.912  1.00 41.03  ? 117 ASN A N   1 
ATOM   468  C  CA  . ASN A 1 87  ? 4.518   -7.847  -11.209 1.00 43.76  ? 117 ASN A CA  1 
ATOM   469  C  C   . ASN A 1 87  ? 5.911   -7.321  -11.118 1.00 43.87  ? 117 ASN A C   1 
ATOM   470  O  O   . ASN A 1 87  ? 6.111   -6.129  -10.928 1.00 38.37  ? 117 ASN A O   1 
ATOM   471  C  CB  . ASN A 1 87  ? 3.599   -6.884  -11.949 1.00 47.47  ? 117 ASN A CB  1 
ATOM   472  C  CG  . ASN A 1 87  ? 4.077   -6.635  -13.371 1.00 52.10  ? 117 ASN A CG  1 
ATOM   473  O  OD1 . ASN A 1 87  ? 5.183   -7.023  -13.755 1.00 51.44  ? 117 ASN A OD1 1 
ATOM   474  N  ND2 . ASN A 1 87  ? 3.248   -5.987  -14.160 1.00 53.38  ? 117 ASN A ND2 1 
ATOM   475  N  N   . GLY A 1 88  ? 6.887   -8.225  -11.273 1.00 42.22  ? 118 GLY A N   1 
ATOM   476  C  CA  . GLY A 1 88  ? 8.255   -7.836  -11.077 1.00 40.99  ? 118 GLY A CA  1 
ATOM   477  C  C   . GLY A 1 88  ? 8.736   -6.685  -11.954 1.00 45.68  ? 118 GLY A C   1 
ATOM   478  O  O   . GLY A 1 88  ? 9.601   -5.898  -11.557 1.00 43.43  ? 118 GLY A O   1 
ATOM   479  N  N   . SER A 1 89  ? 8.211   -6.596  -13.172 1.00 39.74  ? 119 SER A N   1 
ATOM   480  C  CA  . SER A 1 89  ? 8.573   -5.529  -14.031 1.00 41.81  ? 119 SER A CA  1 
ATOM   481  C  C   . SER A 1 89  ? 8.251   -4.114  -13.480 1.00 47.10  ? 119 SER A C   1 
ATOM   482  O  O   . SER A 1 89  ? 8.803   -3.138  -13.975 1.00 49.84  ? 119 SER A O   1 
ATOM   483  C  CB  . SER A 1 89  ? 7.927   -5.713  -15.392 1.00 40.04  ? 119 SER A CB  1 
ATOM   484  O  OG  . SER A 1 89  ? 6.565   -5.456  -15.333 1.00 40.93  ? 119 SER A OG  1 
ATOM   485  N  N   . ASN A 1 90  ? 7.362   -4.003  -12.487 1.00 50.22  ? 120 ASN A N   1 
ATOM   486  C  CA  . ASN A 1 90  ? 7.142   -2.735  -11.725 1.00 48.82  ? 120 ASN A CA  1 
ATOM   487  C  C   . ASN A 1 90  ? 8.410   -2.116  -11.153 1.00 48.47  ? 120 ASN A C   1 
ATOM   488  O  O   . ASN A 1 90  ? 8.459   -0.928  -10.978 1.00 57.86  ? 120 ASN A O   1 
ATOM   489  C  CB  . ASN A 1 90  ? 6.266   -3.007  -10.483 1.00 51.30  ? 120 ASN A CB  1 
ATOM   490  C  CG  . ASN A 1 90  ? 4.846   -3.289  -10.831 1.00 51.57  ? 120 ASN A CG  1 
ATOM   491  O  OD1 . ASN A 1 90  ? 4.418   -2.890  -11.900 1.00 55.11  ? 120 ASN A OD1 1 
ATOM   492  N  ND2 . ASN A 1 90  ? 4.085   -3.982  -9.919  1.00 51.43  ? 120 ASN A ND2 1 
ATOM   493  N  N   . PHE A 1 91  ? 9.386   -2.938  -10.803 1.00 43.18  ? 121 PHE A N   1 
ATOM   494  C  CA  . PHE A 1 91  ? 10.596  -2.539  -10.060 1.00 50.21  ? 121 PHE A CA  1 
ATOM   495  C  C   . PHE A 1 91  ? 11.848  -2.383  -10.891 1.00 52.21  ? 121 PHE A C   1 
ATOM   496  O  O   . PHE A 1 91  ? 12.978  -2.457  -10.413 1.00 49.24  ? 121 PHE A O   1 
ATOM   497  C  CB  . PHE A 1 91  ? 10.878  -3.564  -8.970  1.00 48.55  ? 121 PHE A CB  1 
ATOM   498  C  CG  . PHE A 1 91  ? 9.834   -3.574  -7.842  1.00 52.29  ? 121 PHE A CG  1 
ATOM   499  C  CD1 . PHE A 1 91  ? 8.927   -2.510  -7.650  1.00 48.71  ? 121 PHE A CD1 1 
ATOM   500  C  CD2 . PHE A 1 91  ? 9.808   -4.635  -6.951  1.00 49.87  ? 121 PHE A CD2 1 
ATOM   501  C  CE1 . PHE A 1 91  ? 7.979   -2.567  -6.655  1.00 56.17  ? 121 PHE A CE1 1 
ATOM   502  C  CE2 . PHE A 1 91  ? 8.868   -4.685  -5.944  1.00 51.53  ? 121 PHE A CE2 1 
ATOM   503  C  CZ  . PHE A 1 91  ? 7.959   -3.635  -5.795  1.00 54.87  ? 121 PHE A CZ  1 
ATOM   504  N  N   . THR A 1 92  ? 11.599  -2.122  -12.141 1.00 48.74  ? 122 THR A N   1 
ATOM   505  C  CA  . THR A 1 92  ? 12.603  -2.248  -13.155 1.00 51.31  ? 122 THR A CA  1 
ATOM   506  C  C   . THR A 1 92  ? 13.127  -0.823  -13.474 1.00 42.34  ? 122 THR A C   1 
ATOM   507  O  O   . THR A 1 92  ? 14.284  -0.641  -13.856 1.00 52.52  ? 122 THR A O   1 
ATOM   508  C  CB  . THR A 1 92  ? 11.858  -2.955  -14.307 1.00 60.24  ? 122 THR A CB  1 
ATOM   509  O  OG1 . THR A 1 92  ? 12.629  -4.026  -14.827 1.00 63.51  ? 122 THR A OG1 1 
ATOM   510  C  CG2 . THR A 1 92  ? 11.368  -1.988  -15.321 1.00 48.57  ? 122 THR A CG2 1 
ATOM   511  N  N   . SER A 1 93  ? 12.304  0.191   -13.263 1.00 41.54  ? 123 SER A N   1 
ATOM   512  C  CA  . SER A 1 93  ? 12.666  1.572   -13.531 1.00 47.34  ? 123 SER A CA  1 
ATOM   513  C  C   . SER A 1 93  ? 13.809  2.063   -12.621 1.00 45.85  ? 123 SER A C   1 
ATOM   514  O  O   . SER A 1 93  ? 13.994  1.647   -11.509 1.00 39.55  ? 123 SER A O   1 
ATOM   515  C  CB  . SER A 1 93  ? 11.489  2.529   -13.414 1.00 55.00  ? 123 SER A CB  1 
ATOM   516  O  OG  . SER A 1 93  ? 11.320  2.928   -12.075 1.00 42.67  ? 123 SER A OG  1 
ATOM   517  N  N   . ALA A 1 94  ? 14.606  2.930   -13.196 1.00 45.07  ? 124 ALA A N   1 
ATOM   518  C  CA  . ALA A 1 94  ? 15.786  3.396   -12.540 1.00 46.73  ? 124 ALA A CA  1 
ATOM   519  C  C   . ALA A 1 94  ? 15.323  4.236   -11.333 1.00 41.26  ? 124 ALA A C   1 
ATOM   520  O  O   . ALA A 1 94  ? 15.919  4.143   -10.272 1.00 50.40  ? 124 ALA A O   1 
ATOM   521  C  CB  . ALA A 1 94  ? 16.625  4.225   -13.543 1.00 41.24  ? 124 ALA A CB  1 
ATOM   522  N  N   . ALA A 1 95  ? 14.243  5.004   -11.498 1.00 41.68  ? 125 ALA A N   1 
ATOM   523  C  CA  . ALA A 1 95  ? 13.679  5.825   -10.374 1.00 43.80  ? 125 ALA A CA  1 
ATOM   524  C  C   . ALA A 1 95  ? 13.330  4.967   -9.156  1.00 39.86  ? 125 ALA A C   1 
ATOM   525  O  O   . ALA A 1 95  ? 13.676  5.305   -8.006  1.00 39.20  ? 125 ALA A O   1 
ATOM   526  C  CB  . ALA A 1 95  ? 12.476  6.623   -10.838 1.00 41.40  ? 125 ALA A CB  1 
ATOM   527  N  N   . VAL A 1 96  ? 12.664  3.841   -9.411  1.00 40.88  ? 126 VAL A N   1 
ATOM   528  C  CA  . VAL A 1 96  ? 12.350  2.882   -8.350  1.00 42.83  ? 126 VAL A CA  1 
ATOM   529  C  C   . VAL A 1 96  ? 13.632  2.324   -7.685  1.00 43.43  ? 126 VAL A C   1 
ATOM   530  O  O   . VAL A 1 96  ? 13.772  2.312   -6.491  1.00 44.50  ? 126 VAL A O   1 
ATOM   531  C  CB  . VAL A 1 96  ? 11.452  1.717   -8.827  1.00 43.21  ? 126 VAL A CB  1 
ATOM   532  C  CG1 . VAL A 1 96  ? 11.411  0.607   -7.760  1.00 42.80  ? 126 VAL A CG1 1 
ATOM   533  C  CG2 . VAL A 1 96  ? 10.046  2.222   -9.152  1.00 44.00  ? 126 VAL A CG2 1 
ATOM   534  N  N   . LYS A 1 97  ? 14.568  1.848   -8.457  1.00 43.45  ? 127 LYS A N   1 
ATOM   535  C  CA  . LYS A 1 97  ? 15.781  1.318   -7.840  1.00 49.63  ? 127 LYS A CA  1 
ATOM   536  C  C   . LYS A 1 97  ? 16.544  2.372   -7.032  1.00 39.64  ? 127 LYS A C   1 
ATOM   537  O  O   . LYS A 1 97  ? 17.135  2.071   -6.055  1.00 39.73  ? 127 LYS A O   1 
ATOM   538  C  CB  . LYS A 1 97  ? 16.717  0.754   -8.907  1.00 52.39  ? 127 LYS A CB  1 
ATOM   539  C  CG  . LYS A 1 97  ? 16.162  -0.484  -9.579  1.00 60.29  ? 127 LYS A CG  1 
ATOM   540  C  CD  . LYS A 1 97  ? 17.036  -0.838  -10.772 1.00 69.81  ? 127 LYS A CD  1 
ATOM   541  C  CE  . LYS A 1 97  ? 16.533  -2.109  -11.439 1.00 78.01  ? 127 LYS A CE  1 
ATOM   542  N  NZ  . LYS A 1 97  ? 16.812  -2.016  -12.900 1.00 91.68  ? 127 LYS A NZ  1 
ATOM   543  N  N   . ALA A 1 98  ? 16.536  3.600   -7.516  1.00 39.60  ? 128 ALA A N   1 
ATOM   544  C  CA  . ALA A 1 98  ? 17.191  4.723   -6.840  1.00 41.63  ? 128 ALA A CA  1 
ATOM   545  C  C   . ALA A 1 98  ? 16.480  5.031   -5.501  1.00 40.97  ? 128 ALA A C   1 
ATOM   546  O  O   . ALA A 1 98  ? 17.147  5.182   -4.472  1.00 40.85  ? 128 ALA A O   1 
ATOM   547  C  CB  . ALA A 1 98  ? 17.205  5.919   -7.751  1.00 35.95  ? 128 ALA A CB  1 
ATOM   548  N  N   . ALA A 1 99  ? 15.149  4.970   -5.489  1.00 39.72  ? 129 ALA A N   1 
ATOM   549  C  CA  . ALA A 1 99  ? 14.426  5.128   -4.178  1.00 37.80  ? 129 ALA A CA  1 
ATOM   550  C  C   . ALA A 1 99  ? 14.718  4.057   -3.199  1.00 39.01  ? 129 ALA A C   1 
ATOM   551  O  O   . ALA A 1 99  ? 14.853  4.307   -1.986  1.00 39.53  ? 129 ALA A O   1 
ATOM   552  C  CB  . ALA A 1 99  ? 12.938  5.206   -4.391  1.00 39.99  ? 129 ALA A CB  1 
HETATM 553  N  N   . CAS A 1 100 ? 14.754  2.832   -3.691  1.00 38.61  ? 130 CAS A N   1 
HETATM 554  C  CA  . CAS A 1 100 ? 15.062  1.665   -2.824  1.00 40.04  ? 130 CAS A CA  1 
HETATM 555  C  CB  . CAS A 1 100 ? 14.873  0.362   -3.574  1.00 43.13  ? 130 CAS A CB  1 
HETATM 556  C  C   . CAS A 1 100 ? 16.463  1.747   -2.344  1.00 42.00  ? 130 CAS A C   1 
HETATM 557  O  O   . CAS A 1 100 ? 16.729  1.440   -1.197  1.00 40.08  ? 130 CAS A O   1 
HETATM 558  S  SG  . CAS A 1 100 ? 13.104  0.027   -3.881  1.00 47.87  ? 130 CAS A SG  1 
HETATM 559  AS AS  . CAS A 1 100 ? 13.295  -2.171  -4.329  1.00 76.29  ? 130 CAS A AS  1 
HETATM 560  C  CE1 . CAS A 1 100 ? 11.490  -2.732  -3.675  1.00 83.23  ? 130 CAS A CE1 1 
HETATM 561  C  CE2 . CAS A 1 100 ? 13.580  -2.286  -6.308  1.00 64.56  ? 130 CAS A CE2 1 
ATOM   562  N  N   . TRP A 1 101 ? 17.360  2.208   -3.205  1.00 42.19  ? 131 TRP A N   1 
ATOM   563  C  CA  . TRP A 1 101 ? 18.727  2.471   -2.789  1.00 47.08  ? 131 TRP A CA  1 
ATOM   564  C  C   . TRP A 1 101 ? 18.797  3.504   -1.647  1.00 41.06  ? 131 TRP A C   1 
ATOM   565  O  O   . TRP A 1 101 ? 19.346  3.230   -0.596  1.00 38.15  ? 131 TRP A O   1 
ATOM   566  C  CB  . TRP A 1 101 ? 19.599  2.904   -4.005  1.00 45.36  ? 131 TRP A CB  1 
ATOM   567  C  CG  . TRP A 1 101 ? 20.931  3.486   -3.582  1.00 54.09  ? 131 TRP A CG  1 
ATOM   568  C  CD1 . TRP A 1 101 ? 22.073  2.801   -3.192  1.00 47.35  ? 131 TRP A CD1 1 
ATOM   569  C  CD2 . TRP A 1 101 ? 21.233  4.878   -3.439  1.00 54.23  ? 131 TRP A CD2 1 
ATOM   570  N  NE1 . TRP A 1 101 ? 23.035  3.679   -2.837  1.00 49.78  ? 131 TRP A NE1 1 
ATOM   571  C  CE2 . TRP A 1 101 ? 22.572  4.958   -2.975  1.00 46.98  ? 131 TRP A CE2 1 
ATOM   572  C  CE3 . TRP A 1 101 ? 20.511  6.068   -3.690  1.00 45.00  ? 131 TRP A CE3 1 
ATOM   573  C  CZ2 . TRP A 1 101 ? 23.205  6.170   -2.739  1.00 46.84  ? 131 TRP A CZ2 1 
ATOM   574  C  CZ3 . TRP A 1 101 ? 21.150  7.313   -3.450  1.00 47.86  ? 131 TRP A CZ3 1 
ATOM   575  C  CH2 . TRP A 1 101 ? 22.494  7.348   -2.988  1.00 47.91  ? 131 TRP A CH2 1 
ATOM   576  N  N   . TRP A 1 102 ? 18.177  4.660   -1.846  1.00 39.03  ? 132 TRP A N   1 
ATOM   577  C  CA  . TRP A 1 102 ? 18.266  5.754   -0.847  1.00 39.12  ? 132 TRP A CA  1 
ATOM   578  C  C   . TRP A 1 102 ? 17.644  5.352   0.443   1.00 39.29  ? 132 TRP A C   1 
ATOM   579  O  O   . TRP A 1 102 ? 18.130  5.683   1.490   1.00 38.98  ? 132 TRP A O   1 
ATOM   580  C  CB  . TRP A 1 102 ? 17.573  7.000   -1.357  1.00 41.03  ? 132 TRP A CB  1 
ATOM   581  C  CG  . TRP A 1 102 ? 17.836  8.183   -0.596  1.00 42.52  ? 132 TRP A CG  1 
ATOM   582  C  CD1 . TRP A 1 102 ? 18.917  9.020   -0.736  1.00 42.98  ? 132 TRP A CD1 1 
ATOM   583  C  CD2 . TRP A 1 102 ? 17.046  8.723   0.461   1.00 44.55  ? 132 TRP A CD2 1 
ATOM   584  N  NE1 . TRP A 1 102 ? 18.852  10.001  0.187   1.00 38.05  ? 132 TRP A NE1 1 
ATOM   585  C  CE2 . TRP A 1 102 ? 17.718  9.868   0.927   1.00 42.28  ? 132 TRP A CE2 1 
ATOM   586  C  CE3 . TRP A 1 102 ? 15.865  8.329   1.097   1.00 40.69  ? 132 TRP A CE3 1 
ATOM   587  C  CZ2 . TRP A 1 102 ? 17.243  10.618  1.967   1.00 41.00  ? 132 TRP A CZ2 1 
ATOM   588  C  CZ3 . TRP A 1 102 ? 15.394  9.077   2.104   1.00 42.58  ? 132 TRP A CZ3 1 
ATOM   589  C  CH2 . TRP A 1 102 ? 16.082  10.203  2.557   1.00 45.22  ? 132 TRP A CH2 1 
ATOM   590  N  N   . ALA A 1 103 ? 16.514  4.673   0.381   1.00 40.82  ? 133 ALA A N   1 
ATOM   591  C  CA  . ALA A 1 103 ? 15.786  4.353   1.596   1.00 42.22  ? 133 ALA A CA  1 
ATOM   592  C  C   . ALA A 1 103 ? 16.248  3.073   2.235   1.00 42.61  ? 133 ALA A C   1 
ATOM   593  O  O   . ALA A 1 103 ? 15.776  2.703   3.293   1.00 41.69  ? 133 ALA A O   1 
ATOM   594  C  CB  . ALA A 1 103 ? 14.312  4.260   1.298   1.00 45.22  ? 133 ALA A CB  1 
ATOM   595  N  N   . GLY A 1 104 ? 17.118  2.336   1.563   1.00 42.67  ? 134 GLY A N   1 
ATOM   596  C  CA  . GLY A 1 104 ? 17.676  1.138   2.198   1.00 44.35  ? 134 GLY A CA  1 
ATOM   597  C  C   . GLY A 1 104 ? 16.740  -0.039  2.087   1.00 46.88  ? 134 GLY A C   1 
ATOM   598  O  O   . GLY A 1 104 ? 16.680  -0.846  2.978   1.00 47.13  ? 134 GLY A O   1 
ATOM   599  N  N   . ILE A 1 105 ? 16.032  -0.163  0.961   1.00 49.58  ? 135 ILE A N   1 
ATOM   600  C  CA  . ILE A 1 105 ? 15.057  -1.240  0.775   1.00 51.07  ? 135 ILE A CA  1 
ATOM   601  C  C   . ILE A 1 105 ? 15.573  -2.262  -0.224  1.00 44.77  ? 135 ILE A C   1 
ATOM   602  O  O   . ILE A 1 105 ? 16.072  -1.875  -1.271  1.00 40.77  ? 135 ILE A O   1 
ATOM   603  C  CB  . ILE A 1 105 ? 13.721  -0.699  0.199   1.00 43.06  ? 135 ILE A CB  1 
ATOM   604  C  CG1 . ILE A 1 105 ? 13.077  0.286   1.133   1.00 44.26  ? 135 ILE A CG1 1 
ATOM   605  C  CG2 . ILE A 1 105 ? 12.725  -1.807  -0.050  1.00 44.37  ? 135 ILE A CG2 1 
ATOM   606  C  CD1 . ILE A 1 105 ? 12.027  1.125   0.454   1.00 41.90  ? 135 ILE A CD1 1 
ATOM   607  N  N   . LYS A 1 106 ? 15.299  -3.541  0.030   1.00 51.36  ? 136 LYS A N   1 
ATOM   608  C  CA  . LYS A 1 106 ? 15.635  -4.645  -0.910  1.00 58.43  ? 136 LYS A CA  1 
ATOM   609  C  C   . LYS A 1 106 ? 14.414  -5.226  -1.578  1.00 52.93  ? 136 LYS A C   1 
ATOM   610  O  O   . LYS A 1 106 ? 13.328  -5.189  -1.047  1.00 49.35  ? 136 LYS A O   1 
ATOM   611  C  CB  . LYS A 1 106 ? 16.360  -5.753  -0.135  1.00 73.94  ? 136 LYS A CB  1 
ATOM   612  C  CG  . LYS A 1 106 ? 17.883  -5.632  -0.094  1.00 92.95  ? 136 LYS A CG  1 
ATOM   613  C  CD  . LYS A 1 106 ? 18.415  -4.471  0.767   1.00 111.14 ? 136 LYS A CD  1 
ATOM   614  C  CE  . LYS A 1 106 ? 19.680  -3.801  0.198   1.00 113.43 ? 136 LYS A CE  1 
ATOM   615  N  NZ  . LYS A 1 106 ? 19.691  -2.320  0.432   1.00 118.23 ? 136 LYS A NZ  1 
ATOM   616  N  N   . GLN A 1 107 ? 14.560  -5.790  -2.751  1.00 60.70  ? 137 GLN A N   1 
ATOM   617  C  CA  . GLN A 1 107 ? 13.382  -6.325  -3.439  1.00 70.47  ? 137 GLN A CA  1 
ATOM   618  C  C   . GLN A 1 107 ? 12.941  -7.632  -2.811  1.00 74.02  ? 137 GLN A C   1 
ATOM   619  O  O   . GLN A 1 107 ? 13.716  -8.552  -2.733  1.00 76.26  ? 137 GLN A O   1 
ATOM   620  C  CB  . GLN A 1 107 ? 13.627  -6.505  -4.929  1.00 76.82  ? 137 GLN A CB  1 
ATOM   621  C  CG  . GLN A 1 107 ? 12.678  -7.489  -5.631  1.00 88.60  ? 137 GLN A CG  1 
ATOM   622  C  CD  . GLN A 1 107 ? 12.375  -7.117  -7.099  1.00 94.44  ? 137 GLN A CD  1 
ATOM   623  O  OE1 . GLN A 1 107 ? 13.151  -6.428  -7.781  1.00 92.48  ? 137 GLN A OE1 1 
ATOM   624  N  NE2 . GLN A 1 107 ? 11.216  -7.549  -7.576  1.00 86.73  ? 137 GLN A NE2 1 
ATOM   625  N  N   . MET A 1 124 ? -5.255  -8.470  -1.302  1.00 90.56  ? 154 MET A N   1 
ATOM   626  C  CA  . MET A 1 124 ? -6.238  -7.549  -0.739  1.00 79.99  ? 154 MET A CA  1 
ATOM   627  C  C   . MET A 1 124 ? -7.035  -6.846  -1.795  1.00 76.35  ? 154 MET A C   1 
ATOM   628  O  O   . MET A 1 124 ? -8.108  -6.334  -1.472  1.00 72.79  ? 154 MET A O   1 
ATOM   629  C  CB  . MET A 1 124 ? -5.591  -6.487  0.165   1.00 83.48  ? 154 MET A CB  1 
ATOM   630  C  CG  . MET A 1 124 ? -6.220  -6.406  1.556   1.00 81.88  ? 154 MET A CG  1 
ATOM   631  S  SD  . MET A 1 124 ? -5.921  -8.014  2.328   1.00 105.82 ? 154 MET A SD  1 
ATOM   632  C  CE  . MET A 1 124 ? -5.025  -7.684  3.850   1.00 91.26  ? 154 MET A CE  1 
ATOM   633  N  N   . ASN A 1 125 ? -6.548  -6.839  -3.040  1.00 67.31  ? 155 ASN A N   1 
ATOM   634  C  CA  . ASN A 1 125 ? -7.101  -5.901  -4.049  1.00 86.47  ? 155 ASN A CA  1 
ATOM   635  C  C   . ASN A 1 125 ? -8.603  -6.102  -4.355  1.00 89.33  ? 155 ASN A C   1 
ATOM   636  O  O   . ASN A 1 125 ? -9.330  -5.145  -4.669  1.00 83.68  ? 155 ASN A O   1 
ATOM   637  C  CB  . ASN A 1 125 ? -6.244  -5.901  -5.323  1.00 85.65  ? 155 ASN A CB  1 
ATOM   638  C  CG  . ASN A 1 125 ? -4.853  -5.295  -5.092  1.00 90.50  ? 155 ASN A CG  1 
ATOM   639  O  OD1 . ASN A 1 125 ? -4.288  -5.403  -3.991  1.00 93.84  ? 155 ASN A OD1 1 
ATOM   640  N  ND2 . ASN A 1 125 ? -4.289  -4.669  -6.124  1.00 92.62  ? 155 ASN A ND2 1 
ATOM   641  N  N   . LYS A 1 126 ? -9.039  -7.349  -4.218  1.00 85.58  ? 156 LYS A N   1 
ATOM   642  C  CA  . LYS A 1 126 ? -10.441 -7.731  -4.263  1.00 81.27  ? 156 LYS A CA  1 
ATOM   643  C  C   . LYS A 1 126 ? -11.207 -7.343  -2.993  1.00 73.70  ? 156 LYS A C   1 
ATOM   644  O  O   . LYS A 1 126 ? -12.310 -6.862  -3.090  1.00 72.92  ? 156 LYS A O   1 
ATOM   645  C  CB  . LYS A 1 126 ? -10.588 -9.247  -4.551  1.00 93.96  ? 156 LYS A CB  1 
ATOM   646  C  CG  . LYS A 1 126 ? -10.061 -10.223 -3.472  1.00 102.38 ? 156 LYS A CG  1 
ATOM   647  C  CD  . LYS A 1 126 ? -8.551  -10.518 -3.544  1.00 103.19 ? 156 LYS A CD  1 
ATOM   648  C  CE  . LYS A 1 126 ? -7.843  -10.284 -2.210  1.00 94.83  ? 156 LYS A CE  1 
ATOM   649  N  NZ  . LYS A 1 126 ? -6.561  -11.038 -2.088  1.00 90.43  ? 156 LYS A NZ  1 
ATOM   650  N  N   . GLU A 1 127 ? -10.656 -7.573  -1.805  1.00 69.43  ? 157 GLU A N   1 
ATOM   651  C  CA  . GLU A 1 127 ? -11.340 -7.177  -0.547  1.00 64.21  ? 157 GLU A CA  1 
ATOM   652  C  C   . GLU A 1 127 ? -11.473 -5.620  -0.425  1.00 70.31  ? 157 GLU A C   1 
ATOM   653  O  O   . GLU A 1 127 ? -12.424 -5.062  0.150   1.00 68.85  ? 157 GLU A O   1 
ATOM   654  C  CB  . GLU A 1 127 ? -10.581 -7.778  0.633   1.00 73.33  ? 157 GLU A CB  1 
ATOM   655  C  CG  . GLU A 1 127 ? -10.567 -7.027  1.959   1.00 88.71  ? 157 GLU A CG  1 
ATOM   656  C  CD  . GLU A 1 127 ? -11.876 -7.098  2.723   1.00 97.19  ? 157 GLU A CD  1 
ATOM   657  O  OE1 . GLU A 1 127 ? -12.911 -7.490  2.139   1.00 103.45 ? 157 GLU A OE1 1 
ATOM   658  O  OE2 . GLU A 1 127 ? -11.867 -6.733  3.922   1.00 103.21 ? 157 GLU A OE2 1 
ATOM   659  N  N   . LEU A 1 128 ? -10.507 -4.920  -0.982  1.00 62.77  ? 158 LEU A N   1 
ATOM   660  C  CA  . LEU A 1 128 ? -10.485 -3.473  -0.910  1.00 60.45  ? 158 LEU A CA  1 
ATOM   661  C  C   . LEU A 1 128 ? -11.517 -2.974  -1.900  1.00 57.16  ? 158 LEU A C   1 
ATOM   662  O  O   . LEU A 1 128 ? -12.332 -2.097  -1.560  1.00 56.80  ? 158 LEU A O   1 
ATOM   663  C  CB  . LEU A 1 128 ? -9.058  -2.926  -1.176  1.00 57.41  ? 158 LEU A CB  1 
ATOM   664  C  CG  . LEU A 1 128 ? -8.807  -1.396  -1.185  1.00 61.40  ? 158 LEU A CG  1 
ATOM   665  C  CD1 . LEU A 1 128 ? -9.080  -0.754  0.184   1.00 56.56  ? 158 LEU A CD1 1 
ATOM   666  C  CD2 . LEU A 1 128 ? -7.395  -1.090  -1.690  1.00 57.58  ? 158 LEU A CD2 1 
ATOM   667  N  N   . LYS A 1 129 ? -11.513 -3.523  -3.120  1.00 58.13  ? 159 LYS A N   1 
ATOM   668  C  CA  . LYS A 1 129 ? -12.563 -3.158  -4.070  1.00 62.04  ? 159 LYS A CA  1 
ATOM   669  C  C   . LYS A 1 129 ? -13.937 -3.365  -3.476  1.00 60.85  ? 159 LYS A C   1 
ATOM   670  O  O   . LYS A 1 129 ? -14.837 -2.542  -3.677  1.00 63.78  ? 159 LYS A O   1 
ATOM   671  C  CB  . LYS A 1 129 ? -12.450 -3.946  -5.348  1.00 71.96  ? 159 LYS A CB  1 
ATOM   672  C  CG  . LYS A 1 129 ? -11.428 -3.401  -6.319  1.00 76.56  ? 159 LYS A CG  1 
ATOM   673  C  CD  . LYS A 1 129 ? -11.399 -4.305  -7.555  1.00 84.39  ? 159 LYS A CD  1 
ATOM   674  C  CE  . LYS A 1 129 ? -10.068 -4.275  -8.305  1.00 85.05  ? 159 LYS A CE  1 
ATOM   675  N  NZ  . LYS A 1 129 ? -9.998  -3.160  -9.284  1.00 77.67  ? 159 LYS A NZ  1 
ATOM   676  N  N   . LYS A 1 130 ? -14.076 -4.430  -2.698  1.00 55.17  ? 160 LYS A N   1 
ATOM   677  C  CA  . LYS A 1 130 ? -15.319 -4.723  -2.008  1.00 62.31  ? 160 LYS A CA  1 
ATOM   678  C  C   . LYS A 1 130 ? -15.725 -3.546  -1.115  1.00 58.97  ? 160 LYS A C   1 
ATOM   679  O  O   . LYS A 1 130 ? -16.847 -3.006  -1.255  1.00 53.02  ? 160 LYS A O   1 
ATOM   680  C  CB  . LYS A 1 130 ? -15.189 -6.043  -1.219  1.00 72.06  ? 160 LYS A CB  1 
ATOM   681  C  CG  . LYS A 1 130 ? -16.409 -6.535  -0.423  1.00 85.20  ? 160 LYS A CG  1 
ATOM   682  C  CD  . LYS A 1 130 ? -16.280 -8.042  -0.097  1.00 90.20  ? 160 LYS A CD  1 
ATOM   683  C  CE  . LYS A 1 130 ? -17.534 -8.658  0.523   1.00 95.53  ? 160 LYS A CE  1 
ATOM   684  N  NZ  . LYS A 1 130 ? -17.631 -8.390  1.986   1.00 100.38 ? 160 LYS A NZ  1 
ATOM   685  N  N   . ILE A 1 131 ? -14.807 -3.115  -0.246  1.00 57.85  ? 161 ILE A N   1 
ATOM   686  C  CA  . ILE A 1 131 ? -15.111 -1.986  0.664   1.00 55.15  ? 161 ILE A CA  1 
ATOM   687  C  C   . ILE A 1 131 ? -15.289 -0.693  -0.143  1.00 49.96  ? 161 ILE A C   1 
ATOM   688  O  O   . ILE A 1 131 ? -16.255 0.071   0.066   1.00 46.70  ? 161 ILE A O   1 
ATOM   689  C  CB  . ILE A 1 131 ? -14.078 -1.844  1.789   1.00 57.95  ? 161 ILE A CB  1 
ATOM   690  C  CG1 . ILE A 1 131 ? -13.933 -3.178  2.554   1.00 55.10  ? 161 ILE A CG1 1 
ATOM   691  C  CG2 . ILE A 1 131 ? -14.481 -0.704  2.732   1.00 57.80  ? 161 ILE A CG2 1 
ATOM   692  C  CD1 . ILE A 1 131 ? -12.579 -3.329  3.242   1.00 61.31  ? 161 ILE A CD1 1 
ATOM   693  N  N   . ILE A 1 132 ? -14.470 -0.520  -1.181  1.00 39.74  ? 162 ILE A N   1 
ATOM   694  C  CA  . ILE A 1 132 ? -14.663 0.662   -2.037  1.00 45.47  ? 162 ILE A CA  1 
ATOM   695  C  C   . ILE A 1 132 ? -16.119 0.670   -2.508  1.00 50.97  ? 162 ILE A C   1 
ATOM   696  O  O   . ILE A 1 132 ? -16.826 1.682   -2.350  1.00 54.78  ? 162 ILE A O   1 
ATOM   697  C  CB  . ILE A 1 132 ? -13.632 0.721   -3.221  1.00 45.64  ? 162 ILE A CB  1 
ATOM   698  C  CG1 . ILE A 1 132 ? -12.226 1.034   -2.700  1.00 49.46  ? 162 ILE A CG1 1 
ATOM   699  C  CG2 . ILE A 1 132 ? -13.983 1.781   -4.249  1.00 49.79  ? 162 ILE A CG2 1 
ATOM   700  C  CD1 . ILE A 1 132 ? -11.130 0.799   -3.734  1.00 44.87  ? 162 ILE A CD1 1 
ATOM   701  N  N   . GLY A 1 133 ? -16.577 -0.465  -3.068  1.00 59.44  ? 163 GLY A N   1 
ATOM   702  C  CA  . GLY A 1 133 ? -17.957 -0.581  -3.585  1.00 51.08  ? 163 GLY A CA  1 
ATOM   703  C  C   . GLY A 1 133 ? -18.970 -0.173  -2.545  1.00 52.39  ? 163 GLY A C   1 
ATOM   704  O  O   . GLY A 1 133 ? -19.840 0.625   -2.832  1.00 57.01  ? 163 GLY A O   1 
ATOM   705  N  N   . GLN A 1 134 ? -18.786 -0.635  -1.314  1.00 48.91  ? 164 GLN A N   1 
ATOM   706  C  CA  . GLN A 1 134 ? -19.711 -0.292  -0.234  1.00 54.40  ? 164 GLN A CA  1 
ATOM   707  C  C   . GLN A 1 134 ? -19.756 1.151   0.138   1.00 60.40  ? 164 GLN A C   1 
ATOM   708  O  O   . GLN A 1 134 ? -20.774 1.589   0.595   1.00 67.35  ? 164 GLN A O   1 
ATOM   709  C  CB  . GLN A 1 134 ? -19.355 -1.023  1.039   1.00 57.48  ? 164 GLN A CB  1 
ATOM   710  C  CG  . GLN A 1 134 ? -19.514 -2.526  0.994   1.00 67.22  ? 164 GLN A CG  1 
ATOM   711  C  CD  . GLN A 1 134 ? -18.928 -3.147  2.247   1.00 77.37  ? 164 GLN A CD  1 
ATOM   712  O  OE1 . GLN A 1 134 ? -18.346 -2.449  3.098   1.00 91.90  ? 164 GLN A OE1 1 
ATOM   713  N  NE2 . GLN A 1 134 ? -19.088 -4.444  2.383   1.00 84.74  ? 164 GLN A NE2 1 
ATOM   714  N  N   . VAL A 1 135 ? -18.663 1.899   0.022   1.00 57.78  ? 165 VAL A N   1 
ATOM   715  C  CA  . VAL A 1 135 ? -18.724 3.335   0.390   1.00 51.13  ? 165 VAL A CA  1 
ATOM   716  C  C   . VAL A 1 135 ? -18.661 4.236   -0.765  1.00 50.43  ? 165 VAL A C   1 
ATOM   717  O  O   . VAL A 1 135 ? -18.643 5.479   -0.592  1.00 51.42  ? 165 VAL A O   1 
ATOM   718  C  CB  . VAL A 1 135 ? -17.565 3.759   1.347   1.00 53.39  ? 165 VAL A CB  1 
ATOM   719  C  CG1 . VAL A 1 135 ? -17.576 2.904   2.570   1.00 53.58  ? 165 VAL A CG1 1 
ATOM   720  C  CG2 . VAL A 1 135 ? -16.182 3.676   0.690   1.00 46.65  ? 165 VAL A CG2 1 
ATOM   721  N  N   . ARG A 1 136 ? -18.569 3.667   -1.972  1.00 52.35  ? 166 ARG A N   1 
ATOM   722  C  CA  . ARG A 1 136 ? -18.330 4.508   -3.176  1.00 53.26  ? 166 ARG A CA  1 
ATOM   723  C  C   . ARG A 1 136 ? -19.276 5.712   -3.364  1.00 62.00  ? 166 ARG A C   1 
ATOM   724  O  O   . ARG A 1 136 ? -18.898 6.778   -3.922  1.00 65.32  ? 166 ARG A O   1 
ATOM   725  C  CB  . ARG A 1 136 ? -18.424 3.654   -4.434  1.00 55.52  ? 166 ARG A CB  1 
ATOM   726  C  CG  . ARG A 1 136 ? -18.001 4.385   -5.702  1.00 58.01  ? 166 ARG A CG  1 
ATOM   727  C  CD  . ARG A 1 136 ? -16.537 4.822   -5.664  1.00 54.19  ? 166 ARG A CD  1 
ATOM   728  N  NE  . ARG A 1 136 ? -16.127 5.734   -6.732  1.00 45.32  ? 166 ARG A NE  1 
ATOM   729  C  CZ  . ARG A 1 136 ? -16.350 7.066   -6.707  1.00 48.97  ? 166 ARG A CZ  1 
ATOM   730  N  NH1 . ARG A 1 136 ? -16.999 7.660   -5.707  1.00 48.49  ? 166 ARG A NH1 1 
ATOM   731  N  NH2 . ARG A 1 136 ? -15.919 7.816   -7.698  1.00 50.71  ? 166 ARG A NH2 1 
ATOM   732  N  N   . ASP A 1 137 ? -20.521 5.511   -2.965  1.00 65.55  ? 167 ASP A N   1 
ATOM   733  C  CA  . ASP A 1 137 ? -21.582 6.476   -3.229  1.00 75.37  ? 167 ASP A CA  1 
ATOM   734  C  C   . ASP A 1 137 ? -21.529 7.608   -2.210  1.00 70.83  ? 167 ASP A C   1 
ATOM   735  O  O   . ASP A 1 137 ? -22.111 8.657   -2.451  1.00 71.57  ? 167 ASP A O   1 
ATOM   736  C  CB  . ASP A 1 137 ? -22.966 5.792   -3.215  1.00 80.89  ? 167 ASP A CB  1 
ATOM   737  C  CG  . ASP A 1 137 ? -23.384 5.378   -1.814  1.00 87.17  ? 167 ASP A CG  1 
ATOM   738  O  OD1 . ASP A 1 137 ? -22.913 4.328   -1.316  1.00 96.76  ? 167 ASP A OD1 1 
ATOM   739  O  OD2 . ASP A 1 137 ? -24.131 6.141   -1.185  1.00 96.22  ? 167 ASP A OD2 1 
ATOM   740  N  N   . GLN A 1 138 ? -20.842 7.420   -1.082  1.00 64.66  ? 168 GLN A N   1 
ATOM   741  C  CA  . GLN A 1 138 ? -20.672 8.524   -0.156  1.00 59.59  ? 168 GLN A CA  1 
ATOM   742  C  C   . GLN A 1 138 ? -19.672 9.560   -0.589  1.00 55.88  ? 168 GLN A C   1 
ATOM   743  O  O   . GLN A 1 138 ? -19.507 10.583  0.071   1.00 58.67  ? 168 GLN A O   1 
ATOM   744  C  CB  . GLN A 1 138 ? -20.266 8.002   1.182   1.00 64.66  ? 168 GLN A CB  1 
ATOM   745  C  CG  . GLN A 1 138 ? -21.398 7.218   1.776   1.00 73.11  ? 168 GLN A CG  1 
ATOM   746  C  CD  . GLN A 1 138 ? -20.891 6.043   2.537   1.00 75.04  ? 168 GLN A CD  1 
ATOM   747  O  OE1 . GLN A 1 138 ? -20.229 6.207   3.559   1.00 82.12  ? 168 GLN A OE1 1 
ATOM   748  N  NE2 . GLN A 1 138 ? -21.204 4.845   2.064   1.00 81.35  ? 168 GLN A NE2 1 
ATOM   749  N  N   . ALA A 1 139 ? -18.988 9.350   -1.693  1.00 52.67  ? 169 ALA A N   1 
ATOM   750  C  CA  . ALA A 1 139 ? -17.977 10.300  -2.041  1.00 47.25  ? 169 ALA A CA  1 
ATOM   751  C  C   . ALA A 1 139 ? -17.988 10.551  -3.488  1.00 52.35  ? 169 ALA A C   1 
ATOM   752  O  O   . ALA A 1 139 ? -18.260 9.662   -4.283  1.00 48.80  ? 169 ALA A O   1 
ATOM   753  C  CB  . ALA A 1 139 ? -16.617 9.756   -1.651  1.00 50.94  ? 169 ALA A CB  1 
ATOM   754  N  N   . GLU A 1 140 ? -17.628 11.782  -3.818  1.00 51.96  ? 170 GLU A N   1 
ATOM   755  C  CA  . GLU A 1 140 ? -17.454 12.195  -5.178  1.00 59.09  ? 170 GLU A CA  1 
ATOM   756  C  C   . GLU A 1 140 ? -16.269 11.525  -5.840  1.00 58.91  ? 170 GLU A C   1 
ATOM   757  O  O   . GLU A 1 140 ? -16.422 10.850  -6.819  1.00 64.89  ? 170 GLU A O   1 
ATOM   758  C  CB  . GLU A 1 140 ? -17.282 13.724  -5.244  1.00 52.20  ? 170 GLU A CB  1 
ATOM   759  C  CG  . GLU A 1 140 ? -17.296 14.253  -6.656  1.00 59.05  ? 170 GLU A CG  1 
ATOM   760  C  CD  . GLU A 1 140 ? -17.141 15.749  -6.729  1.00 67.10  ? 170 GLU A CD  1 
ATOM   761  O  OE1 . GLU A 1 140 ? -16.620 16.151  -7.798  1.00 70.18  ? 170 GLU A OE1 1 
ATOM   762  O  OE2 . GLU A 1 140 ? -17.502 16.484  -5.748  1.00 65.72  ? 170 GLU A OE2 1 
ATOM   763  N  N   . HIS A 1 141 ? -15.086 11.734  -5.296  1.00 59.72  ? 171 HIS A N   1 
ATOM   764  C  CA  . HIS A 1 141 ? -13.856 11.314  -5.957  1.00 50.48  ? 171 HIS A CA  1 
ATOM   765  C  C   . HIS A 1 141 ? -13.519 9.875   -5.562  1.00 46.73  ? 171 HIS A C   1 
ATOM   766  O  O   . HIS A 1 141 ? -13.675 9.446   -4.408  1.00 45.30  ? 171 HIS A O   1 
ATOM   767  C  CB  . HIS A 1 141 ? -12.728 12.225  -5.544  1.00 54.75  ? 171 HIS A CB  1 
ATOM   768  C  CG  . HIS A 1 141 ? -12.996 13.686  -5.729  1.00 54.21  ? 171 HIS A CG  1 
ATOM   769  N  ND1 . HIS A 1 141 ? -13.118 14.273  -6.971  1.00 65.16  ? 171 HIS A ND1 1 
ATOM   770  C  CD2 . HIS A 1 141 ? -13.063 14.694  -4.832  1.00 51.90  ? 171 HIS A CD2 1 
ATOM   771  C  CE1 . HIS A 1 141 ? -13.250 15.580  -6.832  1.00 58.46  ? 171 HIS A CE1 1 
ATOM   772  N  NE2 . HIS A 1 141 ? -13.217 15.865  -5.543  1.00 60.37  ? 171 HIS A NE2 1 
ATOM   773  N  N   . LEU A 1 142 ? -13.047 9.102   -6.519  1.00 42.48  ? 172 LEU A N   1 
ATOM   774  C  CA  . LEU A 1 142 ? -12.604 7.771   -6.209  1.00 44.18  ? 172 LEU A CA  1 
ATOM   775  C  C   . LEU A 1 142 ? -11.547 7.789   -5.062  1.00 40.09  ? 172 LEU A C   1 
ATOM   776  O  O   . LEU A 1 142 ? -11.507 6.866   -4.205  1.00 40.62  ? 172 LEU A O   1 
ATOM   777  C  CB  . LEU A 1 142 ? -12.044 7.136   -7.482  1.00 49.75  ? 172 LEU A CB  1 
ATOM   778  C  CG  . LEU A 1 142 ? -11.337 5.807   -7.288  1.00 48.34  ? 172 LEU A CG  1 
ATOM   779  C  CD1 . LEU A 1 142 ? -12.294 4.753   -6.746  1.00 42.61  ? 172 LEU A CD1 1 
ATOM   780  C  CD2 . LEU A 1 142 ? -10.608 5.347   -8.557  1.00 52.04  ? 172 LEU A CD2 1 
ATOM   781  N  N   . LYS A 1 143 ? -10.665 8.796   -5.074  1.00 40.76  ? 173 LYS A N   1 
ATOM   782  C  CA  . LYS A 1 143 ? -9.514  8.799   -4.151  1.00 38.79  ? 173 LYS A CA  1 
ATOM   783  C  C   . LYS A 1 143 ? -10.044 8.920   -2.755  1.00 38.32  ? 173 LYS A C   1 
ATOM   784  O  O   . LYS A 1 143 ? -9.534  8.259   -1.865  1.00 37.81  ? 173 LYS A O   1 
ATOM   785  C  CB  . LYS A 1 143 ? -8.507  9.891   -4.449  1.00 40.59  ? 173 LYS A CB  1 
ATOM   786  C  CG  . LYS A 1 143 ? -8.999  11.257  -4.107  1.00 44.15  ? 173 LYS A CG  1 
ATOM   787  C  CD  . LYS A 1 143 ? -7.976  12.311  -4.472  1.00 47.18  ? 173 LYS A CD  1 
ATOM   788  C  CE  . LYS A 1 143 ? -8.450  13.570  -3.738  1.00 52.87  ? 173 LYS A CE  1 
ATOM   789  N  NZ  . LYS A 1 143 ? -7.792  14.772  -4.242  1.00 58.48  ? 173 LYS A NZ  1 
ATOM   790  N  N   . THR A 1 144 ? -11.128 9.681   -2.585  1.00 33.50  ? 174 THR A N   1 
ATOM   791  C  CA  . THR A 1 144 ? -11.781 9.763   -1.314  1.00 34.06  ? 174 THR A CA  1 
ATOM   792  C  C   . THR A 1 144 ? -12.391 8.429   -0.862  1.00 39.89  ? 174 THR A C   1 
ATOM   793  O  O   . THR A 1 144 ? -12.226 8.020   0.284   1.00 39.45  ? 174 THR A O   1 
ATOM   794  C  CB  . THR A 1 144 ? -12.845 10.861  -1.332  1.00 34.94  ? 174 THR A CB  1 
ATOM   795  O  OG1 . THR A 1 144 ? -12.236 12.097  -1.785  1.00 39.83  ? 174 THR A OG1 1 
ATOM   796  C  CG2 . THR A 1 144 ? -13.421 11.035  0.063   1.00 39.61  ? 174 THR A CG2 1 
ATOM   797  N  N   . ALA A 1 145 ? -13.042 7.727   -1.780  1.00 38.65  ? 175 ALA A N   1 
ATOM   798  C  CA  . ALA A 1 145 ? -13.595 6.406   -1.473  1.00 37.59  ? 175 ALA A CA  1 
ATOM   799  C  C   . ALA A 1 145 ? -12.524 5.405   -1.102  1.00 36.27  ? 175 ALA A C   1 
ATOM   800  O  O   . ALA A 1 145 ? -12.722 4.555   -0.235  1.00 41.59  ? 175 ALA A O   1 
ATOM   801  C  CB  . ALA A 1 145 ? -14.394 5.885   -2.668  1.00 40.60  ? 175 ALA A CB  1 
ATOM   802  N  N   . VAL A 1 146 ? -11.387 5.488   -1.767  1.00 36.90  ? 176 VAL A N   1 
ATOM   803  C  CA  . VAL A 1 146 ? -10.272 4.587   -1.463  1.00 37.85  ? 176 VAL A CA  1 
ATOM   804  C  C   . VAL A 1 146 ? -9.748  4.774   -0.027  1.00 40.53  ? 176 VAL A C   1 
ATOM   805  O  O   . VAL A 1 146 ? -9.507  3.781   0.722   1.00 34.54  ? 176 VAL A O   1 
ATOM   806  C  CB  . VAL A 1 146 ? -9.119  4.847   -2.471  1.00 42.24  ? 176 VAL A CB  1 
ATOM   807  C  CG1 . VAL A 1 146 ? -7.798  4.190   -2.025  1.00 39.97  ? 176 VAL A CG1 1 
ATOM   808  C  CG2 . VAL A 1 146 ? -9.565  4.370   -3.860  1.00 43.68  ? 176 VAL A CG2 1 
ATOM   809  N  N   . GLN A 1 147 ? -9.563  6.041   0.360   1.00 40.54  ? 177 GLN A N   1 
ATOM   810  C  CA  . GLN A 1 147 ? -9.147  6.321   1.749   1.00 39.56  ? 177 GLN A CA  1 
ATOM   811  C  C   . GLN A 1 147 ? -10.166 5.949   2.771   1.00 35.66  ? 177 GLN A C   1 
ATOM   812  O  O   . GLN A 1 147 ? -9.805  5.486   3.825   1.00 34.77  ? 177 GLN A O   1 
ATOM   813  C  CB  . GLN A 1 147 ? -8.726  7.763   1.956   1.00 37.75  ? 177 GLN A CB  1 
ATOM   814  C  CG  . GLN A 1 147 ? -7.632  8.180   0.997   1.00 40.58  ? 177 GLN A CG  1 
ATOM   815  C  CD  . GLN A 1 147 ? -6.421  7.256   0.934   1.00 36.47  ? 177 GLN A CD  1 
ATOM   816  O  OE1 . GLN A 1 147 ? -5.785  7.163   -0.085  1.00 46.66  ? 177 GLN A OE1 1 
ATOM   817  N  NE2 . GLN A 1 147 ? -6.077  6.646   2.015   1.00 40.99  ? 177 GLN A NE2 1 
ATOM   818  N  N   . MET A 1 148 ? -11.434 6.147   2.459   1.00 39.39  ? 178 MET A N   1 
ATOM   819  C  CA  . MET A 1 148 ? -12.516 5.650   3.343   1.00 41.55  ? 178 MET A CA  1 
ATOM   820  C  C   . MET A 1 148 ? -12.391 4.135   3.516   1.00 36.40  ? 178 MET A C   1 
ATOM   821  O  O   . MET A 1 148 ? -12.533 3.579   4.623   1.00 33.39  ? 178 MET A O   1 
ATOM   822  C  CB  . MET A 1 148 ? -13.909 6.039   2.808   1.00 41.76  ? 178 MET A CB  1 
ATOM   823  C  CG  . MET A 1 148 ? -14.198 7.524   2.923   1.00 41.79  ? 178 MET A CG  1 
ATOM   824  S  SD  . MET A 1 148 ? -15.674 8.112   2.089   1.00 48.29  ? 178 MET A SD  1 
ATOM   825  C  CE  . MET A 1 148 ? -16.860 7.781   3.387   1.00 47.58  ? 178 MET A CE  1 
ATOM   826  N  N   . ALA A 1 149 ? -12.093 3.468   2.412   1.00 37.80  ? 179 ALA A N   1 
ATOM   827  C  CA  . ALA A 1 149 ? -12.026 2.030   2.413   1.00 36.33  ? 179 ALA A CA  1 
ATOM   828  C  C   . ALA A 1 149 ? -10.806 1.552   3.144   1.00 39.61  ? 179 ALA A C   1 
ATOM   829  O  O   . ALA A 1 149 ? -10.839 0.528   3.807   1.00 39.19  ? 179 ALA A O   1 
ATOM   830  C  CB  . ALA A 1 149 ? -12.051 1.530   0.967   1.00 39.07  ? 179 ALA A CB  1 
ATOM   831  N  N   . VAL A 1 150 ? -9.688  2.257   2.959   1.00 37.11  ? 180 VAL A N   1 
ATOM   832  C  CA  . VAL A 1 150 ? -8.483  1.878   3.675   1.00 36.83  ? 180 VAL A CA  1 
ATOM   833  C  C   . VAL A 1 150 ? -8.724  2.001   5.179   1.00 33.33  ? 180 VAL A C   1 
ATOM   834  O  O   . VAL A 1 150 ? -8.294  1.196   5.945   1.00 33.34  ? 180 VAL A O   1 
ATOM   835  C  CB  . VAL A 1 150 ? -7.294  2.792   3.259   1.00 33.13  ? 180 VAL A CB  1 
ATOM   836  C  CG1 . VAL A 1 150 ? -6.155  2.750   4.269   1.00 34.02  ? 180 VAL A CG1 1 
ATOM   837  C  CG2 . VAL A 1 150 ? -6.828  2.433   1.837   1.00 39.00  ? 180 VAL A CG2 1 
ATOM   838  N  N   . PHE A 1 151 ? -9.385  3.064   5.580   1.00 34.84  ? 181 PHE A N   1 
ATOM   839  C  CA  . PHE A 1 151 ? -9.714  3.264   6.983   1.00 37.42  ? 181 PHE A CA  1 
ATOM   840  C  C   . PHE A 1 151 ? -10.535 2.098   7.541   1.00 36.03  ? 181 PHE A C   1 
ATOM   841  O  O   . PHE A 1 151 ? -10.236 1.561   8.599   1.00 40.14  ? 181 PHE A O   1 
ATOM   842  C  CB  . PHE A 1 151 ? -10.454 4.590   7.136   1.00 33.88  ? 181 PHE A CB  1 
ATOM   843  C  CG  . PHE A 1 151 ? -10.903 4.919   8.542   1.00 35.00  ? 181 PHE A CG  1 
ATOM   844  C  CD1 . PHE A 1 151 ? -12.070 4.336   9.090   1.00 42.93  ? 181 PHE A CD1 1 
ATOM   845  C  CD2 . PHE A 1 151 ? -10.275 5.917   9.271   1.00 41.54  ? 181 PHE A CD2 1 
ATOM   846  C  CE1 . PHE A 1 151 ? -12.512 4.665   10.412  1.00 40.99  ? 181 PHE A CE1 1 
ATOM   847  C  CE2 . PHE A 1 151 ? -10.726 6.271   10.558  1.00 46.28  ? 181 PHE A CE2 1 
ATOM   848  C  CZ  . PHE A 1 151 ? -11.846 5.635   11.129  1.00 41.65  ? 181 PHE A CZ  1 
ATOM   849  N  N   . ILE A 1 152 ? -11.588 1.780   6.845   1.00 40.91  ? 182 ILE A N   1 
ATOM   850  C  CA  . ILE A 1 152 ? -12.521 0.729   7.288   1.00 40.80  ? 182 ILE A CA  1 
ATOM   851  C  C   . ILE A 1 152 ? -11.750 -0.551  7.359   1.00 46.02  ? 182 ILE A C   1 
ATOM   852  O  O   . ILE A 1 152 ? -11.804 -1.191  8.403   1.00 41.78  ? 182 ILE A O   1 
ATOM   853  C  CB  . ILE A 1 152 ? -13.723 0.582   6.338   1.00 46.37  ? 182 ILE A CB  1 
ATOM   854  C  CG1 . ILE A 1 152 ? -14.700 1.779   6.503   1.00 43.26  ? 182 ILE A CG1 1 
ATOM   855  C  CG2 . ILE A 1 152 ? -14.460 -0.771  6.577   1.00 49.53  ? 182 ILE A CG2 1 
ATOM   856  C  CD1 . ILE A 1 152 ? -15.527 1.989   5.223   1.00 51.89  ? 182 ILE A CD1 1 
ATOM   857  N  N   . HIS A 1 153 ? -10.962 -0.878  6.304   1.00 41.71  ? 183 HIS A N   1 
ATOM   858  C  CA  . HIS A 1 153 ? -10.133 -2.118  6.345   1.00 40.72  ? 183 HIS A CA  1 
ATOM   859  C  C   . HIS A 1 153 ? -9.213  -2.141  7.544   1.00 41.55  ? 183 HIS A C   1 
ATOM   860  O  O   . HIS A 1 153 ? -9.176  -3.122  8.257   1.00 47.61  ? 183 HIS A O   1 
ATOM   861  C  CB  . HIS A 1 153 ? -9.281  -2.250  5.079   1.00 43.69  ? 183 HIS A CB  1 
ATOM   862  C  CG  . HIS A 1 153 ? -8.324  -3.379  5.144   1.00 42.76  ? 183 HIS A CG  1 
ATOM   863  N  ND1 . HIS A 1 153 ? -8.641  -4.636  4.673   1.00 50.41  ? 183 HIS A ND1 1 
ATOM   864  C  CD2 . HIS A 1 153 ? -7.121  -3.503  5.764   1.00 47.78  ? 183 HIS A CD2 1 
ATOM   865  C  CE1 . HIS A 1 153 ? -7.659  -5.475  4.956   1.00 48.38  ? 183 HIS A CE1 1 
ATOM   866  N  NE2 . HIS A 1 153 ? -6.713  -4.812  5.606   1.00 47.15  ? 183 HIS A NE2 1 
ATOM   867  N  N   . ASN A 1 154 ? -8.458  -1.055  7.799   1.00 40.30  ? 184 ASN A N   1 
ATOM   868  C  CA  . ASN A 1 154 ? -7.489  -1.073  8.913   1.00 41.05  ? 184 ASN A CA  1 
ATOM   869  C  C   . ASN A 1 154 ? -8.124  -1.065  10.309  1.00 43.25  ? 184 ASN A C   1 
ATOM   870  O  O   . ASN A 1 154 ? -7.456  -1.474  11.276  1.00 39.86  ? 184 ASN A O   1 
ATOM   871  C  CB  . ASN A 1 154 ? -6.486  0.145   8.866   1.00 38.81  ? 184 ASN A CB  1 
ATOM   872  C  CG  . ASN A 1 154 ? -5.526  0.105   7.638   1.00 40.13  ? 184 ASN A CG  1 
ATOM   873  O  OD1 . ASN A 1 154 ? -4.977  1.108   7.185   1.00 42.57  ? 184 ASN A OD1 1 
ATOM   874  N  ND2 . ASN A 1 154 ? -5.348  -1.030  7.128   1.00 35.80  ? 184 ASN A ND2 1 
ATOM   875  N  N   . LYS A 1 155 ? -9.326  -0.498  10.460  1.00 43.79  ? 185 LYS A N   1 
ATOM   876  C  CA  . LYS A 1 155 ? -9.951  -0.432  11.805  1.00 51.57  ? 185 LYS A CA  1 
ATOM   877  C  C   . LYS A 1 155 ? -10.870 -1.623  12.120  1.00 54.10  ? 185 LYS A C   1 
ATOM   878  O  O   . LYS A 1 155 ? -11.194 -1.770  13.249  1.00 57.58  ? 185 LYS A O   1 
ATOM   879  C  CB  . LYS A 1 155 ? -10.747 0.852   12.070  1.00 46.12  ? 185 LYS A CB  1 
ATOM   880  C  CG  . LYS A 1 155 ? -10.080 2.154   11.679  1.00 51.76  ? 185 LYS A CG  1 
ATOM   881  C  CD  . LYS A 1 155 ? -8.841  2.496   12.484  1.00 54.70  ? 185 LYS A CD  1 
ATOM   882  C  CE  . LYS A 1 155 ? -8.296  3.870   12.055  1.00 57.00  ? 185 LYS A CE  1 
ATOM   883  N  NZ  . LYS A 1 155 ? -7.088  4.355   12.781  1.00 56.03  ? 185 LYS A NZ  1 
ATOM   884  N  N   . LYS A 1 156 ? -11.274 -2.443  11.158  1.00 56.80  ? 186 LYS A N   1 
ATOM   885  C  CA  . LYS A 1 156 ? -12.108 -3.615  11.448  1.00 65.29  ? 186 LYS A CA  1 
ATOM   886  C  C   . LYS A 1 156 ? -11.415 -4.702  12.346  1.00 67.13  ? 186 LYS A C   1 
ATOM   887  O  O   . LYS A 1 156 ? -10.252 -5.012  12.156  1.00 61.24  ? 186 LYS A O   1 
ATOM   888  C  CB  . LYS A 1 156 ? -12.595 -4.223  10.128  1.00 74.22  ? 186 LYS A CB  1 
ATOM   889  C  CG  . LYS A 1 156 ? -13.497 -5.452  10.280  1.00 90.77  ? 186 LYS A CG  1 
ATOM   890  C  CD  . LYS A 1 156 ? -14.601 -5.506  9.228   1.00 99.53  ? 186 LYS A CD  1 
ATOM   891  C  CE  . LYS A 1 156 ? -14.056 -5.744  7.828   1.00 105.51 ? 186 LYS A CE  1 
ATOM   892  N  NZ  . LYS A 1 156 ? -14.669 -4.816  6.833   1.00 108.59 ? 186 LYS A NZ  1 
ATOM   893  N  N   . ARG A 1 157 ? -12.130 -5.258  13.340  1.00 80.81  ? 187 ARG A N   1 
ATOM   894  C  CA  . ARG A 1 157 ? -11.659 -6.477  14.068  1.00 88.60  ? 187 ARG A CA  1 
ATOM   895  C  C   . ARG A 1 157 ? -12.398 -7.696  13.517  1.00 82.89  ? 187 ARG A C   1 
ATOM   896  O  O   . ARG A 1 157 ? -13.559 -7.556  13.161  1.00 80.51  ? 187 ARG A O   1 
ATOM   897  C  CB  . ARG A 1 157 ? -11.908 -6.322  15.556  1.00 92.51  ? 187 ARG A CB  1 
ATOM   898  C  CG  . ARG A 1 157 ? -11.398 -4.999  16.100  1.00 93.31  ? 187 ARG A CG  1 
ATOM   899  C  CD  . ARG A 1 157 ? -10.881 -5.097  17.543  1.00 100.30 ? 187 ARG A CD  1 
ATOM   900  N  NE  . ARG A 1 157 ? -10.077 -3.926  17.914  1.00 100.15 ? 187 ARG A NE  1 
ATOM   901  C  CZ  . ARG A 1 157 ? -10.546 -2.675  18.027  1.00 105.38 ? 187 ARG A CZ  1 
ATOM   902  N  NH1 . ARG A 1 157 ? -11.826 -2.379  17.803  1.00 112.86 ? 187 ARG A NH1 1 
ATOM   903  N  NH2 . ARG A 1 157 ? -9.736  -1.687  18.368  1.00 96.62  ? 187 ARG A NH2 1 
ATOM   904  N  N   . LYS A 1 158 ? -11.747 -8.867  13.399  1.00 93.37  ? 188 LYS A N   1 
ATOM   905  C  CA  . LYS A 1 158 ? -12.386 -10.072 12.722  1.00 97.28  ? 188 LYS A CA  1 
ATOM   906  C  C   . LYS A 1 158 ? -11.624 -11.366 12.976  1.00 87.52  ? 188 LYS A C   1 
ATOM   907  O  O   . LYS A 1 158 ? -10.406 -11.330 13.102  1.00 95.32  ? 188 LYS A O   1 
ATOM   908  C  CB  . LYS A 1 158 ? -12.546 -9.875  11.179  1.00 90.02  ? 188 LYS A CB  1 
ATOM   909  C  CG  . LYS A 1 158 ? -13.912 -9.384  10.675  1.00 72.45  ? 188 LYS A CG  1 
ATOM   910  N  N   . TYR A 1 164 ? -8.197  -7.631  17.905  1.00 63.82  ? 194 TYR A N   1 
ATOM   911  C  CA  . TYR A 1 164 ? -7.305  -6.672  17.138  1.00 80.52  ? 194 TYR A CA  1 
ATOM   912  C  C   . TYR A 1 164 ? -7.548  -6.385  15.616  1.00 64.06  ? 194 TYR A C   1 
ATOM   913  O  O   . TYR A 1 164 ? -7.772  -7.288  14.807  1.00 57.33  ? 194 TYR A O   1 
ATOM   914  C  CB  . TYR A 1 164 ? -5.818  -7.031  17.255  1.00 83.10  ? 194 TYR A CB  1 
ATOM   915  C  CG  . TYR A 1 164 ? -5.366  -7.233  18.665  1.00 99.79  ? 194 TYR A CG  1 
ATOM   916  C  CD1 . TYR A 1 164 ? -5.477  -6.210  19.604  1.00 97.84  ? 194 TYR A CD1 1 
ATOM   917  C  CD2 . TYR A 1 164 ? -4.836  -8.463  19.070  1.00 110.07 ? 194 TYR A CD2 1 
ATOM   918  C  CE1 . TYR A 1 164 ? -5.064  -6.406  20.910  1.00 108.25 ? 194 TYR A CE1 1 
ATOM   919  C  CE2 . TYR A 1 164 ? -4.418  -8.671  20.367  1.00 106.02 ? 194 TYR A CE2 1 
ATOM   920  C  CZ  . TYR A 1 164 ? -4.534  -7.646  21.281  1.00 113.35 ? 194 TYR A CZ  1 
ATOM   921  O  OH  . TYR A 1 164 ? -4.106  -7.881  22.556  1.00 121.88 ? 194 TYR A OH  1 
ATOM   922  N  N   . SER A 1 165 ? -7.485  -5.105  15.233  1.00 58.90  ? 195 SER A N   1 
ATOM   923  C  CA  . SER A 1 165 ? -7.570  -4.692  13.821  1.00 50.57  ? 195 SER A CA  1 
ATOM   924  C  C   . SER A 1 165 ? -6.210  -4.749  13.184  1.00 50.50  ? 195 SER A C   1 
ATOM   925  O  O   . SER A 1 165 ? -5.167  -4.785  13.863  1.00 48.52  ? 195 SER A O   1 
ATOM   926  C  CB  . SER A 1 165 ? -8.113  -3.276  13.707  1.00 49.34  ? 195 SER A CB  1 
ATOM   927  O  OG  . SER A 1 165 ? -7.256  -2.405  14.410  1.00 48.57  ? 195 SER A OG  1 
ATOM   928  N  N   . ALA A 1 166 ? -6.214  -4.729  11.849  1.00 54.22  ? 196 ALA A N   1 
ATOM   929  C  CA  . ALA A 1 166 ? -4.920  -4.637  11.105  1.00 49.23  ? 196 ALA A CA  1 
ATOM   930  C  C   . ALA A 1 166 ? -4.059  -3.479  11.601  1.00 41.22  ? 196 ALA A C   1 
ATOM   931  O  O   . ALA A 1 166 ? -2.873  -3.634  11.836  1.00 46.45  ? 196 ALA A O   1 
ATOM   932  C  CB  . ALA A 1 166 ? -5.184  -4.564  9.617   1.00 50.71  ? 196 ALA A CB  1 
ATOM   933  N  N   . GLY A 1 167 ? -4.695  -2.345  11.857  1.00 42.64  ? 197 GLY A N   1 
ATOM   934  C  CA  . GLY A 1 167 ? -4.046  -1.158  12.390  1.00 41.08  ? 197 GLY A CA  1 
ATOM   935  C  C   . GLY A 1 167 ? -3.343  -1.322  13.708  1.00 47.34  ? 197 GLY A C   1 
ATOM   936  O  O   . GLY A 1 167 ? -2.252  -0.750  13.948  1.00 46.88  ? 197 GLY A O   1 
ATOM   937  N  N   . GLU A 1 168 ? -3.949  -2.127  14.584  1.00 51.84  ? 198 GLU A N   1 
ATOM   938  C  CA  . GLU A 1 168 ? -3.313  -2.448  15.862  1.00 44.59  ? 198 GLU A CA  1 
ATOM   939  C  C   . GLU A 1 168 ? -2.206  -3.430  15.716  1.00 43.77  ? 198 GLU A C   1 
ATOM   940  O  O   . GLU A 1 168 ? -1.170  -3.295  16.385  1.00 46.62  ? 198 GLU A O   1 
ATOM   941  C  CB  . GLU A 1 168 ? -4.360  -3.033  16.811  1.00 55.46  ? 198 GLU A CB  1 
ATOM   942  C  CG  . GLU A 1 168 ? -5.286  -1.950  17.326  1.00 54.98  ? 198 GLU A CG  1 
ATOM   943  C  CD  . GLU A 1 168 ? -6.582  -2.524  17.843  1.00 68.46  ? 198 GLU A CD  1 
ATOM   944  O  OE1 . GLU A 1 168 ? -6.948  -3.658  17.482  1.00 59.76  ? 198 GLU A OE1 1 
ATOM   945  O  OE2 . GLU A 1 168 ? -7.252  -1.823  18.614  1.00 68.02  ? 198 GLU A OE2 1 
ATOM   946  N  N   . ARG A 1 169 ? -2.424  -4.445  14.890  1.00 40.87  ? 199 ARG A N   1 
ATOM   947  C  CA  . ARG A 1 169 ? -1.376  -5.457  14.684  1.00 49.07  ? 199 ARG A CA  1 
ATOM   948  C  C   . ARG A 1 169 ? -0.118  -4.911  14.056  1.00 51.78  ? 199 ARG A C   1 
ATOM   949  O  O   . ARG A 1 169 ? 0.990   -5.259  14.472  1.00 58.96  ? 199 ARG A O   1 
ATOM   950  C  CB  . ARG A 1 169 ? -1.853  -6.585  13.792  1.00 55.84  ? 199 ARG A CB  1 
ATOM   951  C  CG  . ARG A 1 169 ? -2.980  -7.387  14.390  1.00 62.64  ? 199 ARG A CG  1 
ATOM   952  C  CD  . ARG A 1 169 ? -3.124  -8.695  13.611  1.00 74.48  ? 199 ARG A CD  1 
ATOM   953  N  NE  . ARG A 1 169 ? -3.658  -8.531  12.238  1.00 74.62  ? 199 ARG A NE  1 
ATOM   954  C  CZ  . ARG A 1 169 ? -4.935  -8.226  11.929  1.00 75.72  ? 199 ARG A CZ  1 
ATOM   955  N  NH1 . ARG A 1 169 ? -5.831  -8.020  12.898  1.00 83.73  ? 199 ARG A NH1 1 
ATOM   956  N  NH2 . ARG A 1 169 ? -5.339  -8.110  10.645  1.00 64.99  ? 199 ARG A NH2 1 
ATOM   957  N  N   . ILE A 1 170 ? -0.224  -4.065  13.036  1.00 49.31  ? 200 ILE A N   1 
ATOM   958  C  CA  . ILE A 1 170 ? 1.034   -3.513  12.533  1.00 47.23  ? 200 ILE A CA  1 
ATOM   959  C  C   . ILE A 1 170 ? 1.829   -2.871  13.673  1.00 52.08  ? 200 ILE A C   1 
ATOM   960  O  O   . ILE A 1 170 ? 3.015   -3.119  13.834  1.00 57.10  ? 200 ILE A O   1 
ATOM   961  C  CB  . ILE A 1 170 ? 0.901   -2.577  11.303  1.00 42.67  ? 200 ILE A CB  1 
ATOM   962  C  CG1 . ILE A 1 170 ? 2.297   -2.138  10.830  1.00 38.16  ? 200 ILE A CG1 1 
ATOM   963  C  CG2 . ILE A 1 170 ? -0.075  -1.407  11.516  1.00 42.39  ? 200 ILE A CG2 1 
ATOM   964  C  CD1 . ILE A 1 170 ? 2.224   -1.508  9.449   1.00 42.05  ? 200 ILE A CD1 1 
ATOM   965  N  N   . VAL A 1 171 ? 1.156   -2.101  14.504  1.00 53.16  ? 201 VAL A N   1 
ATOM   966  C  CA  . VAL A 1 171 ? 1.870   -1.325  15.520  1.00 54.45  ? 201 VAL A CA  1 
ATOM   967  C  C   . VAL A 1 171 ? 2.464   -2.270  16.580  1.00 56.26  ? 201 VAL A C   1 
ATOM   968  O  O   . VAL A 1 171 ? 3.610   -2.125  16.983  1.00 49.10  ? 201 VAL A O   1 
ATOM   969  C  CB  . VAL A 1 171 ? 0.898   -0.316  16.094  1.00 59.47  ? 201 VAL A CB  1 
ATOM   970  C  CG1 . VAL A 1 171 ? 1.357   0.239   17.412  1.00 66.56  ? 201 VAL A CG1 1 
ATOM   971  C  CG2 . VAL A 1 171 ? 0.680   0.782   15.051  1.00 61.16  ? 201 VAL A CG2 1 
ATOM   972  N  N   . ASP A 1 172 ? 1.699   -3.273  16.973  1.00 58.47  ? 202 ASP A N   1 
ATOM   973  C  CA  . ASP A 1 172 ? 2.175   -4.239  17.963  1.00 68.51  ? 202 ASP A CA  1 
ATOM   974  C  C   . ASP A 1 172 ? 3.402   -4.991  17.409  1.00 64.07  ? 202 ASP A C   1 
ATOM   975  O  O   . ASP A 1 172 ? 4.472   -4.983  18.033  1.00 61.98  ? 202 ASP A O   1 
ATOM   976  C  CB  . ASP A 1 172 ? 1.029   -5.189  18.354  1.00 70.78  ? 202 ASP A CB  1 
ATOM   977  C  CG  . ASP A 1 172 ? 1.432   -6.215  19.421  1.00 77.93  ? 202 ASP A CG  1 
ATOM   978  O  OD1 . ASP A 1 172 ? 1.882   -5.826  20.513  1.00 71.26  ? 202 ASP A OD1 1 
ATOM   979  O  OD2 . ASP A 1 172 ? 1.266   -7.418  19.158  1.00 63.96  ? 202 ASP A OD2 1 
ATOM   980  N  N   . ILE A 1 173 ? 3.259   -5.568  16.209  1.00 61.64  ? 203 ILE A N   1 
ATOM   981  C  CA  . ILE A 1 173 ? 4.356   -6.311  15.558  1.00 55.60  ? 203 ILE A CA  1 
ATOM   982  C  C   . ILE A 1 173 ? 5.601   -5.480  15.447  1.00 54.79  ? 203 ILE A C   1 
ATOM   983  O  O   . ILE A 1 173 ? 6.676   -5.961  15.683  1.00 61.53  ? 203 ILE A O   1 
ATOM   984  C  CB  . ILE A 1 173 ? 3.969   -6.791  14.157  1.00 61.30  ? 203 ILE A CB  1 
ATOM   985  C  CG1 . ILE A 1 173 ? 2.940   -7.907  14.289  1.00 59.87  ? 203 ILE A CG1 1 
ATOM   986  C  CG2 . ILE A 1 173 ? 5.185   -7.280  13.348  1.00 65.46  ? 203 ILE A CG2 1 
ATOM   987  C  CD1 . ILE A 1 173 ? 2.110   -8.191  13.065  1.00 60.03  ? 203 ILE A CD1 1 
ATOM   988  N  N   . ILE A 1 174 ? 5.449   -4.214  15.117  1.00 56.62  ? 204 ILE A N   1 
ATOM   989  C  CA  . ILE A 1 174 ? 6.616   -3.385  14.920  1.00 61.28  ? 204 ILE A CA  1 
ATOM   990  C  C   . ILE A 1 174 ? 7.211   -2.959  16.262  1.00 66.65  ? 204 ILE A C   1 
ATOM   991  O  O   . ILE A 1 174 ? 8.445   -2.868  16.391  1.00 62.84  ? 204 ILE A O   1 
ATOM   992  C  CB  . ILE A 1 174 ? 6.303   -2.133  14.072  1.00 60.12  ? 204 ILE A CB  1 
ATOM   993  C  CG1 . ILE A 1 174 ? 5.663   -2.477  12.681  1.00 59.45  ? 204 ILE A CG1 1 
ATOM   994  C  CG2 . ILE A 1 174 ? 7.573   -1.278  13.913  1.00 57.19  ? 204 ILE A CG2 1 
ATOM   995  C  CD1 . ILE A 1 174 ? 6.618   -2.778  11.576  1.00 61.13  ? 204 ILE A CD1 1 
ATOM   996  N  N   . ALA A 1 175 ? 6.353   -2.646  17.235  1.00 65.80  ? 205 ALA A N   1 
ATOM   997  C  CA  . ALA A 1 175 ? 6.854   -2.245  18.569  1.00 72.38  ? 205 ALA A CA  1 
ATOM   998  C  C   . ALA A 1 175 ? 7.589   -3.419  19.210  1.00 67.99  ? 205 ALA A C   1 
ATOM   999  O  O   . ALA A 1 175 ? 8.706   -3.264  19.716  1.00 70.22  ? 205 ALA A O   1 
ATOM   1000 C  CB  . ALA A 1 175 ? 5.749   -1.755  19.483  1.00 64.36  ? 205 ALA A CB  1 
ATOM   1001 N  N   . THR A 1 176 ? 7.001   -4.601  19.123  1.00 65.25  ? 206 THR A N   1 
ATOM   1002 C  CA  . THR A 1 176 ? 7.675   -5.783  19.605  1.00 67.42  ? 206 THR A CA  1 
ATOM   1003 C  C   . THR A 1 176 ? 9.063   -5.906  19.013  1.00 70.90  ? 206 THR A C   1 
ATOM   1004 O  O   . THR A 1 176 ? 9.989   -6.230  19.718  1.00 72.62  ? 206 THR A O   1 
ATOM   1005 C  CB  . THR A 1 176 ? 6.866   -7.033  19.317  1.00 65.53  ? 206 THR A CB  1 
ATOM   1006 O  OG1 . THR A 1 176 ? 5.635   -6.921  20.023  1.00 68.42  ? 206 THR A OG1 1 
ATOM   1007 C  CG2 . THR A 1 176 ? 7.579   -8.257  19.788  1.00 64.28  ? 206 THR A CG2 1 
ATOM   1008 N  N   . ASP A 1 177 ? 9.220   -5.616  17.730  1.00 86.96  ? 207 ASP A N   1 
ATOM   1009 C  CA  . ASP A 1 177 ? 10.522  -5.757  17.075  1.00 80.45  ? 207 ASP A CA  1 
ATOM   1010 C  C   . ASP A 1 177 ? 11.614  -4.769  17.516  1.00 79.44  ? 207 ASP A C   1 
ATOM   1011 O  O   . ASP A 1 177 ? 12.772  -5.113  17.449  1.00 89.96  ? 207 ASP A O   1 
ATOM   1012 C  CB  . ASP A 1 177 ? 10.351  -5.730  15.563  1.00 79.40  ? 207 ASP A CB  1 
ATOM   1013 C  CG  . ASP A 1 177 ? 11.319  -6.637  14.854  1.00 89.44  ? 207 ASP A CG  1 
ATOM   1014 O  OD1 . ASP A 1 177 ? 11.534  -7.783  15.321  1.00 98.34  ? 207 ASP A OD1 1 
ATOM   1015 O  OD2 . ASP A 1 177 ? 11.846  -6.218  13.805  1.00 73.07  ? 207 ASP A OD2 1 
ATOM   1016 N  N   . ILE A 1 178 ? 11.247  -3.587  18.011  1.00 88.91  ? 208 ILE A N   1 
ATOM   1017 C  CA  . ILE A 1 178 ? 12.216  -2.547  18.499  1.00 102.52 ? 208 ILE A CA  1 
ATOM   1018 C  C   . ILE A 1 178 ? 13.329  -3.097  19.443  1.00 87.89  ? 208 ILE A C   1 
ATOM   1019 O  O   . ILE A 1 178 ? 13.074  -3.934  20.307  1.00 86.55  ? 208 ILE A O   1 
ATOM   1020 C  CB  . ILE A 1 178 ? 11.462  -1.330  19.178  1.00 108.37 ? 208 ILE A CB  1 
ATOM   1021 C  CG1 . ILE A 1 178 ? 10.633  -0.526  18.139  1.00 109.58 ? 208 ILE A CG1 1 
ATOM   1022 C  CG2 . ILE A 1 178 ? 12.412  -0.379  19.930  1.00 101.05 ? 208 ILE A CG2 1 
ATOM   1023 C  CD1 . ILE A 1 178 ? 9.551   0.374   18.735  1.00 102.68 ? 208 ILE A CD1 1 
HETATM 1024 MG MG  . MG  B 2 .   ? 0.940   -4.861  -9.978  1.00 63.66  ? 301 MG  A MG  1 
HETATM 1025 MG MG  . MG  C 2 .   ? 12.349  5.607   -14.562 1.00 57.72  ? 302 MG  A MG  1 
HETATM 1026 O  O4  . 9VK D 3 .   ? -14.671 12.970  -2.702  1.00 38.40  ? 303 9VK A O4  1 
HETATM 1027 C  C3  . 9VK D 3 .   ? -15.326 13.615  -1.930  1.00 44.97  ? 303 9VK A C3  1 
HETATM 1028 O  O5  . 9VK D 3 .   ? -16.623 13.525  -2.014  1.00 45.44  ? 303 9VK A O5  1 
HETATM 1029 C  C1  . 9VK D 3 .   ? -14.717 14.465  -0.864  1.00 43.49  ? 303 9VK A C1  1 
HETATM 1030 O  O2  . 9VK D 3 .   ? -13.534 14.986  -1.387  1.00 39.09  ? 303 9VK A O2  1 
HETATM 1031 C  C6  . 9VK D 3 .   ? -12.522 15.425  -0.442  1.00 41.16  ? 303 9VK A C6  1 
HETATM 1032 C  C9  . 9VK D 3 .   ? -12.264 14.435  0.701   1.00 37.94  ? 303 9VK A C9  1 
HETATM 1033 C  C8  . 9VK D 3 .   ? -12.927 16.742  0.180   1.00 42.99  ? 303 9VK A C8  1 
HETATM 1034 C  C7  . 9VK D 3 .   ? -11.276 15.727  -1.286  1.00 41.42  ? 303 9VK A C7  1 
HETATM 1035 C  C22 . 9VK D 3 .   ? -15.572 15.589  -0.554  1.00 39.47  ? 303 9VK A C22 1 
HETATM 1036 C  C23 . 9VK D 3 .   ? -16.335 15.738  0.698   1.00 39.93  ? 303 9VK A C23 1 
HETATM 1037 C  C26 . 9VK D 3 .   ? -16.349 14.769  1.763   1.00 42.39  ? 303 9VK A C26 1 
HETATM 1038 C  C25 . 9VK D 3 .   ? -15.595 15.129  3.017   1.00 42.60  ? 303 9VK A C25 1 
HETATM 1039 C  C27 . 9VK D 3 .   ? -16.923 13.563  1.555   1.00 44.39  ? 303 9VK A C27 1 
HETATM 1040 C  C28 . 9VK D 3 .   ? -16.468 12.371  2.417   1.00 41.89  ? 303 9VK A C28 1 
HETATM 1041 C  C29 . 9VK D 3 .   ? -16.227 12.768  3.854   1.00 44.98  ? 303 9VK A C29 1 
HETATM 1042 C  C54 . 9VK D 3 .   ? -15.797 11.617  4.690   1.00 47.78  ? 303 9VK A C54 1 
HETATM 1043 C  C53 . 9VK D 3 .   ? -17.506 13.206  4.543   1.00 53.39  ? 303 9VK A C53 1 
HETATM 1044 C  C24 . 9VK D 3 .   ? -15.232 13.917  3.903   1.00 47.63  ? 303 9VK A C24 1 
HETATM 1045 C  C21 . 9VK D 3 .   ? -17.095 16.966  0.755   1.00 45.14  ? 303 9VK A C21 1 
HETATM 1046 S  S43 . 9VK D 3 .   ? -16.844 17.873  -0.675  1.00 46.98  ? 303 9VK A S43 1 
HETATM 1047 C  C20 . 9VK D 3 .   ? -15.773 16.737  -1.457  1.00 45.24  ? 303 9VK A C20 1 
HETATM 1048 C  C34 . 9VK D 3 .   ? -15.233 17.059  -2.836  1.00 46.26  ? 303 9VK A C34 1 
HETATM 1049 C  C35 . 9VK D 3 .   ? -17.974 17.568  1.701   1.00 46.45  ? 303 9VK A C35 1 
HETATM 1050 C  C39 . 9VK D 3 .   ? -18.746 16.780  2.520   1.00 46.67  ? 303 9VK A C39 1 
HETATM 1051 C  C38 . 9VK D 3 .   ? -19.587 17.412  3.420   1.00 50.18  ? 303 9VK A C38 1 
HETATM 1052 C  C37 . 9VK D 3 .   ? -19.623 18.813  3.403   1.00 53.24  ? 303 9VK A C37 1 
HETATM 1053 C  C40 . 9VK D 3 .   ? -18.833 19.569  2.530   1.00 51.12  ? 303 9VK A C40 1 
HETATM 1054 N  N36 . 9VK D 3 .   ? -18.002 18.925  1.688   1.00 56.05  ? 303 9VK A N36 1 
HETATM 1055 S  S   . SO4 E 4 .   ? -12.563 11.661  -9.403  1.00 74.50  ? 304 SO4 A S   1 
HETATM 1056 O  O1  . SO4 E 4 .   ? -12.978 10.257  -9.308  1.00 68.48  ? 304 SO4 A O1  1 
HETATM 1057 O  O2  . SO4 E 4 .   ? -13.727 12.539  -9.030  1.00 82.36  ? 304 SO4 A O2  1 
HETATM 1058 O  O3  . SO4 E 4 .   ? -12.030 11.989  -10.751 1.00 92.12  ? 304 SO4 A O3  1 
HETATM 1059 O  O4  . SO4 E 4 .   ? -11.427 11.960  -8.508  1.00 100.06 ? 304 SO4 A O4  1 
HETATM 1060 O  O   . HOH F 5 .   ? 5.804   -13.561 8.626   1.00 64.05  ? 401 HOH A O   1 
HETATM 1061 O  O   . HOH F 5 .   ? -3.103  11.142  -1.870  1.00 72.59  ? 402 HOH A O   1 
HETATM 1062 O  O   . HOH F 5 .   ? -6.898  -12.014 0.050   1.00 72.69  ? 403 HOH A O   1 
HETATM 1063 O  O   . HOH F 5 .   ? 11.903  -10.178 -2.728  1.00 64.63  ? 404 HOH A O   1 
HETATM 1064 O  O   . HOH F 5 .   ? 11.643  -6.784  -10.524 1.00 53.67  ? 405 HOH A O   1 
HETATM 1065 O  O   . HOH F 5 .   ? -5.801  -10.142 -4.267  1.00 79.99  ? 406 HOH A O   1 
HETATM 1066 O  O   . HOH F 5 .   ? -3.621  -10.363 -1.316  1.00 69.99  ? 407 HOH A O   1 
HETATM 1067 O  O   . HOH F 5 .   ? -9.789  10.313  -7.531  1.00 50.45  ? 408 HOH A O   1 
HETATM 1068 O  O   . HOH F 5 .   ? 18.001  -0.273  -5.516  1.00 55.57  ? 409 HOH A O   1 
HETATM 1069 O  O   . HOH F 5 .   ? 6.438   0.649   -11.106 1.00 46.35  ? 410 HOH A O   1 
HETATM 1070 O  O   . HOH F 5 .   ? 3.022   8.016   -6.271  1.00 37.19  ? 411 HOH A O   1 
HETATM 1071 O  O   . HOH F 5 .   ? -8.516  -4.715  10.255  1.00 45.48  ? 412 HOH A O   1 
HETATM 1072 O  O   . HOH F 5 .   ? -10.477 1.064   -15.061 1.00 64.00  ? 413 HOH A O   1 
HETATM 1073 O  O   . HOH F 5 .   ? -16.777 21.015  0.647   1.00 58.36  ? 414 HOH A O   1 
HETATM 1074 O  O   . HOH F 5 .   ? 7.731   -2.454  8.101   1.00 48.68  ? 415 HOH A O   1 
HETATM 1075 O  O   . HOH F 5 .   ? 5.130   -7.954  7.186   1.00 48.24  ? 416 HOH A O   1 
HETATM 1076 O  O   . HOH F 5 .   ? 13.335  1.774   4.319   1.00 42.16  ? 417 HOH A O   1 
HETATM 1077 O  O   . HOH F 5 .   ? -3.824  5.211   2.540   1.00 34.09  ? 418 HOH A O   1 
HETATM 1078 O  O   . HOH F 5 .   ? 3.024   3.141   -10.665 1.00 63.05  ? 419 HOH A O   1 
HETATM 1079 O  O   . HOH F 5 .   ? -1.152  9.903   -5.726  1.00 57.13  ? 420 HOH A O   1 
HETATM 1080 O  O   . HOH F 5 .   ? -14.010 0.269   -13.251 1.00 65.32  ? 421 HOH A O   1 
HETATM 1081 O  O   . HOH F 5 .   ? -8.983  15.601  -6.606  1.00 70.21  ? 422 HOH A O   1 
HETATM 1082 O  O   . HOH F 5 .   ? 12.077  2.515   6.309   1.00 44.84  ? 423 HOH A O   1 
HETATM 1083 O  O   . HOH F 5 .   ? 9.073   9.757   3.677   1.00 36.21  ? 424 HOH A O   1 
HETATM 1084 O  O   . HOH F 5 .   ? 9.190   6.168   10.656  1.00 44.89  ? 425 HOH A O   1 
HETATM 1085 O  O   . HOH F 5 .   ? 16.744  -3.839  3.225   1.00 60.33  ? 426 HOH A O   1 
HETATM 1086 O  O   . HOH F 5 .   ? 7.784   3.935   12.281  1.00 79.15  ? 427 HOH A O   1 
HETATM 1087 O  O   . HOH F 5 .   ? -18.898 15.092  -1.492  1.00 52.31  ? 428 HOH A O   1 
HETATM 1088 O  O   . HOH F 5 .   ? 7.836   -8.456  16.316  1.00 60.42  ? 429 HOH A O   1 
HETATM 1089 O  O   . HOH F 5 .   ? -5.066  14.040  -3.711  1.00 72.30  ? 430 HOH A O   1 
HETATM 1090 O  O   . HOH F 5 .   ? 2.780   -6.173  -16.990 1.00 68.48  ? 431 HOH A O   1 
HETATM 1091 O  O   . HOH F 5 .   ? 6.644   9.653   4.906   1.00 45.39  ? 432 HOH A O   1 
HETATM 1092 O  O   . HOH F 5 .   ? -7.201  2.180   -14.915 1.00 72.54  ? 433 HOH A O   1 
HETATM 1093 O  O   . HOH F 5 .   ? -3.109  3.617   5.677   1.00 49.86  ? 434 HOH A O   1 
HETATM 1094 O  O   . HOH F 5 .   ? 13.918  3.766   -15.919 1.00 59.72  ? 435 HOH A O   1 
HETATM 1095 O  O   . HOH F 5 .   ? 11.154  -3.936  9.951   1.00 57.33  ? 436 HOH A O   1 
HETATM 1096 O  O   . HOH F 5 .   ? -4.211  -12.617 -0.763  1.00 78.14  ? 437 HOH A O   1 
HETATM 1097 O  O   . HOH F 5 .   ? -4.691  10.194  -9.849  1.00 71.81  ? 438 HOH A O   1 
HETATM 1098 O  O   . HOH F 5 .   ? 3.035   5.674   0.822   1.00 50.66  ? 439 HOH A O   1 
HETATM 1099 O  O   . HOH F 5 .   ? -8.956  4.836   15.285  1.00 70.71  ? 440 HOH A O   1 
HETATM 1100 O  O   . HOH F 5 .   ? 9.697   6.119   -14.630 1.00 54.39  ? 441 HOH A O   1 
HETATM 1101 O  O   . HOH F 5 .   ? -7.868  -9.880  0.700   1.00 81.85  ? 442 HOH A O   1 
HETATM 1102 O  O   . HOH F 5 .   ? 7.386   3.986   -16.449 1.00 51.84  ? 443 HOH A O   1 
HETATM 1103 O  O   . HOH F 5 .   ? -0.821  -1.005  -17.590 1.00 67.51  ? 444 HOH A O   1 
HETATM 1104 O  O   . HOH F 5 .   ? -6.704  -4.674  -12.100 1.00 56.57  ? 445 HOH A O   1 
HETATM 1105 O  O   . HOH F 5 .   ? 11.002  0.352   -16.542 1.00 57.00  ? 446 HOH A O   1 
HETATM 1106 O  O   . HOH F 5 .   ? 23.443  4.027   -6.407  1.00 68.74  ? 447 HOH A O   1 
HETATM 1107 O  O   . HOH F 5 .   ? -7.140  14.541  -7.848  1.00 74.72  ? 448 HOH A O   1 
HETATM 1108 O  O   . HOH F 5 .   ? -16.601 1.169   -6.482  1.00 61.41  ? 449 HOH A O   1 
HETATM 1109 O  O   . HOH F 5 .   ? 8.849   -10.362 -0.494  1.00 67.80  ? 450 HOH A O   1 
HETATM 1110 O  O   . HOH F 5 .   ? -0.032  -10.122 -0.095  1.00 76.30  ? 451 HOH A O   1 
HETATM 1111 O  O   . HOH F 5 .   ? 6.333   11.680  -11.605 1.00 57.63  ? 452 HOH A O   1 
HETATM 1112 O  O   . HOH F 5 .   ? 5.143   9.963   -13.289 1.00 64.70  ? 453 HOH A O   1 
HETATM 1113 O  O   . HOH F 5 .   ? -21.052 16.725  -0.013  1.00 68.89  ? 454 HOH A O   1 
HETATM 1114 O  O   . HOH F 5 .   ? -7.235  11.276  -8.106  1.00 57.64  ? 455 HOH A O   1 
HETATM 1115 O  O   . HOH F 5 .   ? 20.997  4.415   -7.659  1.00 69.37  ? 456 HOH A O   1 
HETATM 1116 O  O   . HOH F 5 .   ? -6.115  -6.201  -10.398 1.00 62.09  ? 457 HOH A O   1 
HETATM 1117 O  O   . HOH F 5 .   ? 14.670  6.061   -16.616 1.00 73.10  ? 458 HOH A O   1 
HETATM 1118 O  O   . HOH F 5 .   ? -3.426  -14.386 1.445   1.00 69.03  ? 459 HOH A O   1 
# 
